data_5KXI
#
_entry.id   5KXI
#
_cell.length_a   127.099
_cell.length_b   132.633
_cell.length_c   202.440
_cell.angle_alpha   90.00
_cell.angle_beta   90.00
_cell.angle_gamma   90.00
#
_symmetry.space_group_name_H-M   'P 21 21 21'
#
loop_
_entity.id
_entity.type
_entity.pdbx_description
1 polymer 'Neuronal acetylcholine receptor subunit alpha-4'
2 polymer 'Neuronal acetylcholine receptor subunit beta-2'
3 non-polymer 2-acetamido-2-deoxy-beta-D-glucopyranose
4 non-polymer (S)-3-(1-METHYLPYRROLIDIN-2-YL)PYRIDINE
5 non-polymer 'SODIUM ION'
6 water water
#
loop_
_entity_poly.entity_id
_entity_poly.type
_entity_poly.pdbx_seq_one_letter_code
_entity_poly.pdbx_strand_id
1 'polypeptide(L)'
;SSHVETRAHAEERLLKKLFSGYNKWSRPVANISDVVLVRFGLSIAQLIDVDEKNQMMTTNVWVKQEWHDYKLRWDPADYE
NVTSIRIPSELIWRPDIVLYNNADGDFAVTHLTKAHLFHDGRVQWTPPAIYKSSCSIDVTFFPFDQQNCTMKFGSWTYDK
AKIDLVNMHSRVDQLDFWESGEWVIVDAVGTYNTRKYECCAEIYPDITYAFVIRRLPLFYTINLIIPCLLISCLTVLVFY
LPSECGEKITLCISVLLSLTVFLLLITEIIPSTSLVIPLIGEYLLFTMIFVTLSIVITVFVLNVHHRSPRTHTMPTWVRR
VFLDIVPRLLLMKRPSVVDTDFERSVKEDWKYVAMVIDRIFLWMFIIVCLLGTVGLFLPPWLAGMI
;
A,D
2 'polypeptide(L)'
;TDTEERLVEHLLDPSRYNKLIRPATNGSELVTVQLMVSLAQLISVHEREQIMTTNVWLTQEWEDYRLTWKPEEFDNMKKV
RLPSKHIWLPDVVLYNNADGMYEVSFYSNAVVSYDGSIFWLPPAIYKSACKIEVKHFPFDQQNCTMKFRSWTYDRTEIDL
VLKSEVASLDDFTPSGEWDIVALPGRRNENPDDSTYVDITYDFIIRRKPLFYTINLIIPCVLITSLAILVFYLPSDCGEK
MTLCISVLLALTVFLLLISKIVPPTSLDVPLVGKYLMFTMVLVTFSIVTSVCVLNVHHRSPTTHTMAPWVKVVFLEKLPA
LLFMQQPRHHDDDQERSVSEDWKYVAMVIDRLFLWIFVFVCVFGTIGMFLQPLFQNYTTTTFLHSDHSAPSSKSAWSHPQ
FEK
;
B,C,E
#
# COMPACT_ATOMS: atom_id res chain seq x y z
N ALA A 8 34.51 -35.21 21.77
CA ALA A 8 34.39 -34.53 20.49
C ALA A 8 34.57 -35.50 19.34
N HIS A 9 35.74 -36.15 19.29
CA HIS A 9 35.93 -37.30 18.42
C HIS A 9 34.84 -38.34 18.63
N ALA A 10 34.56 -38.65 19.90
CA ALA A 10 33.43 -39.51 20.23
C ALA A 10 32.13 -38.96 19.65
N GLU A 11 31.91 -37.65 19.78
CA GLU A 11 30.67 -37.04 19.29
C GLU A 11 30.50 -37.27 17.79
N GLU A 12 31.56 -37.07 17.01
CA GLU A 12 31.52 -37.40 15.59
C GLU A 12 31.26 -38.89 15.38
N ARG A 13 32.05 -39.74 16.06
CA ARG A 13 31.88 -41.18 15.92
C ARG A 13 30.47 -41.63 16.28
N LEU A 14 29.85 -40.96 17.26
CA LEU A 14 28.46 -41.23 17.58
C LEU A 14 27.57 -40.99 16.36
N LEU A 15 27.80 -39.86 15.67
CA LEU A 15 27.03 -39.55 14.47
C LEU A 15 27.25 -40.59 13.39
N LYS A 16 28.49 -41.04 13.21
CA LYS A 16 28.79 -42.13 12.28
C LYS A 16 27.90 -43.35 12.53
N LYS A 17 27.84 -43.79 13.79
CA LYS A 17 27.08 -45.00 14.10
C LYS A 17 25.57 -44.76 13.96
N LEU A 18 25.10 -43.57 14.33
CA LEU A 18 23.68 -43.27 14.18
C LEU A 18 23.27 -43.33 12.70
N PHE A 19 24.00 -42.64 11.84
CA PHE A 19 23.62 -42.48 10.44
C PHE A 19 24.39 -43.42 9.52
N SER A 20 24.91 -44.53 10.05
CA SER A 20 25.49 -45.58 9.21
C SER A 20 24.44 -46.10 8.24
N GLY A 21 23.40 -46.75 8.76
CA GLY A 21 22.27 -47.16 7.97
C GLY A 21 20.96 -46.71 8.58
N TYR A 22 20.71 -45.40 8.57
CA TYR A 22 19.51 -44.82 9.13
C TYR A 22 18.64 -44.25 8.02
N ASN A 23 17.37 -44.66 7.98
CA ASN A 23 16.43 -44.19 6.97
C ASN A 23 15.66 -42.98 7.49
N LYS A 24 15.77 -41.86 6.79
CA LYS A 24 14.98 -40.69 7.13
C LYS A 24 13.50 -40.89 6.81
N TRP A 25 13.20 -41.67 5.78
CA TRP A 25 11.83 -41.82 5.27
C TRP A 25 11.08 -42.96 5.94
N SER A 26 11.58 -43.49 7.06
CA SER A 26 10.93 -44.59 7.76
C SER A 26 10.13 -44.06 8.93
N ARG A 27 8.90 -44.56 9.09
CA ARG A 27 8.06 -44.22 10.22
C ARG A 27 8.59 -44.97 11.45
N PRO A 28 9.34 -44.30 12.31
CA PRO A 28 10.24 -45.02 13.23
C PRO A 28 9.59 -45.43 14.55
N VAL A 29 9.13 -46.69 14.63
CA VAL A 29 8.64 -47.28 15.86
C VAL A 29 9.11 -48.74 15.86
N ALA A 30 9.19 -49.33 17.05
CA ALA A 30 9.53 -50.74 17.15
C ALA A 30 8.53 -51.60 16.38
N ASN A 31 7.28 -51.60 16.81
CA ASN A 31 6.25 -52.41 16.18
C ASN A 31 5.58 -51.66 15.04
N ILE A 32 5.00 -52.43 14.11
CA ILE A 32 4.30 -51.83 12.99
C ILE A 32 3.03 -51.13 13.46
N SER A 33 2.27 -51.78 14.34
CA SER A 33 1.04 -51.18 14.86
C SER A 33 1.34 -50.00 15.78
N ASP A 34 2.34 -50.15 16.65
CA ASP A 34 2.64 -49.16 17.67
C ASP A 34 2.78 -47.76 17.07
N VAL A 35 2.43 -46.75 17.87
CA VAL A 35 2.30 -45.38 17.39
C VAL A 35 3.48 -44.55 17.91
N VAL A 36 3.66 -43.39 17.28
CA VAL A 36 4.52 -42.34 17.83
C VAL A 36 3.64 -41.35 18.59
N LEU A 37 4.03 -41.07 19.83
CA LEU A 37 3.44 -39.99 20.60
C LEU A 37 4.22 -38.71 20.33
N VAL A 38 3.54 -37.71 19.78
CA VAL A 38 4.12 -36.41 19.51
C VAL A 38 3.50 -35.41 20.47
N ARG A 39 4.33 -34.73 21.23
CA ARG A 39 3.87 -33.80 22.26
C ARG A 39 4.00 -32.37 21.75
N PHE A 40 3.05 -31.53 22.17
CA PHE A 40 2.94 -30.17 21.64
C PHE A 40 3.07 -29.17 22.76
N GLY A 41 4.08 -28.31 22.66
CA GLY A 41 4.17 -27.14 23.51
C GLY A 41 4.21 -25.92 22.60
N LEU A 42 3.22 -25.04 22.72
CA LEU A 42 3.11 -23.88 21.86
C LEU A 42 3.64 -22.68 22.64
N SER A 43 4.75 -22.13 22.17
CA SER A 43 5.39 -20.98 22.81
C SER A 43 5.27 -19.80 21.87
N ILE A 44 4.41 -18.86 22.21
CA ILE A 44 4.21 -17.68 21.37
C ILE A 44 5.34 -16.70 21.65
N ALA A 45 5.96 -16.21 20.59
CA ALA A 45 7.05 -15.23 20.72
C ALA A 45 6.50 -13.81 20.75
N GLN A 46 5.67 -13.46 19.76
CA GLN A 46 5.00 -12.18 19.76
C GLN A 46 3.76 -12.25 18.90
N LEU A 47 2.77 -11.45 19.27
CA LEU A 47 1.61 -11.18 18.41
C LEU A 47 1.89 -9.86 17.70
N ILE A 48 1.84 -9.89 16.37
CA ILE A 48 2.25 -8.73 15.59
C ILE A 48 1.04 -8.04 14.99
N ASP A 49 0.61 -8.49 13.82
CA ASP A 49 -0.53 -7.89 13.12
C ASP A 49 -1.77 -8.73 13.36
N VAL A 50 -2.86 -8.06 13.77
CA VAL A 50 -4.18 -8.67 13.82
C VAL A 50 -5.04 -7.93 12.81
N ASP A 51 -4.68 -8.03 11.53
CA ASP A 51 -5.39 -7.32 10.48
C ASP A 51 -6.86 -7.73 10.46
N GLU A 52 -7.73 -6.84 10.93
CA GLU A 52 -9.14 -7.17 10.98
C GLU A 52 -9.74 -7.27 9.58
N LYS A 53 -9.35 -6.35 8.69
CA LYS A 53 -9.97 -6.28 7.37
C LYS A 53 -9.73 -7.55 6.57
N ASN A 54 -8.56 -8.16 6.74
CA ASN A 54 -8.24 -9.40 6.03
C ASN A 54 -8.58 -10.64 6.84
N GLN A 55 -8.97 -10.48 8.11
CA GLN A 55 -9.30 -11.60 8.98
C GLN A 55 -8.09 -12.51 9.17
N MET A 56 -6.92 -11.90 9.37
CA MET A 56 -5.65 -12.61 9.34
C MET A 56 -4.78 -12.15 10.49
N MET A 57 -4.21 -13.11 11.21
CA MET A 57 -3.36 -12.86 12.37
C MET A 57 -1.95 -13.33 12.06
N THR A 58 -0.96 -12.48 12.32
CA THR A 58 0.44 -12.82 12.13
C THR A 58 1.08 -13.02 13.49
N THR A 59 1.49 -14.26 13.78
CA THR A 59 2.09 -14.61 15.04
C THR A 59 3.52 -15.09 14.82
N ASN A 60 4.33 -15.00 15.87
CA ASN A 60 5.66 -15.59 15.91
C ASN A 60 5.65 -16.69 16.96
N VAL A 61 6.06 -17.89 16.56
CA VAL A 61 5.73 -19.11 17.29
C VAL A 61 6.94 -20.04 17.31
N TRP A 62 7.13 -20.70 18.45
CA TRP A 62 7.95 -21.91 18.54
C TRP A 62 7.03 -23.11 18.68
N VAL A 63 7.30 -24.16 17.91
CA VAL A 63 6.45 -25.36 17.93
C VAL A 63 7.20 -26.50 18.58
N LYS A 64 7.06 -26.64 19.90
CA LYS A 64 7.80 -27.66 20.65
C LYS A 64 7.26 -29.03 20.31
N GLN A 65 8.05 -29.82 19.59
CA GLN A 65 7.67 -31.16 19.15
C GLN A 65 8.62 -32.17 19.77
N GLU A 66 8.06 -33.15 20.49
CA GLU A 66 8.83 -34.23 21.08
C GLU A 66 8.32 -35.57 20.58
N TRP A 67 9.25 -36.45 20.22
CA TRP A 67 8.91 -37.82 19.84
C TRP A 67 10.12 -38.70 20.12
N HIS A 68 10.15 -39.90 19.55
CA HIS A 68 11.15 -40.89 19.93
C HIS A 68 11.54 -41.74 18.73
N ASP A 69 12.78 -42.22 18.76
CA ASP A 69 13.27 -43.23 17.83
C ASP A 69 13.96 -44.33 18.62
N TYR A 70 13.50 -45.57 18.44
CA TYR A 70 14.28 -46.71 18.92
C TYR A 70 15.61 -46.83 18.17
N LYS A 71 15.67 -46.30 16.95
CA LYS A 71 16.88 -46.37 16.13
C LYS A 71 17.95 -45.36 16.53
N LEU A 72 17.61 -44.36 17.33
CA LEU A 72 18.55 -43.31 17.70
C LEU A 72 18.99 -43.40 19.16
N ARG A 73 19.12 -44.63 19.67
CA ARG A 73 19.54 -44.89 21.04
C ARG A 73 21.03 -45.20 21.08
N TRP A 74 21.65 -44.93 22.22
CA TRP A 74 23.04 -45.32 22.42
C TRP A 74 23.35 -45.34 23.92
N ASP A 75 24.54 -45.85 24.23
CA ASP A 75 25.01 -45.96 25.61
C ASP A 75 25.90 -44.76 25.93
N PRO A 76 25.50 -43.90 26.87
CA PRO A 76 26.34 -42.74 27.18
C PRO A 76 27.71 -43.12 27.73
N ALA A 77 27.78 -44.16 28.57
CA ALA A 77 29.06 -44.61 29.08
C ALA A 77 29.97 -45.10 27.96
N ASP A 78 29.40 -45.61 26.87
CA ASP A 78 30.20 -46.03 25.72
C ASP A 78 30.90 -44.86 25.06
N TYR A 79 30.38 -43.65 25.20
CA TYR A 79 30.92 -42.48 24.51
C TYR A 79 31.13 -41.32 25.49
N GLU A 80 31.86 -41.58 26.57
CA GLU A 80 32.37 -40.53 27.47
C GLU A 80 31.25 -39.65 28.02
N ASN A 81 30.13 -40.28 28.37
CA ASN A 81 28.99 -39.61 29.01
C ASN A 81 28.41 -38.47 28.17
N VAL A 82 28.49 -38.56 26.86
CA VAL A 82 27.64 -37.70 26.03
C VAL A 82 26.23 -38.29 26.05
N THR A 83 25.27 -37.47 26.46
CA THR A 83 23.90 -37.94 26.64
C THR A 83 22.89 -37.25 25.73
N SER A 84 23.08 -35.97 25.43
CA SER A 84 22.14 -35.20 24.60
C SER A 84 22.95 -34.48 23.53
N ILE A 85 22.92 -35.00 22.30
CA ILE A 85 23.63 -34.39 21.18
C ILE A 85 22.63 -33.67 20.30
N ARG A 86 23.02 -32.51 19.80
CA ARG A 86 22.20 -31.72 18.89
C ARG A 86 22.55 -32.06 17.46
N ILE A 87 21.53 -32.38 16.67
CA ILE A 87 21.71 -32.86 15.29
C ILE A 87 20.80 -32.06 14.39
N PRO A 88 21.23 -31.70 13.18
CA PRO A 88 20.34 -30.98 12.26
C PRO A 88 19.08 -31.79 11.96
N SER A 89 17.93 -31.12 12.06
CA SER A 89 16.65 -31.78 11.91
C SER A 89 16.49 -32.39 10.53
N GLU A 90 17.05 -31.76 9.51
CA GLU A 90 16.85 -32.20 8.13
C GLU A 90 17.22 -33.66 7.91
N LEU A 91 18.21 -34.18 8.66
CA LEU A 91 18.65 -35.55 8.47
C LEU A 91 17.75 -36.58 9.15
N ILE A 92 17.12 -36.21 10.28
CA ILE A 92 16.33 -37.12 11.09
C ILE A 92 14.91 -37.16 10.55
N TRP A 93 14.22 -38.28 10.75
CA TRP A 93 12.79 -38.31 10.45
C TRP A 93 12.05 -37.33 11.37
N ARG A 94 11.01 -36.73 10.82
CA ARG A 94 10.39 -35.60 11.45
C ARG A 94 8.90 -35.64 11.14
N PRO A 95 8.03 -35.43 12.13
CA PRO A 95 6.58 -35.44 11.85
C PRO A 95 6.19 -34.22 11.03
N ASP A 96 5.20 -34.41 10.17
CA ASP A 96 4.73 -33.34 9.29
C ASP A 96 3.61 -32.55 9.97
N ILE A 97 4.01 -31.79 10.98
CA ILE A 97 3.08 -30.90 11.66
C ILE A 97 2.85 -29.67 10.80
N VAL A 98 1.59 -29.36 10.52
CA VAL A 98 1.23 -28.28 9.60
C VAL A 98 0.04 -27.52 10.14
N LEU A 99 -0.16 -26.31 9.59
CA LEU A 99 -1.29 -25.46 9.93
C LEU A 99 -2.41 -25.70 8.91
N TYR A 100 -3.53 -26.28 9.36
CA TYR A 100 -4.71 -26.36 8.51
C TYR A 100 -5.21 -24.97 8.14
N ASN A 101 -5.06 -24.00 9.04
CA ASN A 101 -5.76 -22.72 8.96
C ASN A 101 -4.90 -21.61 8.36
N ASN A 102 -3.95 -21.97 7.50
CA ASN A 102 -3.00 -20.98 6.99
C ASN A 102 -3.62 -20.19 5.84
N ALA A 103 -3.30 -18.90 5.81
CA ALA A 103 -3.62 -18.03 4.69
C ALA A 103 -2.39 -17.18 4.38
N ASP A 104 -2.06 -17.06 3.10
CA ASP A 104 -0.97 -16.20 2.64
C ASP A 104 0.36 -16.58 3.30
N GLY A 105 0.61 -17.88 3.47
CA GLY A 105 1.85 -18.29 4.09
C GLY A 105 2.16 -19.75 3.89
N ASP A 106 3.44 -20.08 4.10
CA ASP A 106 3.88 -21.46 4.09
C ASP A 106 3.26 -22.21 5.25
N PHE A 107 2.93 -23.48 5.01
CA PHE A 107 2.13 -24.21 5.99
C PHE A 107 2.88 -24.47 7.29
N ALA A 108 4.14 -24.86 7.24
CA ALA A 108 4.83 -25.14 8.49
C ALA A 108 6.33 -25.32 8.28
N VAL A 109 7.06 -25.20 9.40
CA VAL A 109 8.45 -25.62 9.60
C VAL A 109 9.37 -25.21 8.45
N THR A 110 9.33 -23.92 8.09
CA THR A 110 10.21 -23.43 7.04
C THR A 110 11.67 -23.40 7.48
N HIS A 111 11.94 -23.05 8.74
CA HIS A 111 13.32 -22.85 9.18
C HIS A 111 14.07 -24.16 9.34
N LEU A 112 13.45 -25.16 9.97
CA LEU A 112 14.08 -26.46 10.21
C LEU A 112 15.37 -26.33 11.01
N THR A 113 15.23 -25.87 12.25
CA THR A 113 16.38 -25.70 13.13
C THR A 113 16.77 -27.04 13.76
N LYS A 114 17.86 -27.03 14.52
CA LYS A 114 18.44 -28.26 15.05
C LYS A 114 17.63 -28.79 16.23
N ALA A 115 17.70 -30.10 16.44
CA ALA A 115 16.94 -30.78 17.48
C ALA A 115 17.85 -31.60 18.37
N HIS A 116 17.51 -31.64 19.66
CA HIS A 116 18.24 -32.45 20.63
C HIS A 116 17.87 -33.92 20.51
N LEU A 117 18.85 -34.79 20.70
CA LEU A 117 18.62 -36.23 20.84
C LEU A 117 19.15 -36.69 22.20
N PHE A 118 18.25 -37.27 23.00
CA PHE A 118 18.65 -37.86 24.27
C PHE A 118 19.09 -39.31 24.04
N HIS A 119 19.94 -39.81 24.94
CA HIS A 119 20.58 -41.10 24.71
C HIS A 119 19.57 -42.23 24.61
N ASP A 120 18.39 -42.07 25.22
CA ASP A 120 17.33 -43.07 25.10
C ASP A 120 16.62 -43.03 23.75
N GLY A 121 16.97 -42.08 22.88
CA GLY A 121 16.38 -41.99 21.56
C GLY A 121 15.24 -41.00 21.40
N ARG A 122 14.83 -40.32 22.47
CA ARG A 122 13.83 -39.28 22.34
C ARG A 122 14.46 -38.00 21.77
N VAL A 123 13.66 -37.27 21.00
CA VAL A 123 14.14 -36.13 20.23
C VAL A 123 13.25 -34.93 20.54
N GLN A 124 13.88 -33.79 20.81
CA GLN A 124 13.18 -32.56 21.15
C GLN A 124 13.50 -31.50 20.10
N TRP A 125 12.44 -30.92 19.52
CA TRP A 125 12.57 -29.99 18.41
C TRP A 125 11.72 -28.75 18.72
N THR A 126 12.36 -27.60 18.81
CA THR A 126 11.68 -26.33 19.07
C THR A 126 12.06 -25.30 18.02
N PRO A 127 11.62 -25.48 16.78
CA PRO A 127 11.98 -24.53 15.72
C PRO A 127 11.04 -23.33 15.73
N PRO A 128 11.54 -22.16 15.35
CA PRO A 128 10.66 -21.00 15.18
C PRO A 128 10.08 -20.94 13.78
N ALA A 129 9.04 -20.11 13.64
CA ALA A 129 8.35 -19.91 12.37
C ALA A 129 7.35 -18.78 12.54
N ILE A 130 6.99 -18.17 11.41
CA ILE A 130 5.98 -17.11 11.36
C ILE A 130 4.74 -17.71 10.71
N TYR A 131 3.61 -17.62 11.39
CA TYR A 131 2.35 -18.14 10.90
C TYR A 131 1.36 -17.02 10.68
N LYS A 132 0.59 -17.13 9.60
CA LYS A 132 -0.45 -16.17 9.27
C LYS A 132 -1.80 -16.88 9.42
N SER A 133 -2.27 -16.95 10.66
CA SER A 133 -3.56 -17.55 10.94
C SER A 133 -4.68 -16.70 10.36
N SER A 134 -5.77 -17.37 9.99
CA SER A 134 -6.93 -16.71 9.40
C SER A 134 -8.14 -16.98 10.30
N CYS A 135 -8.48 -16.01 11.14
CA CYS A 135 -9.60 -16.12 12.04
C CYS A 135 -10.72 -15.19 11.62
N SER A 136 -11.95 -15.66 11.76
CA SER A 136 -13.10 -14.81 11.52
C SER A 136 -13.17 -13.73 12.59
N ILE A 137 -13.33 -12.48 12.17
CA ILE A 137 -13.28 -11.34 13.08
C ILE A 137 -14.71 -10.87 13.29
N ASP A 138 -15.19 -10.99 14.52
CA ASP A 138 -16.52 -10.51 14.90
C ASP A 138 -16.37 -9.07 15.37
N VAL A 139 -16.81 -8.13 14.55
CA VAL A 139 -16.83 -6.72 14.92
C VAL A 139 -18.27 -6.38 15.29
N THR A 140 -18.49 -6.14 16.59
CA THR A 140 -19.76 -5.61 17.09
C THR A 140 -19.44 -4.50 18.07
N PHE A 141 -19.03 -4.88 19.28
CA PHE A 141 -18.71 -3.90 20.32
C PHE A 141 -17.33 -3.31 20.08
N PHE A 142 -17.20 -2.64 18.94
CA PHE A 142 -15.96 -1.94 18.63
C PHE A 142 -15.82 -0.74 19.55
N PRO A 143 -14.62 -0.55 20.12
CA PRO A 143 -13.44 -1.38 19.92
C PRO A 143 -13.20 -2.39 21.04
N PHE A 144 -14.10 -2.45 22.03
CA PHE A 144 -13.98 -3.41 23.13
C PHE A 144 -14.49 -4.76 22.63
N ASP A 145 -13.64 -5.47 21.90
CA ASP A 145 -14.05 -6.71 21.28
C ASP A 145 -13.09 -7.83 21.67
N GLN A 146 -13.66 -9.00 21.94
CA GLN A 146 -12.90 -10.22 22.21
C GLN A 146 -12.99 -11.09 20.97
N GLN A 147 -11.84 -11.52 20.46
CA GLN A 147 -11.77 -12.32 19.25
C GLN A 147 -11.19 -13.69 19.57
N ASN A 148 -11.82 -14.73 19.06
CA ASN A 148 -11.37 -16.12 19.18
C ASN A 148 -10.66 -16.44 17.87
N CYS A 149 -9.33 -16.40 17.92
CA CYS A 149 -8.50 -16.71 16.76
C CYS A 149 -7.80 -18.03 16.99
N THR A 150 -7.90 -18.92 16.02
CA THR A 150 -7.44 -20.29 16.18
C THR A 150 -6.30 -20.59 15.21
N MET A 151 -5.50 -21.59 15.60
CA MET A 151 -4.42 -22.11 14.77
C MET A 151 -4.50 -23.63 14.82
N LYS A 152 -4.90 -24.24 13.71
CA LYS A 152 -5.07 -25.69 13.63
C LYS A 152 -3.72 -26.33 13.32
N PHE A 153 -3.14 -27.01 14.30
CA PHE A 153 -1.92 -27.79 14.10
C PHE A 153 -2.28 -29.26 14.05
N GLY A 154 -2.03 -29.90 12.92
CA GLY A 154 -2.28 -31.31 12.77
C GLY A 154 -1.21 -31.94 11.89
N SER A 155 -1.16 -33.27 11.93
CA SER A 155 -0.42 -34.00 10.92
C SER A 155 -1.11 -33.86 9.58
N TRP A 156 -0.44 -34.33 8.52
CA TRP A 156 -1.08 -34.36 7.21
C TRP A 156 -1.21 -35.78 6.68
N THR A 157 -0.11 -36.49 6.45
CA THR A 157 -0.19 -37.79 5.80
C THR A 157 -0.46 -38.95 6.74
N TYR A 158 -0.30 -38.76 8.05
CA TYR A 158 -0.40 -39.84 9.02
C TYR A 158 -1.69 -39.71 9.82
N ASP A 159 -2.45 -40.80 9.88
CA ASP A 159 -3.70 -40.83 10.63
C ASP A 159 -3.44 -41.09 12.11
N LYS A 160 -4.52 -41.12 12.90
CA LYS A 160 -4.40 -41.44 14.32
C LYS A 160 -3.73 -42.79 14.54
N ALA A 161 -4.01 -43.75 13.67
CA ALA A 161 -3.38 -45.06 13.77
C ALA A 161 -1.86 -44.96 13.86
N LYS A 162 -1.27 -44.05 13.10
CA LYS A 162 0.19 -43.94 13.05
C LYS A 162 0.76 -42.77 13.83
N ILE A 163 0.02 -41.66 13.95
CA ILE A 163 0.46 -40.52 14.75
C ILE A 163 -0.71 -40.03 15.59
N ASP A 164 -0.47 -39.84 16.90
CA ASP A 164 -1.41 -39.20 17.80
C ASP A 164 -0.71 -38.08 18.53
N LEU A 165 -1.42 -36.98 18.77
CA LEU A 165 -0.86 -35.78 19.34
C LEU A 165 -1.25 -35.64 20.81
N VAL A 166 -0.35 -35.08 21.61
CA VAL A 166 -0.55 -34.91 23.05
C VAL A 166 -0.29 -33.47 23.41
N ASN A 167 -1.09 -32.93 24.33
CA ASN A 167 -0.90 -31.59 24.85
C ASN A 167 0.09 -31.64 26.03
N MET A 168 1.21 -30.94 25.88
CA MET A 168 2.11 -30.76 27.01
C MET A 168 1.57 -29.73 27.99
N HIS A 169 0.88 -28.72 27.47
CA HIS A 169 0.03 -27.84 28.26
C HIS A 169 -1.31 -27.68 27.55
N SER A 170 -2.37 -27.48 28.34
CA SER A 170 -3.59 -26.95 27.75
C SER A 170 -3.41 -25.48 27.40
N ARG A 171 -2.77 -24.71 28.29
CA ARG A 171 -2.48 -23.30 28.05
C ARG A 171 -1.29 -23.15 27.10
N VAL A 172 -1.32 -22.09 26.31
CA VAL A 172 -0.19 -21.77 25.44
C VAL A 172 0.90 -21.12 26.27
N ASP A 173 2.15 -21.50 25.98
CA ASP A 173 3.29 -20.99 26.75
C ASP A 173 3.53 -19.53 26.39
N GLN A 174 3.39 -18.64 27.38
CA GLN A 174 3.57 -17.21 27.20
C GLN A 174 4.78 -16.68 27.95
N LEU A 175 5.73 -17.55 28.31
CA LEU A 175 6.80 -17.14 29.21
C LEU A 175 7.83 -16.24 28.52
N ASP A 176 8.02 -16.39 27.22
CA ASP A 176 8.92 -15.54 26.45
C ASP A 176 8.16 -14.61 25.52
N PHE A 177 6.99 -14.15 25.95
CA PHE A 177 6.10 -13.39 25.08
C PHE A 177 6.50 -11.91 25.03
N TRP A 178 6.24 -11.30 23.87
CA TRP A 178 6.49 -9.88 23.64
C TRP A 178 5.22 -9.12 24.04
N GLU A 179 5.20 -8.67 25.30
CA GLU A 179 4.02 -8.00 25.87
C GLU A 179 3.51 -6.87 24.97
N SER A 180 4.42 -6.11 24.36
CA SER A 180 4.08 -4.89 23.65
C SER A 180 3.11 -5.11 22.50
N GLY A 181 1.86 -4.69 22.68
CA GLY A 181 0.91 -4.59 21.59
C GLY A 181 -0.27 -3.74 22.03
N GLU A 182 -1.15 -3.47 21.07
CA GLU A 182 -2.45 -2.88 21.42
C GLU A 182 -3.43 -3.92 21.97
N TRP A 183 -2.98 -5.16 22.13
CA TRP A 183 -3.82 -6.24 22.65
C TRP A 183 -3.22 -6.78 23.95
N VAL A 184 -4.08 -7.41 24.74
CA VAL A 184 -3.67 -8.23 25.87
C VAL A 184 -4.32 -9.59 25.71
N ILE A 185 -3.57 -10.64 26.00
CA ILE A 185 -4.08 -12.00 25.88
C ILE A 185 -5.03 -12.26 27.04
N VAL A 186 -6.29 -12.60 26.72
CA VAL A 186 -7.25 -12.93 27.77
C VAL A 186 -7.00 -14.35 28.27
N ASP A 187 -6.99 -15.32 27.36
CA ASP A 187 -6.49 -16.66 27.66
C ASP A 187 -6.23 -17.39 26.36
N ALA A 188 -5.24 -18.27 26.40
CA ALA A 188 -4.77 -19.00 25.23
C ALA A 188 -4.93 -20.49 25.52
N VAL A 189 -5.69 -21.19 24.68
CA VAL A 189 -6.24 -22.50 25.00
C VAL A 189 -5.86 -23.50 23.91
N GLY A 190 -5.44 -24.69 24.33
CA GLY A 190 -5.16 -25.79 23.41
C GLY A 190 -6.17 -26.92 23.53
N THR A 191 -6.83 -27.26 22.42
CA THR A 191 -7.87 -28.27 22.41
C THR A 191 -7.46 -29.41 21.49
N TYR A 192 -7.52 -30.64 22.01
CA TYR A 192 -7.22 -31.84 21.24
C TYR A 192 -8.51 -32.41 20.66
N ASN A 193 -8.57 -32.53 19.33
CA ASN A 193 -9.73 -33.06 18.64
C ASN A 193 -9.31 -34.15 17.65
N THR A 194 -10.28 -34.98 17.30
CA THR A 194 -10.12 -35.99 16.26
C THR A 194 -11.34 -35.96 15.34
N ARG A 195 -11.13 -36.31 14.08
CA ARG A 195 -12.18 -36.16 13.08
C ARG A 195 -11.92 -37.10 11.91
N LYS A 196 -12.99 -37.43 11.20
CA LYS A 196 -12.89 -37.96 9.85
C LYS A 196 -13.05 -36.80 8.87
N TYR A 197 -12.17 -36.75 7.88
CA TYR A 197 -12.28 -35.77 6.81
C TYR A 197 -12.79 -36.46 5.55
N GLU A 198 -13.74 -35.82 4.87
CA GLU A 198 -14.60 -36.54 3.93
C GLU A 198 -13.84 -37.07 2.71
N CYS A 199 -12.81 -36.35 2.27
CA CYS A 199 -11.93 -36.86 1.22
C CYS A 199 -11.48 -38.27 1.50
N CYS A 200 -11.24 -38.56 2.76
CA CYS A 200 -10.26 -39.55 3.15
C CYS A 200 -10.87 -40.51 4.16
N ALA A 201 -10.19 -41.64 4.32
CA ALA A 201 -10.74 -42.80 4.99
C ALA A 201 -10.68 -42.71 6.50
N GLU A 202 -9.51 -42.36 7.03
CA GLU A 202 -9.18 -42.63 8.42
C GLU A 202 -9.49 -41.44 9.31
N ILE A 203 -9.22 -41.59 10.60
CA ILE A 203 -9.39 -40.52 11.57
C ILE A 203 -8.07 -39.79 11.71
N TYR A 204 -8.12 -38.47 11.63
CA TYR A 204 -6.92 -37.63 11.62
C TYR A 204 -7.00 -36.61 12.75
N PRO A 205 -6.11 -36.67 13.73
CA PRO A 205 -6.21 -35.76 14.87
C PRO A 205 -5.64 -34.38 14.55
N ASP A 206 -5.92 -33.44 15.46
CA ASP A 206 -5.39 -32.10 15.36
C ASP A 206 -5.34 -31.50 16.76
N ILE A 207 -4.62 -30.40 16.89
CA ILE A 207 -4.70 -29.55 18.06
C ILE A 207 -5.08 -28.15 17.58
N THR A 208 -6.25 -27.68 18.00
CA THR A 208 -6.70 -26.33 17.68
C THR A 208 -6.34 -25.42 18.85
N TYR A 209 -5.54 -24.40 18.59
CA TYR A 209 -5.09 -23.46 19.61
C TYR A 209 -5.88 -22.17 19.45
N ALA A 210 -6.74 -21.88 20.43
CA ALA A 210 -7.61 -20.71 20.39
C ALA A 210 -7.00 -19.60 21.24
N PHE A 211 -6.56 -18.54 20.57
CA PHE A 211 -6.15 -17.32 21.27
C PHE A 211 -7.38 -16.44 21.47
N VAL A 212 -7.72 -16.16 22.72
CA VAL A 212 -8.70 -15.14 23.03
C VAL A 212 -7.95 -13.85 23.32
N ILE A 213 -8.23 -12.81 22.54
CA ILE A 213 -7.52 -11.54 22.64
C ILE A 213 -8.53 -10.42 22.79
N ARG A 214 -8.20 -9.44 23.61
CA ARG A 214 -9.01 -8.26 23.84
C ARG A 214 -8.24 -7.04 23.36
N ARG A 215 -8.89 -6.18 22.60
CA ARG A 215 -8.24 -4.96 22.15
C ARG A 215 -8.23 -3.94 23.28
N LEU A 216 -7.05 -3.43 23.60
CA LEU A 216 -6.98 -2.27 24.48
C LEU A 216 -7.57 -1.10 23.72
N PRO A 217 -8.74 -0.59 24.12
CA PRO A 217 -9.51 0.31 23.24
C PRO A 217 -9.05 1.76 23.30
N LEU A 218 -8.15 2.10 24.22
CA LEU A 218 -7.92 3.49 24.56
C LEU A 218 -7.47 4.32 23.37
N PHE A 219 -6.81 3.68 22.39
CA PHE A 219 -6.44 4.36 21.15
C PHE A 219 -7.69 4.77 20.36
N TYR A 220 -8.41 3.79 19.82
CA TYR A 220 -9.58 4.09 19.00
C TYR A 220 -10.64 4.85 19.79
N THR A 221 -10.68 4.67 21.11
CA THR A 221 -11.57 5.49 21.93
C THR A 221 -11.31 6.97 21.71
N ILE A 222 -10.04 7.36 21.65
CA ILE A 222 -9.70 8.77 21.46
C ILE A 222 -10.02 9.20 20.03
N ASN A 223 -9.40 8.56 19.05
CA ASN A 223 -9.36 9.10 17.69
C ASN A 223 -10.59 8.76 16.86
N LEU A 224 -11.41 7.80 17.27
CA LEU A 224 -12.63 7.48 16.53
C LEU A 224 -13.90 7.80 17.31
N ILE A 225 -14.05 7.30 18.53
CA ILE A 225 -15.35 7.36 19.20
C ILE A 225 -15.65 8.77 19.69
N ILE A 226 -14.69 9.39 20.38
CA ILE A 226 -14.92 10.72 20.93
C ILE A 226 -15.29 11.73 19.84
N PRO A 227 -14.55 11.84 18.72
CA PRO A 227 -14.94 12.84 17.71
C PRO A 227 -16.31 12.62 17.12
N CYS A 228 -16.67 11.36 16.82
CA CYS A 228 -17.97 11.12 16.19
C CYS A 228 -19.12 11.29 17.17
N LEU A 229 -18.86 11.16 18.47
CA LEU A 229 -19.86 11.59 19.45
C LEU A 229 -19.94 13.11 19.52
N LEU A 230 -18.78 13.78 19.61
CA LEU A 230 -18.74 15.23 19.52
C LEU A 230 -19.48 15.74 18.28
N ILE A 231 -19.34 15.04 17.16
CA ILE A 231 -19.98 15.46 15.91
C ILE A 231 -21.47 15.12 15.93
N SER A 232 -21.81 13.86 16.22
CA SER A 232 -23.20 13.44 16.22
C SER A 232 -24.05 14.17 17.25
N CYS A 233 -23.44 14.92 18.17
CA CYS A 233 -24.20 15.84 19.02
C CYS A 233 -25.03 16.80 18.19
N LEU A 234 -24.41 17.42 17.19
CA LEU A 234 -24.93 18.61 16.53
C LEU A 234 -26.15 18.33 15.63
N THR A 235 -26.59 17.08 15.55
CA THR A 235 -27.73 16.74 14.70
C THR A 235 -28.98 17.48 15.14
N VAL A 236 -29.30 17.41 16.44
CA VAL A 236 -30.49 18.09 16.95
C VAL A 236 -30.28 19.59 16.97
N LEU A 237 -29.04 20.03 17.22
CA LEU A 237 -28.73 21.44 17.38
C LEU A 237 -29.17 22.28 16.19
N VAL A 238 -29.25 21.67 14.99
CA VAL A 238 -29.69 22.41 13.80
C VAL A 238 -31.04 23.07 14.05
N PHE A 239 -31.99 22.31 14.60
CA PHE A 239 -33.34 22.80 14.78
C PHE A 239 -33.38 24.09 15.59
N TYR A 240 -32.58 24.18 16.65
CA TYR A 240 -32.65 25.34 17.52
C TYR A 240 -32.21 26.62 16.80
N LEU A 241 -31.29 26.50 15.86
CA LEU A 241 -30.83 27.66 15.10
C LEU A 241 -32.00 28.35 14.41
N PRO A 242 -32.09 29.69 14.47
CA PRO A 242 -33.19 30.38 13.81
C PRO A 242 -33.08 30.31 12.29
N SER A 243 -34.25 30.21 11.64
CA SER A 243 -34.31 30.15 10.19
C SER A 243 -33.64 31.36 9.54
N GLU A 244 -33.93 32.56 10.05
CA GLU A 244 -33.54 33.80 9.39
C GLU A 244 -32.04 34.07 9.45
N CYS A 245 -31.27 33.29 10.21
CA CYS A 245 -29.82 33.42 10.16
C CYS A 245 -29.28 33.03 8.79
N GLY A 246 -29.93 32.09 8.11
CA GLY A 246 -29.42 31.58 6.85
C GLY A 246 -28.41 30.46 6.99
N GLU A 247 -28.12 30.01 8.20
CA GLU A 247 -27.17 28.93 8.42
C GLU A 247 -27.87 27.62 8.77
N LYS A 248 -29.18 27.56 8.55
CA LYS A 248 -29.96 26.42 9.01
C LYS A 248 -29.49 25.13 8.35
N ILE A 249 -29.13 25.17 7.08
CA ILE A 249 -28.68 23.97 6.38
C ILE A 249 -27.16 23.79 6.47
N THR A 250 -26.40 24.89 6.53
CA THR A 250 -24.94 24.78 6.58
C THR A 250 -24.47 23.91 7.73
N LEU A 251 -25.22 23.89 8.84
CA LEU A 251 -24.89 22.98 9.94
C LEU A 251 -25.26 21.55 9.59
N CYS A 252 -26.44 21.35 9.00
CA CYS A 252 -26.88 20.01 8.58
C CYS A 252 -25.87 19.34 7.67
N ILE A 253 -25.53 19.99 6.56
CA ILE A 253 -24.62 19.39 5.58
C ILE A 253 -23.30 19.00 6.23
N SER A 254 -22.78 19.86 7.11
CA SER A 254 -21.53 19.55 7.80
C SER A 254 -21.66 18.30 8.67
N VAL A 255 -22.79 18.17 9.38
CA VAL A 255 -22.99 17.01 10.24
C VAL A 255 -23.05 15.73 9.41
N LEU A 256 -23.94 15.69 8.41
CA LEU A 256 -24.09 14.51 7.57
C LEU A 256 -22.76 14.08 6.96
N LEU A 257 -22.07 15.01 6.29
CA LEU A 257 -20.82 14.67 5.62
C LEU A 257 -19.75 14.22 6.61
N SER A 258 -19.55 15.00 7.68
CA SER A 258 -18.59 14.60 8.71
C SER A 258 -18.90 13.22 9.26
N LEU A 259 -20.19 12.91 9.47
CA LEU A 259 -20.57 11.57 9.90
C LEU A 259 -20.18 10.53 8.85
N THR A 260 -20.54 10.76 7.60
CA THR A 260 -20.22 9.80 6.54
C THR A 260 -18.72 9.55 6.46
N VAL A 261 -17.91 10.59 6.68
CA VAL A 261 -16.46 10.41 6.71
C VAL A 261 -16.07 9.39 7.78
N PHE A 262 -16.65 9.51 8.97
CA PHE A 262 -16.30 8.59 10.06
C PHE A 262 -16.85 7.19 9.81
N LEU A 263 -18.09 7.08 9.35
CA LEU A 263 -18.60 5.79 8.92
C LEU A 263 -17.70 5.19 7.84
N LEU A 264 -17.41 5.96 6.79
CA LEU A 264 -16.55 5.49 5.71
C LEU A 264 -15.18 5.08 6.22
N LEU A 265 -14.57 5.93 7.06
CA LEU A 265 -13.27 5.60 7.65
C LEU A 265 -13.35 4.32 8.46
N ILE A 266 -14.40 4.17 9.26
CA ILE A 266 -14.61 2.94 10.02
C ILE A 266 -14.71 1.74 9.09
N THR A 267 -15.45 1.88 7.99
CA THR A 267 -15.68 0.75 7.09
C THR A 267 -14.39 0.27 6.42
N GLU A 268 -13.47 1.19 6.10
CA GLU A 268 -12.19 0.76 5.56
C GLU A 268 -11.30 0.11 6.59
N ILE A 269 -11.72 0.05 7.85
CA ILE A 269 -10.99 -0.64 8.90
C ILE A 269 -11.68 -1.95 9.30
N ILE A 270 -13.00 -2.03 9.22
CA ILE A 270 -13.76 -3.25 9.53
C ILE A 270 -13.44 -4.32 8.49
N PRO A 271 -13.48 -5.60 8.85
CA PRO A 271 -13.61 -6.64 7.82
C PRO A 271 -14.98 -6.54 7.17
N SER A 272 -15.00 -6.46 5.85
CA SER A 272 -16.24 -6.17 5.11
C SER A 272 -17.17 -7.37 5.06
N THR A 273 -17.46 -7.98 6.21
CA THR A 273 -18.27 -9.18 6.26
C THR A 273 -19.74 -8.85 6.50
N SER A 274 -20.60 -9.81 6.19
CA SER A 274 -22.04 -9.70 6.44
C SER A 274 -22.51 -10.63 7.55
N LEU A 275 -21.60 -11.07 8.42
CA LEU A 275 -22.02 -11.84 9.58
C LEU A 275 -22.84 -10.99 10.53
N VAL A 276 -22.24 -9.92 11.05
CA VAL A 276 -22.91 -9.02 11.97
C VAL A 276 -22.66 -7.58 11.51
N ILE A 277 -23.54 -6.69 11.95
CA ILE A 277 -23.42 -5.27 11.65
C ILE A 277 -22.51 -4.65 12.71
N PRO A 278 -21.49 -3.89 12.30
CA PRO A 278 -20.60 -3.26 13.30
C PRO A 278 -21.38 -2.20 14.07
N LEU A 279 -21.47 -2.39 15.39
CA LEU A 279 -22.44 -1.66 16.21
C LEU A 279 -22.33 -0.16 16.00
N ILE A 280 -21.13 0.40 16.16
CA ILE A 280 -20.96 1.83 15.98
C ILE A 280 -21.30 2.24 14.55
N GLY A 281 -21.02 1.36 13.58
CA GLY A 281 -21.44 1.63 12.21
C GLY A 281 -22.95 1.75 12.08
N GLU A 282 -23.69 0.84 12.72
CA GLU A 282 -25.15 0.92 12.71
C GLU A 282 -25.61 2.19 13.40
N TYR A 283 -24.93 2.60 14.47
CA TYR A 283 -25.23 3.86 15.14
C TYR A 283 -25.03 5.03 14.20
N LEU A 284 -23.80 5.18 13.69
CA LEU A 284 -23.51 6.26 12.74
C LEU A 284 -24.39 6.21 11.50
N LEU A 285 -24.92 5.03 11.16
CA LEU A 285 -25.87 4.95 10.05
C LEU A 285 -27.20 5.59 10.44
N PHE A 286 -27.78 5.17 11.57
CA PHE A 286 -29.08 5.71 11.98
C PHE A 286 -28.98 7.20 12.26
N THR A 287 -27.86 7.65 12.81
CA THR A 287 -27.60 9.08 12.94
C THR A 287 -27.73 9.77 11.60
N MET A 288 -27.06 9.23 10.58
CA MET A 288 -27.15 9.79 9.23
C MET A 288 -28.59 9.81 8.73
N ILE A 289 -29.35 8.73 8.98
CA ILE A 289 -30.74 8.69 8.54
C ILE A 289 -31.54 9.80 9.21
N PHE A 290 -31.31 10.03 10.50
CA PHE A 290 -31.98 11.14 11.17
C PHE A 290 -31.50 12.48 10.63
N VAL A 291 -30.20 12.63 10.37
CA VAL A 291 -29.67 13.90 9.88
C VAL A 291 -30.27 14.22 8.52
N THR A 292 -30.22 13.27 7.58
CA THR A 292 -30.84 13.48 6.28
C THR A 292 -32.30 13.84 6.43
N LEU A 293 -33.04 13.08 7.26
CA LEU A 293 -34.39 13.46 7.61
C LEU A 293 -34.43 14.88 8.19
N SER A 294 -33.48 15.21 9.06
CA SER A 294 -33.41 16.56 9.62
C SER A 294 -33.18 17.61 8.54
N ILE A 295 -32.44 17.27 7.48
CA ILE A 295 -32.23 18.25 6.40
C ILE A 295 -33.51 18.44 5.60
N VAL A 296 -34.23 17.36 5.30
CA VAL A 296 -35.45 17.47 4.50
C VAL A 296 -36.47 18.33 5.23
N ILE A 297 -36.65 18.10 6.53
CA ILE A 297 -37.60 18.91 7.29
C ILE A 297 -37.08 20.34 7.44
N THR A 298 -35.77 20.51 7.65
CA THR A 298 -35.19 21.84 7.82
C THR A 298 -35.33 22.69 6.56
N VAL A 299 -35.40 22.05 5.39
CA VAL A 299 -35.75 22.79 4.18
C VAL A 299 -37.25 23.03 4.11
N PHE A 300 -38.05 22.03 4.52
CA PHE A 300 -39.49 22.21 4.60
C PHE A 300 -39.86 23.32 5.58
N VAL A 301 -39.01 23.57 6.58
CA VAL A 301 -39.23 24.69 7.49
C VAL A 301 -39.06 26.01 6.75
N LEU A 302 -37.99 26.14 5.96
CA LEU A 302 -37.64 27.41 5.35
C LEU A 302 -38.59 27.78 4.22
N ASN A 303 -39.13 26.80 3.50
CA ASN A 303 -39.96 27.08 2.33
C ASN A 303 -41.22 27.86 2.72
N VAL A 304 -42.03 27.29 3.62
CA VAL A 304 -43.27 27.92 4.04
C VAL A 304 -43.01 29.17 4.87
N HIS A 305 -41.81 29.27 5.46
CA HIS A 305 -41.54 30.27 6.50
C HIS A 305 -41.55 31.70 5.95
N HIS A 306 -41.00 31.90 4.75
CA HIS A 306 -40.66 33.26 4.34
C HIS A 306 -41.83 34.01 3.72
N ARG A 307 -42.61 33.36 2.87
CA ARG A 307 -43.55 34.09 2.00
C ARG A 307 -44.93 34.20 2.64
N SER A 308 -45.50 35.40 2.56
CA SER A 308 -46.84 35.70 3.06
C SER A 308 -47.83 36.09 1.95
N PRO A 309 -47.43 36.74 0.86
CA PRO A 309 -48.42 37.06 -0.19
C PRO A 309 -48.89 35.82 -0.93
N ARG A 310 -50.18 35.81 -1.26
CA ARG A 310 -50.82 34.73 -2.01
C ARG A 310 -50.57 33.38 -1.34
N THR A 311 -50.78 33.34 -0.03
CA THR A 311 -50.60 32.13 0.76
C THR A 311 -51.93 31.67 1.32
N HIS A 312 -52.12 30.35 1.36
CA HIS A 312 -53.37 29.79 1.88
C HIS A 312 -53.59 30.20 3.33
N THR A 313 -52.66 29.82 4.20
CA THR A 313 -52.73 30.14 5.63
C THR A 313 -54.06 29.71 6.22
N MET A 314 -54.44 28.46 5.95
CA MET A 314 -55.70 27.94 6.43
C MET A 314 -55.76 28.04 7.95
N PRO A 315 -56.88 28.51 8.52
CA PRO A 315 -56.91 28.73 9.98
C PRO A 315 -56.77 27.45 10.78
N THR A 316 -57.50 26.40 10.41
CA THR A 316 -57.46 25.15 11.16
C THR A 316 -56.06 24.56 11.25
N TRP A 317 -55.16 24.94 10.35
CA TRP A 317 -53.76 24.54 10.47
C TRP A 317 -52.94 25.55 11.26
N VAL A 318 -53.15 26.84 11.00
CA VAL A 318 -52.48 27.86 11.82
C VAL A 318 -53.03 27.82 13.24
N ARG A 319 -54.29 27.43 13.42
CA ARG A 319 -54.80 27.20 14.76
C ARG A 319 -54.24 25.91 15.34
N ARG A 320 -54.02 24.89 14.51
CA ARG A 320 -53.32 23.69 14.97
C ARG A 320 -51.94 24.04 15.50
N VAL A 321 -51.26 24.98 14.87
CA VAL A 321 -49.86 25.27 15.17
C VAL A 321 -49.75 26.34 16.25
N PHE A 322 -50.27 27.54 15.98
CA PHE A 322 -50.09 28.64 16.91
C PHE A 322 -50.92 28.46 18.17
N LEU A 323 -52.18 28.05 18.03
CA LEU A 323 -53.07 28.04 19.19
C LEU A 323 -53.12 26.70 19.90
N ASP A 324 -53.09 25.60 19.15
CA ASP A 324 -53.15 24.29 19.79
C ASP A 324 -51.77 23.80 20.22
N ILE A 325 -50.84 23.71 19.27
CA ILE A 325 -49.59 22.99 19.54
C ILE A 325 -48.63 23.81 20.40
N VAL A 326 -48.52 25.11 20.15
CA VAL A 326 -47.62 25.97 20.90
C VAL A 326 -47.72 25.71 22.41
N PRO A 327 -48.91 25.81 23.03
CA PRO A 327 -48.99 25.44 24.45
C PRO A 327 -48.91 23.93 24.65
N ARG A 328 -49.35 23.14 23.67
CA ARG A 328 -49.29 21.69 23.79
C ARG A 328 -47.84 21.20 23.94
N LEU A 329 -46.91 21.84 23.22
CA LEU A 329 -45.51 21.47 23.38
C LEU A 329 -44.89 22.16 24.60
N LEU A 330 -45.30 23.40 24.89
CA LEU A 330 -44.82 24.10 26.07
C LEU A 330 -45.16 23.32 27.34
N LEU A 331 -46.35 22.71 27.38
CA LEU A 331 -46.73 21.86 28.49
C LEU A 331 -46.47 20.40 28.12
N GLU A 343 -48.52 43.04 6.51
CA GLU A 343 -47.31 42.29 6.15
C GLU A 343 -46.81 41.50 7.34
N ARG A 344 -46.60 42.19 8.47
CA ARG A 344 -46.11 41.53 9.67
C ARG A 344 -47.11 40.51 10.19
N SER A 345 -48.40 40.82 10.09
CA SER A 345 -49.44 39.93 10.62
C SER A 345 -49.32 38.53 10.00
N VAL A 346 -49.20 38.45 8.69
CA VAL A 346 -49.08 37.16 8.02
C VAL A 346 -47.66 36.62 8.14
N LYS A 347 -46.67 37.45 7.78
CA LYS A 347 -45.28 37.03 7.82
C LYS A 347 -44.89 36.47 9.18
N GLU A 348 -45.27 37.16 10.26
CA GLU A 348 -44.91 36.70 11.60
C GLU A 348 -45.76 35.52 12.06
N ASP A 349 -46.99 35.39 11.54
CA ASP A 349 -47.70 34.12 11.66
C ASP A 349 -46.82 32.97 11.17
N TRP A 350 -46.23 33.13 9.98
CA TRP A 350 -45.30 32.12 9.48
C TRP A 350 -44.05 32.02 10.35
N LYS A 351 -43.53 33.16 10.82
CA LYS A 351 -42.36 33.15 11.69
C LYS A 351 -42.58 32.21 12.87
N TYR A 352 -43.77 32.26 13.49
CA TYR A 352 -44.05 31.37 14.60
C TYR A 352 -44.32 29.95 14.12
N VAL A 353 -45.12 29.80 13.06
CA VAL A 353 -45.49 28.47 12.58
C VAL A 353 -44.25 27.63 12.28
N ALA A 354 -43.25 28.23 11.62
CA ALA A 354 -41.99 27.52 11.41
C ALA A 354 -41.30 27.23 12.74
N MET A 355 -41.29 28.20 13.65
CA MET A 355 -40.71 28.01 14.98
C MET A 355 -41.34 26.83 15.70
N VAL A 356 -42.62 26.54 15.43
CA VAL A 356 -43.31 25.46 16.13
C VAL A 356 -43.06 24.13 15.46
N ILE A 357 -43.20 24.07 14.13
CA ILE A 357 -42.78 22.89 13.38
C ILE A 357 -41.35 22.53 13.76
N ASP A 358 -40.53 23.55 14.02
CA ASP A 358 -39.17 23.41 14.52
C ASP A 358 -39.15 22.72 15.87
N ARG A 359 -39.66 23.39 16.91
CA ARG A 359 -39.59 22.85 18.27
C ARG A 359 -40.24 21.47 18.36
N ILE A 360 -41.32 21.26 17.61
CA ILE A 360 -41.96 19.94 17.56
C ILE A 360 -40.95 18.86 17.16
N PHE A 361 -40.17 19.12 16.11
CA PHE A 361 -39.20 18.14 15.65
C PHE A 361 -37.99 18.08 16.56
N LEU A 362 -37.56 19.22 17.12
CA LEU A 362 -36.52 19.20 18.13
C LEU A 362 -36.89 18.27 19.28
N TRP A 363 -38.14 18.36 19.74
CA TRP A 363 -38.65 17.37 20.68
C TRP A 363 -38.56 15.97 20.10
N MET A 364 -39.03 15.78 18.87
CA MET A 364 -38.97 14.46 18.23
C MET A 364 -37.56 13.89 18.25
N PHE A 365 -36.59 14.67 17.75
CA PHE A 365 -35.24 14.15 17.61
C PHE A 365 -34.57 13.94 18.96
N ILE A 366 -34.67 14.93 19.86
CA ILE A 366 -34.02 14.80 21.16
C ILE A 366 -34.65 13.66 21.97
N ILE A 367 -35.94 13.38 21.75
CA ILE A 367 -36.56 12.21 22.36
C ILE A 367 -35.99 10.92 21.78
N VAL A 368 -36.05 10.79 20.45
CA VAL A 368 -35.70 9.52 19.81
C VAL A 368 -34.20 9.27 19.90
N CYS A 369 -33.40 10.32 19.75
CA CYS A 369 -31.95 10.22 19.95
C CYS A 369 -31.60 9.42 21.20
N LEU A 370 -32.13 9.85 22.35
CA LEU A 370 -31.86 9.15 23.60
C LEU A 370 -32.38 7.72 23.57
N LEU A 371 -33.50 7.48 22.88
CA LEU A 371 -33.99 6.12 22.73
C LEU A 371 -33.04 5.28 21.89
N GLY A 372 -32.48 5.87 20.83
CA GLY A 372 -31.48 5.17 20.05
C GLY A 372 -30.26 4.79 20.87
N THR A 373 -29.74 5.74 21.64
CA THR A 373 -28.56 5.47 22.45
C THR A 373 -28.85 4.49 23.58
N VAL A 374 -30.07 4.50 24.12
CA VAL A 374 -30.47 3.46 25.05
C VAL A 374 -30.48 2.10 24.35
N GLY A 375 -30.90 2.08 23.08
CA GLY A 375 -30.76 0.88 22.28
C GLY A 375 -29.32 0.51 22.01
N LEU A 376 -28.43 1.51 21.99
CA LEU A 376 -27.00 1.23 21.82
C LEU A 376 -26.42 0.62 23.09
N PHE A 377 -26.85 1.09 24.25
CA PHE A 377 -26.37 0.60 25.52
C PHE A 377 -27.23 -0.51 26.11
N LEU A 378 -28.25 -0.98 25.39
CA LEU A 378 -28.95 -2.20 25.82
C LEU A 378 -28.03 -3.37 26.15
N PRO A 379 -26.92 -3.62 25.44
CA PRO A 379 -26.05 -4.75 25.82
C PRO A 379 -25.39 -4.54 27.19
N PRO A 380 -24.79 -3.37 27.48
CA PRO A 380 -24.25 -3.19 28.83
C PRO A 380 -25.33 -3.10 29.90
N TRP A 381 -26.50 -2.54 29.57
CA TRP A 381 -27.66 -2.59 30.47
C TRP A 381 -27.93 -4.01 30.97
N THR B 1 8.27 -51.34 10.16
CA THR B 1 9.10 -50.16 10.38
C THR B 1 10.56 -50.47 10.05
N ASP B 2 11.13 -51.45 10.76
CA ASP B 2 12.40 -52.01 10.31
C ASP B 2 12.23 -52.67 8.94
N THR B 3 11.08 -53.30 8.71
CA THR B 3 10.77 -53.85 7.39
C THR B 3 10.41 -52.74 6.41
N GLU B 4 9.71 -51.70 6.87
CA GLU B 4 9.50 -50.50 6.06
C GLU B 4 10.83 -49.98 5.52
N GLU B 5 11.84 -49.93 6.39
CA GLU B 5 13.18 -49.52 5.96
C GLU B 5 13.67 -50.37 4.79
N ARG B 6 13.37 -51.67 4.81
CA ARG B 6 13.70 -52.54 3.68
C ARG B 6 12.83 -52.21 2.47
N LEU B 7 11.51 -52.20 2.65
CA LEU B 7 10.60 -51.96 1.53
C LEU B 7 10.92 -50.65 0.81
N VAL B 8 11.02 -49.55 1.56
CA VAL B 8 11.38 -48.26 0.97
C VAL B 8 12.65 -48.38 0.14
N GLU B 9 13.67 -49.03 0.71
CA GLU B 9 14.96 -49.16 0.02
C GLU B 9 14.77 -49.79 -1.36
N HIS B 10 14.08 -50.92 -1.43
CA HIS B 10 13.82 -51.57 -2.72
C HIS B 10 13.16 -50.62 -3.71
N LEU B 11 12.11 -49.94 -3.28
CA LEU B 11 11.28 -49.17 -4.22
C LEU B 11 11.98 -47.90 -4.70
N LEU B 12 12.78 -47.25 -3.84
CA LEU B 12 13.40 -45.99 -4.19
C LEU B 12 14.87 -46.10 -4.60
N ASP B 13 15.53 -47.23 -4.31
CA ASP B 13 16.89 -47.43 -4.77
C ASP B 13 16.93 -47.24 -6.28
N PRO B 14 17.61 -46.19 -6.77
CA PRO B 14 17.44 -45.74 -8.16
C PRO B 14 17.64 -46.83 -9.21
N SER B 15 18.40 -47.87 -8.87
CA SER B 15 18.55 -49.01 -9.77
C SER B 15 17.21 -49.56 -10.23
N ARG B 16 16.22 -49.58 -9.32
CA ARG B 16 14.87 -49.99 -9.72
C ARG B 16 14.07 -48.83 -10.32
N TYR B 17 14.19 -47.64 -9.73
CA TYR B 17 13.29 -46.53 -10.03
C TYR B 17 14.05 -45.36 -10.62
N ASN B 18 13.58 -44.87 -11.76
CA ASN B 18 14.03 -43.59 -12.31
C ASN B 18 12.82 -42.65 -12.26
N LYS B 19 12.82 -41.74 -11.28
CA LYS B 19 11.75 -40.76 -11.17
C LYS B 19 11.53 -39.99 -12.47
N LEU B 20 12.64 -39.62 -13.14
CA LEU B 20 12.58 -38.82 -14.35
C LEU B 20 11.72 -39.43 -15.45
N ILE B 21 11.36 -40.71 -15.34
CA ILE B 21 10.60 -41.41 -16.38
C ILE B 21 9.25 -41.85 -15.83
N ARG B 22 8.19 -41.45 -16.53
CA ARG B 22 6.83 -41.89 -16.24
C ARG B 22 6.74 -43.42 -16.24
N PRO B 23 5.97 -44.00 -15.31
CA PRO B 23 5.68 -45.44 -15.39
C PRO B 23 4.38 -45.77 -16.10
N ALA B 24 4.46 -46.44 -17.25
CA ALA B 24 3.34 -47.19 -17.81
C ALA B 24 3.87 -48.51 -18.33
N THR B 25 3.00 -49.52 -18.40
CA THR B 25 3.46 -50.84 -18.81
C THR B 25 4.00 -50.82 -20.23
N ASN B 26 3.16 -50.41 -21.19
CA ASN B 26 3.60 -50.15 -22.55
C ASN B 26 3.70 -48.65 -22.80
N GLY B 27 4.65 -48.27 -23.66
CA GLY B 27 4.65 -46.91 -24.17
C GLY B 27 3.39 -46.60 -24.96
N SER B 28 2.83 -47.62 -25.62
CA SER B 28 1.50 -47.51 -26.19
C SER B 28 0.48 -47.08 -25.14
N GLU B 29 0.50 -47.74 -23.98
CA GLU B 29 -0.51 -47.50 -22.96
C GLU B 29 -0.35 -46.12 -22.33
N LEU B 30 -1.47 -45.50 -21.99
CA LEU B 30 -1.46 -44.18 -21.37
C LEU B 30 -1.75 -44.28 -19.88
N VAL B 31 -1.20 -43.33 -19.13
CA VAL B 31 -1.48 -43.20 -17.71
C VAL B 31 -2.67 -42.27 -17.53
N THR B 32 -3.62 -42.68 -16.69
CA THR B 32 -4.75 -41.84 -16.33
C THR B 32 -4.57 -41.34 -14.90
N VAL B 33 -4.90 -40.07 -14.68
CA VAL B 33 -4.77 -39.43 -13.37
C VAL B 33 -6.13 -38.88 -12.98
N GLN B 34 -6.50 -39.09 -11.72
CA GLN B 34 -7.79 -38.63 -11.21
C GLN B 34 -7.57 -37.38 -10.38
N LEU B 35 -8.38 -36.35 -10.62
CA LEU B 35 -8.21 -35.04 -9.99
C LEU B 35 -9.52 -34.60 -9.38
N MET B 36 -9.53 -34.43 -8.06
CA MET B 36 -10.61 -33.79 -7.34
C MET B 36 -10.01 -32.72 -6.45
N VAL B 37 -10.75 -31.63 -6.25
CA VAL B 37 -10.20 -30.44 -5.62
C VAL B 37 -11.05 -30.11 -4.40
N SER B 38 -10.39 -29.78 -3.30
CA SER B 38 -11.04 -29.55 -2.01
C SER B 38 -10.79 -28.12 -1.55
N LEU B 39 -11.88 -27.40 -1.27
CA LEU B 39 -11.78 -26.13 -0.58
C LEU B 39 -11.59 -26.33 0.92
N ALA B 40 -10.62 -25.63 1.49
CA ALA B 40 -10.54 -25.48 2.94
C ALA B 40 -11.10 -24.14 3.40
N GLN B 41 -10.85 -23.08 2.65
CA GLN B 41 -11.57 -21.83 2.80
C GLN B 41 -11.33 -20.98 1.56
N LEU B 42 -12.35 -20.22 1.17
CA LEU B 42 -12.18 -19.18 0.17
C LEU B 42 -11.76 -17.92 0.90
N ILE B 43 -10.57 -17.42 0.56
CA ILE B 43 -9.93 -16.38 1.36
C ILE B 43 -10.32 -15.00 0.87
N SER B 44 -9.91 -14.66 -0.35
CA SER B 44 -10.07 -13.30 -0.84
C SER B 44 -10.60 -13.29 -2.26
N VAL B 45 -11.53 -12.39 -2.52
CA VAL B 45 -12.00 -12.10 -3.87
C VAL B 45 -11.71 -10.62 -4.10
N HIS B 46 -10.52 -10.32 -4.60
CA HIS B 46 -10.11 -8.94 -4.84
C HIS B 46 -10.67 -8.50 -6.18
N GLU B 47 -11.72 -7.68 -6.15
CA GLU B 47 -12.40 -7.32 -7.38
C GLU B 47 -11.55 -6.37 -8.21
N ARG B 48 -11.03 -5.33 -7.57
CA ARG B 48 -10.06 -4.42 -8.19
C ARG B 48 -8.96 -5.17 -8.94
N GLU B 49 -8.38 -6.17 -8.29
CA GLU B 49 -7.24 -6.90 -8.86
C GLU B 49 -7.65 -8.15 -9.61
N GLN B 50 -8.94 -8.50 -9.60
CA GLN B 50 -9.48 -9.61 -10.40
C GLN B 50 -8.78 -10.93 -10.04
N ILE B 51 -8.78 -11.25 -8.74
CA ILE B 51 -7.96 -12.33 -8.21
C ILE B 51 -8.74 -13.07 -7.14
N MET B 52 -8.77 -14.40 -7.22
CA MET B 52 -9.26 -15.26 -6.16
C MET B 52 -8.07 -15.92 -5.47
N THR B 53 -7.96 -15.72 -4.16
CA THR B 53 -6.99 -16.42 -3.34
C THR B 53 -7.73 -17.51 -2.56
N THR B 54 -7.42 -18.77 -2.85
CA THR B 54 -7.97 -19.90 -2.14
C THR B 54 -6.84 -20.77 -1.63
N ASN B 55 -7.10 -21.51 -0.56
CA ASN B 55 -6.24 -22.59 -0.14
C ASN B 55 -6.93 -23.91 -0.45
N VAL B 56 -6.17 -24.86 -0.97
CA VAL B 56 -6.76 -25.98 -1.71
C VAL B 56 -5.90 -27.21 -1.53
N TRP B 57 -6.56 -28.34 -1.29
CA TRP B 57 -5.98 -29.65 -1.44
C TRP B 57 -6.55 -30.27 -2.71
N LEU B 58 -5.66 -30.71 -3.61
CA LEU B 58 -6.07 -31.31 -4.88
C LEU B 58 -5.66 -32.78 -4.84
N THR B 59 -6.64 -33.67 -4.76
CA THR B 59 -6.39 -35.10 -4.67
C THR B 59 -5.94 -35.62 -6.03
N GLN B 60 -4.69 -36.05 -6.12
CA GLN B 60 -4.13 -36.62 -7.34
C GLN B 60 -3.98 -38.13 -7.17
N GLU B 61 -4.49 -38.88 -8.14
CA GLU B 61 -4.48 -40.34 -8.08
C GLU B 61 -3.96 -40.92 -9.39
N TRP B 62 -3.10 -41.93 -9.28
CA TRP B 62 -2.62 -42.69 -10.42
C TRP B 62 -1.94 -43.95 -9.88
N GLU B 63 -1.40 -44.76 -10.78
CA GLU B 63 -0.84 -46.05 -10.42
C GLU B 63 0.52 -46.24 -11.09
N ASP B 64 1.45 -46.86 -10.36
CA ASP B 64 2.79 -47.15 -10.85
C ASP B 64 3.06 -48.64 -10.73
N TYR B 65 3.32 -49.30 -11.87
CA TYR B 65 3.75 -50.68 -11.82
C TYR B 65 5.10 -50.82 -11.12
N ARG B 66 5.90 -49.75 -11.12
CA ARG B 66 7.21 -49.80 -10.47
C ARG B 66 7.09 -49.99 -8.97
N LEU B 67 6.00 -49.51 -8.36
CA LEU B 67 5.88 -49.43 -6.92
C LEU B 67 4.93 -50.48 -6.33
N THR B 68 4.86 -51.65 -6.96
CA THR B 68 4.08 -52.75 -6.39
C THR B 68 4.96 -53.57 -5.44
N TRP B 69 4.31 -54.29 -4.54
CA TRP B 69 4.99 -55.28 -3.74
C TRP B 69 3.97 -56.26 -3.16
N LYS B 70 4.45 -57.43 -2.76
CA LYS B 70 3.65 -58.43 -2.08
C LYS B 70 3.64 -58.15 -0.58
N PRO B 71 2.47 -58.08 0.06
CA PRO B 71 2.46 -57.86 1.52
C PRO B 71 3.09 -59.00 2.30
N GLU B 72 2.79 -60.25 1.93
CA GLU B 72 3.45 -61.40 2.55
C GLU B 72 4.96 -61.24 2.58
N GLU B 73 5.52 -60.65 1.52
CA GLU B 73 6.97 -60.55 1.40
C GLU B 73 7.59 -59.64 2.47
N PHE B 74 6.83 -58.63 2.95
CA PHE B 74 7.38 -57.61 3.86
C PHE B 74 6.38 -57.30 4.98
N ASP B 75 6.27 -58.23 5.94
CA ASP B 75 5.50 -58.03 7.18
C ASP B 75 4.09 -57.50 6.92
N ASN B 76 3.48 -57.95 5.82
CA ASN B 76 2.06 -57.69 5.55
C ASN B 76 1.75 -56.20 5.47
N MET B 77 2.68 -55.43 4.90
CA MET B 77 2.46 -54.00 4.68
C MET B 77 1.42 -53.79 3.58
N LYS B 78 0.34 -53.08 3.92
CA LYS B 78 -0.63 -52.68 2.89
C LYS B 78 -0.25 -51.35 2.22
N LYS B 79 0.18 -50.36 2.99
CA LYS B 79 0.35 -49.00 2.49
C LYS B 79 1.58 -48.37 3.13
N VAL B 80 2.31 -47.58 2.32
CA VAL B 80 3.54 -46.92 2.77
C VAL B 80 3.56 -45.49 2.23
N ARG B 81 4.00 -44.56 3.07
CA ARG B 81 4.17 -43.16 2.68
C ARG B 81 5.56 -42.93 2.11
N LEU B 82 5.63 -42.13 1.05
CA LEU B 82 6.89 -41.83 0.38
C LEU B 82 6.99 -40.34 0.09
N PRO B 83 8.21 -39.78 0.15
CA PRO B 83 8.38 -38.35 -0.17
C PRO B 83 8.13 -38.09 -1.64
N SER B 84 7.15 -37.22 -1.91
CA SER B 84 6.72 -36.95 -3.29
C SER B 84 7.89 -36.56 -4.20
N LYS B 85 8.87 -35.83 -3.67
CA LYS B 85 10.00 -35.38 -4.49
C LYS B 85 10.79 -36.56 -5.05
N HIS B 86 10.82 -37.69 -4.36
CA HIS B 86 11.63 -38.82 -4.79
C HIS B 86 10.93 -39.73 -5.81
N ILE B 87 9.61 -39.79 -5.79
CA ILE B 87 8.87 -40.61 -6.75
C ILE B 87 8.42 -39.75 -7.92
N TRP B 88 8.01 -40.39 -9.00
CA TRP B 88 7.47 -39.67 -10.15
C TRP B 88 6.02 -39.29 -9.89
N LEU B 89 5.64 -38.12 -10.39
CA LEU B 89 4.29 -37.61 -10.23
C LEU B 89 3.96 -36.80 -11.47
N PRO B 90 2.69 -36.79 -11.91
CA PRO B 90 2.34 -35.99 -13.08
C PRO B 90 2.41 -34.51 -12.74
N ASP B 91 3.18 -33.76 -13.53
CA ASP B 91 3.39 -32.34 -13.25
C ASP B 91 2.11 -31.59 -13.57
N VAL B 92 1.14 -31.70 -12.65
CA VAL B 92 -0.15 -31.05 -12.77
C VAL B 92 -0.06 -29.69 -12.09
N VAL B 93 -0.60 -28.66 -12.73
CA VAL B 93 -0.24 -27.28 -12.41
C VAL B 93 -1.38 -26.38 -12.85
N LEU B 94 -1.51 -25.23 -12.19
CA LEU B 94 -2.45 -24.21 -12.63
C LEU B 94 -1.95 -23.51 -13.89
N TYR B 95 -2.87 -23.29 -14.83
CA TYR B 95 -2.63 -22.43 -15.99
C TYR B 95 -3.46 -21.16 -15.91
N ASN B 96 -3.77 -20.70 -14.69
CA ASN B 96 -4.69 -19.59 -14.43
C ASN B 96 -4.05 -18.56 -13.50
N ASN B 97 -2.72 -18.51 -13.45
CA ASN B 97 -1.99 -17.84 -12.39
C ASN B 97 -1.89 -16.34 -12.62
N ALA B 98 -2.35 -15.55 -11.65
CA ALA B 98 -1.92 -14.16 -11.48
C ALA B 98 -0.82 -14.12 -10.42
N ASP B 99 0.35 -13.61 -10.79
CA ASP B 99 1.53 -13.65 -9.91
C ASP B 99 1.72 -15.05 -9.33
N GLY B 100 1.57 -16.05 -10.18
CA GLY B 100 1.25 -17.38 -9.70
C GLY B 100 2.44 -18.21 -9.27
N MET B 101 2.24 -18.97 -8.20
CA MET B 101 2.99 -20.17 -7.91
C MET B 101 2.30 -21.30 -8.69
N TYR B 102 2.96 -21.81 -9.73
CA TYR B 102 2.28 -22.73 -10.63
C TYR B 102 1.99 -24.08 -9.97
N GLU B 103 2.93 -24.60 -9.19
CA GLU B 103 2.73 -25.86 -8.49
C GLU B 103 2.36 -25.61 -7.03
N VAL B 104 2.10 -26.70 -6.31
CA VAL B 104 1.59 -26.66 -4.94
C VAL B 104 2.64 -26.22 -3.93
N SER B 105 2.21 -26.02 -2.68
CA SER B 105 2.95 -25.26 -1.68
C SER B 105 3.71 -26.12 -0.68
N PHE B 106 3.26 -27.34 -0.36
CA PHE B 106 3.85 -28.11 0.72
C PHE B 106 4.69 -29.29 0.25
N TYR B 107 4.34 -29.91 -0.88
CA TYR B 107 4.95 -31.17 -1.33
C TYR B 107 4.90 -32.22 -0.23
N SER B 108 3.68 -32.52 0.19
CA SER B 108 3.36 -33.60 1.12
C SER B 108 3.90 -34.95 0.68
N ASN B 109 4.06 -35.87 1.63
CA ASN B 109 4.33 -37.26 1.27
C ASN B 109 3.12 -37.84 0.54
N ALA B 110 3.38 -38.87 -0.25
CA ALA B 110 2.34 -39.56 -1.01
C ALA B 110 2.05 -40.91 -0.37
N VAL B 111 0.78 -41.25 -0.26
CA VAL B 111 0.36 -42.54 0.26
C VAL B 111 0.31 -43.53 -0.90
N VAL B 112 1.08 -44.61 -0.77
CA VAL B 112 1.20 -45.62 -1.82
C VAL B 112 0.67 -46.94 -1.27
N SER B 113 -0.15 -47.60 -2.07
CA SER B 113 -0.70 -48.91 -1.70
C SER B 113 0.16 -50.01 -2.30
N TYR B 114 -0.04 -51.23 -1.79
CA TYR B 114 0.81 -52.35 -2.21
C TYR B 114 0.61 -52.70 -3.68
N ASP B 115 -0.54 -52.39 -4.25
CA ASP B 115 -0.80 -52.66 -5.67
C ASP B 115 -0.17 -51.62 -6.60
N GLY B 116 0.54 -50.64 -6.06
CA GLY B 116 1.15 -49.61 -6.86
C GLY B 116 0.28 -48.40 -7.15
N SER B 117 -0.90 -48.31 -6.54
CA SER B 117 -1.72 -47.12 -6.67
C SER B 117 -1.22 -46.04 -5.71
N ILE B 118 -1.22 -44.79 -6.17
CA ILE B 118 -0.67 -43.67 -5.42
C ILE B 118 -1.80 -42.69 -5.09
N PHE B 119 -1.81 -42.21 -3.85
CA PHE B 119 -2.74 -41.19 -3.40
C PHE B 119 -1.94 -39.98 -2.93
N TRP B 120 -2.14 -38.86 -3.61
CA TRP B 120 -1.44 -37.61 -3.29
C TRP B 120 -2.46 -36.50 -3.14
N LEU B 121 -2.27 -35.66 -2.12
CA LEU B 121 -3.05 -34.44 -1.96
C LEU B 121 -2.19 -33.41 -1.23
N PRO B 122 -1.54 -32.51 -1.97
CA PRO B 122 -0.77 -31.45 -1.34
C PRO B 122 -1.64 -30.24 -1.07
N PRO B 123 -1.37 -29.51 0.00
CA PRO B 123 -2.01 -28.21 0.19
C PRO B 123 -1.30 -27.14 -0.62
N ALA B 124 -2.08 -26.18 -1.09
CA ALA B 124 -1.50 -24.97 -1.67
C ALA B 124 -2.46 -23.83 -1.46
N ILE B 125 -1.93 -22.61 -1.59
CA ILE B 125 -2.76 -21.42 -1.76
C ILE B 125 -2.59 -20.97 -3.20
N TYR B 126 -3.70 -20.58 -3.83
CA TYR B 126 -3.72 -20.31 -5.26
C TYR B 126 -4.30 -18.94 -5.51
N LYS B 127 -3.74 -18.25 -6.49
CA LYS B 127 -4.14 -16.88 -6.80
C LYS B 127 -4.68 -16.90 -8.22
N SER B 128 -5.93 -17.36 -8.34
CA SER B 128 -6.58 -17.51 -9.62
C SER B 128 -7.09 -16.17 -10.14
N ALA B 129 -7.00 -15.98 -11.45
CA ALA B 129 -7.50 -14.78 -12.10
C ALA B 129 -8.85 -15.10 -12.75
N CYS B 130 -9.85 -14.27 -12.46
CA CYS B 130 -11.13 -14.38 -13.13
C CYS B 130 -11.62 -12.99 -13.49
N LYS B 131 -12.17 -12.85 -14.69
CA LYS B 131 -12.88 -11.62 -15.03
C LYS B 131 -14.06 -11.45 -14.10
N ILE B 132 -14.20 -10.24 -13.55
CA ILE B 132 -15.22 -9.95 -12.55
C ILE B 132 -16.32 -9.15 -13.23
N GLU B 133 -17.49 -9.77 -13.36
CA GLU B 133 -18.64 -9.12 -13.99
C GLU B 133 -19.31 -8.28 -12.93
N VAL B 134 -19.09 -6.98 -12.98
CA VAL B 134 -19.59 -6.04 -11.98
C VAL B 134 -20.72 -5.27 -12.62
N LYS B 135 -21.96 -5.62 -12.27
CA LYS B 135 -23.14 -4.89 -12.71
C LYS B 135 -24.04 -4.67 -11.51
N HIS B 136 -24.72 -5.73 -11.07
CA HIS B 136 -25.67 -5.65 -9.97
C HIS B 136 -24.91 -5.69 -8.64
N PHE B 137 -24.15 -4.63 -8.41
CA PHE B 137 -23.45 -4.47 -7.15
C PHE B 137 -24.46 -4.14 -6.06
N PRO B 138 -24.34 -4.78 -4.89
CA PRO B 138 -23.36 -5.82 -4.57
C PRO B 138 -23.92 -7.24 -4.71
N PHE B 139 -25.19 -7.37 -5.10
CA PHE B 139 -25.80 -8.69 -5.31
C PHE B 139 -25.31 -9.23 -6.65
N ASP B 140 -24.08 -9.73 -6.66
CA ASP B 140 -23.48 -10.21 -7.90
C ASP B 140 -23.00 -11.64 -7.72
N GLN B 141 -23.21 -12.45 -8.75
CA GLN B 141 -22.72 -13.81 -8.80
C GLN B 141 -21.49 -13.83 -9.70
N GLN B 142 -20.36 -14.23 -9.12
CA GLN B 142 -19.10 -14.27 -9.87
C GLN B 142 -18.76 -15.72 -10.20
N ASN B 143 -18.73 -16.03 -11.48
CA ASN B 143 -18.25 -17.30 -12.00
C ASN B 143 -16.73 -17.16 -12.15
N CYS B 144 -15.98 -17.71 -11.21
CA CYS B 144 -14.53 -17.64 -11.21
C CYS B 144 -13.95 -19.04 -11.40
N THR B 145 -12.95 -19.14 -12.27
CA THR B 145 -12.44 -20.41 -12.76
C THR B 145 -11.05 -20.70 -12.19
N MET B 146 -10.57 -21.91 -12.48
CA MET B 146 -9.14 -22.22 -12.37
C MET B 146 -8.86 -23.44 -13.23
N LYS B 147 -7.92 -23.31 -14.15
CA LYS B 147 -7.52 -24.38 -15.04
C LYS B 147 -6.41 -25.21 -14.38
N PHE B 148 -6.63 -26.53 -14.30
CA PHE B 148 -5.58 -27.48 -13.96
C PHE B 148 -5.20 -28.27 -15.20
N ARG B 149 -3.90 -28.41 -15.44
CA ARG B 149 -3.40 -29.15 -16.58
C ARG B 149 -1.97 -29.56 -16.32
N SER B 150 -1.59 -30.73 -16.85
CA SER B 150 -0.20 -31.15 -16.84
C SER B 150 0.60 -30.25 -17.76
N TRP B 151 1.53 -29.47 -17.21
CA TRP B 151 2.32 -28.57 -18.04
C TRP B 151 3.42 -29.29 -18.80
N THR B 152 3.58 -30.59 -18.60
CA THR B 152 4.60 -31.38 -19.27
C THR B 152 4.02 -32.33 -20.32
N TYR B 153 3.05 -33.15 -19.95
CA TYR B 153 2.54 -34.20 -20.82
C TYR B 153 1.22 -33.78 -21.46
N ASP B 154 1.01 -34.25 -22.69
CA ASP B 154 -0.19 -33.96 -23.45
C ASP B 154 -1.12 -35.17 -23.43
N ARG B 155 -2.27 -35.04 -24.11
CA ARG B 155 -3.19 -36.17 -24.20
C ARG B 155 -2.64 -37.26 -25.11
N THR B 156 -1.56 -37.88 -24.66
CA THR B 156 -0.92 -38.99 -25.34
C THR B 156 -0.36 -39.89 -24.26
N GLU B 157 0.50 -39.30 -23.44
CA GLU B 157 1.18 -39.99 -22.37
C GLU B 157 0.46 -39.87 -21.03
N ILE B 158 -0.45 -38.91 -20.87
CA ILE B 158 -1.23 -38.73 -19.66
C ILE B 158 -2.65 -38.30 -20.02
N ASP B 159 -3.64 -38.83 -19.27
CA ASP B 159 -5.03 -38.46 -19.42
C ASP B 159 -5.60 -38.11 -18.04
N LEU B 160 -6.53 -37.16 -18.01
CA LEU B 160 -7.04 -36.59 -16.77
C LEU B 160 -8.51 -36.94 -16.57
N VAL B 161 -8.88 -37.27 -15.33
CA VAL B 161 -10.23 -37.70 -14.98
C VAL B 161 -10.68 -36.99 -13.71
N LEU B 162 -11.99 -36.74 -13.61
CA LEU B 162 -12.59 -36.18 -12.41
C LEU B 162 -13.10 -37.29 -11.51
N LYS B 163 -12.81 -37.19 -10.21
CA LYS B 163 -13.48 -38.02 -9.22
C LYS B 163 -14.86 -37.49 -8.85
N SER B 164 -15.15 -36.24 -9.20
CA SER B 164 -16.45 -35.64 -8.91
C SER B 164 -16.62 -34.42 -9.79
N GLU B 165 -17.87 -34.11 -10.13
CA GLU B 165 -18.15 -32.86 -10.81
C GLU B 165 -18.04 -31.68 -9.85
N VAL B 166 -18.69 -31.78 -8.70
CA VAL B 166 -18.64 -30.73 -7.70
C VAL B 166 -17.34 -30.86 -6.90
N ALA B 167 -16.71 -29.72 -6.61
CA ALA B 167 -15.54 -29.71 -5.76
C ALA B 167 -15.91 -30.01 -4.31
N SER B 168 -14.99 -30.63 -3.59
CA SER B 168 -15.25 -31.04 -2.21
C SER B 168 -15.17 -29.83 -1.28
N LEU B 169 -16.25 -29.58 -0.56
CA LEU B 169 -16.34 -28.56 0.49
C LEU B 169 -16.16 -29.17 1.88
N ASP B 170 -15.29 -30.17 1.99
CA ASP B 170 -15.36 -31.12 3.10
C ASP B 170 -15.02 -30.46 4.42
N ASP B 171 -13.98 -29.64 4.45
CA ASP B 171 -13.41 -29.08 5.67
C ASP B 171 -13.36 -27.57 5.57
N PHE B 172 -14.43 -27.00 5.05
CA PHE B 172 -14.50 -25.62 4.61
C PHE B 172 -14.94 -24.72 5.76
N THR B 173 -14.14 -23.68 6.04
CA THR B 173 -14.61 -22.65 6.96
C THR B 173 -15.60 -21.77 6.19
N PRO B 174 -16.89 -21.84 6.52
CA PRO B 174 -17.88 -21.16 5.68
C PRO B 174 -17.76 -19.66 5.67
N SER B 175 -17.21 -19.07 6.73
CA SER B 175 -17.26 -17.62 6.95
C SER B 175 -16.46 -16.85 5.92
N GLY B 176 -17.10 -16.54 4.78
CA GLY B 176 -16.62 -15.51 3.88
C GLY B 176 -17.62 -14.37 3.76
N GLU B 177 -17.18 -13.32 3.06
CA GLU B 177 -18.15 -12.45 2.40
C GLU B 177 -19.08 -13.25 1.52
N TRP B 178 -18.60 -14.36 0.96
CA TRP B 178 -19.19 -15.03 -0.17
C TRP B 178 -19.90 -16.32 0.22
N ASP B 179 -20.95 -16.64 -0.53
CA ASP B 179 -21.65 -17.91 -0.45
C ASP B 179 -21.23 -18.77 -1.63
N ILE B 180 -20.95 -20.05 -1.36
CA ILE B 180 -20.69 -21.01 -2.42
C ILE B 180 -22.05 -21.46 -2.98
N VAL B 181 -22.34 -21.06 -4.21
CA VAL B 181 -23.62 -21.40 -4.83
C VAL B 181 -23.54 -22.72 -5.57
N ALA B 182 -22.50 -22.89 -6.39
CA ALA B 182 -22.25 -24.14 -7.08
C ALA B 182 -20.75 -24.25 -7.34
N LEU B 183 -20.29 -25.48 -7.50
CA LEU B 183 -18.86 -25.70 -7.63
C LEU B 183 -18.54 -26.81 -8.62
N PRO B 184 -19.02 -26.73 -9.86
CA PRO B 184 -18.82 -27.84 -10.80
C PRO B 184 -17.43 -27.83 -11.39
N GLY B 185 -17.07 -28.97 -11.99
CA GLY B 185 -15.81 -29.12 -12.67
C GLY B 185 -16.00 -29.87 -13.97
N ARG B 186 -15.40 -29.37 -15.05
CA ARG B 186 -15.57 -29.95 -16.37
C ARG B 186 -14.24 -30.46 -16.89
N ARG B 187 -14.33 -31.43 -17.80
CA ARG B 187 -13.16 -31.94 -18.53
C ARG B 187 -13.29 -31.50 -19.97
N ASN B 188 -12.27 -30.81 -20.48
CA ASN B 188 -12.33 -30.21 -21.79
C ASN B 188 -11.27 -30.82 -22.70
N GLU B 189 -11.59 -30.89 -23.98
CA GLU B 189 -10.70 -31.49 -24.98
C GLU B 189 -10.76 -30.65 -26.25
N ASN B 190 -9.59 -30.17 -26.68
CA ASN B 190 -9.48 -29.37 -27.90
C ASN B 190 -8.06 -29.48 -28.41
N PRO B 191 -7.84 -29.42 -29.72
CA PRO B 191 -6.46 -29.47 -30.23
C PRO B 191 -5.86 -28.10 -30.51
N ASP B 192 -4.72 -27.79 -29.88
CA ASP B 192 -3.97 -26.59 -30.24
C ASP B 192 -2.83 -27.00 -31.16
N ASP B 193 -1.64 -26.44 -30.95
CA ASP B 193 -0.45 -26.96 -31.61
C ASP B 193 -0.27 -28.44 -31.30
N SER B 194 -0.62 -28.85 -30.09
CA SER B 194 -0.65 -30.25 -29.69
C SER B 194 -1.92 -30.51 -28.88
N THR B 195 -2.38 -31.76 -28.89
CA THR B 195 -3.59 -32.11 -28.16
C THR B 195 -3.36 -32.03 -26.66
N TYR B 196 -4.35 -31.52 -25.93
CA TYR B 196 -4.22 -31.31 -24.48
C TYR B 196 -5.56 -31.58 -23.80
N VAL B 197 -5.48 -31.77 -22.48
CA VAL B 197 -6.65 -32.01 -21.64
C VAL B 197 -6.75 -30.87 -20.63
N ASP B 198 -7.95 -30.28 -20.53
CA ASP B 198 -8.23 -29.23 -19.56
C ASP B 198 -9.18 -29.73 -18.49
N ILE B 199 -8.82 -29.53 -17.23
CA ILE B 199 -9.74 -29.63 -16.10
C ILE B 199 -9.98 -28.22 -15.59
N THR B 200 -11.24 -27.79 -15.58
CA THR B 200 -11.60 -26.44 -15.15
C THR B 200 -12.68 -26.53 -14.08
N TYR B 201 -12.41 -25.90 -12.95
CA TYR B 201 -13.39 -25.79 -11.87
C TYR B 201 -14.01 -24.40 -11.89
N ASP B 202 -15.33 -24.35 -11.79
CA ASP B 202 -16.08 -23.09 -11.78
C ASP B 202 -16.55 -22.83 -10.36
N PHE B 203 -16.00 -21.79 -9.74
CA PHE B 203 -16.47 -21.32 -8.44
C PHE B 203 -17.54 -20.25 -8.70
N ILE B 204 -18.77 -20.55 -8.34
CA ILE B 204 -19.88 -19.60 -8.44
C ILE B 204 -20.17 -19.13 -7.03
N ILE B 205 -19.88 -17.85 -6.77
CA ILE B 205 -19.93 -17.30 -5.42
C ILE B 205 -20.85 -16.09 -5.42
N ARG B 206 -21.81 -16.08 -4.50
CA ARG B 206 -22.75 -14.98 -4.34
C ARG B 206 -22.30 -14.13 -3.17
N ARG B 207 -22.11 -12.84 -3.41
CA ARG B 207 -21.68 -11.95 -2.35
C ARG B 207 -22.82 -11.73 -1.36
N LYS B 208 -22.54 -11.91 -0.08
CA LYS B 208 -23.50 -11.50 0.92
C LYS B 208 -23.51 -9.98 0.96
N PRO B 209 -24.60 -9.33 0.51
CA PRO B 209 -24.54 -7.90 0.20
C PRO B 209 -24.63 -7.00 1.41
N LEU B 210 -25.04 -7.52 2.56
CA LEU B 210 -25.41 -6.73 3.73
C LEU B 210 -24.42 -5.60 4.02
N PHE B 211 -23.11 -5.87 3.91
CA PHE B 211 -22.12 -4.85 4.21
C PHE B 211 -22.26 -3.66 3.27
N TYR B 212 -22.05 -3.88 1.97
CA TYR B 212 -22.16 -2.79 1.01
C TYR B 212 -23.59 -2.29 0.88
N THR B 213 -24.57 -3.13 1.19
CA THR B 213 -25.94 -2.66 1.29
C THR B 213 -26.07 -1.57 2.34
N ILE B 214 -25.38 -1.74 3.47
CA ILE B 214 -25.35 -0.71 4.51
C ILE B 214 -24.46 0.44 4.08
N ASN B 215 -23.15 0.22 4.06
CA ASN B 215 -22.16 1.29 4.09
C ASN B 215 -21.86 1.89 2.72
N LEU B 216 -22.42 1.36 1.64
CA LEU B 216 -22.34 2.02 0.34
C LEU B 216 -23.70 2.49 -0.16
N ILE B 217 -24.67 1.58 -0.27
CA ILE B 217 -25.93 1.90 -0.93
C ILE B 217 -26.74 2.89 -0.11
N ILE B 218 -27.03 2.53 1.15
CA ILE B 218 -27.87 3.38 2.00
C ILE B 218 -27.40 4.83 2.02
N PRO B 219 -26.12 5.15 2.24
CA PRO B 219 -25.73 6.57 2.26
C PRO B 219 -25.93 7.28 0.93
N CYS B 220 -25.54 6.67 -0.20
CA CYS B 220 -25.74 7.34 -1.47
C CYS B 220 -27.21 7.40 -1.85
N VAL B 221 -28.00 6.40 -1.43
CA VAL B 221 -29.45 6.51 -1.55
C VAL B 221 -29.96 7.69 -0.74
N LEU B 222 -29.46 7.84 0.49
CA LEU B 222 -29.80 9.00 1.31
C LEU B 222 -29.49 10.30 0.60
N ILE B 223 -28.29 10.41 0.03
CA ILE B 223 -27.85 11.68 -0.54
C ILE B 223 -28.50 11.93 -1.90
N THR B 224 -28.81 10.88 -2.67
CA THR B 224 -29.48 11.09 -3.95
C THR B 224 -30.85 11.72 -3.78
N SER B 225 -31.56 11.38 -2.71
CA SER B 225 -32.85 12.02 -2.43
C SER B 225 -32.70 13.52 -2.29
N LEU B 226 -31.67 13.97 -1.56
CA LEU B 226 -31.39 15.39 -1.39
C LEU B 226 -31.42 16.17 -2.70
N ALA B 227 -31.14 15.50 -3.83
CA ALA B 227 -30.99 16.21 -5.10
C ALA B 227 -32.23 17.02 -5.45
N ILE B 228 -33.40 16.41 -5.42
CA ILE B 228 -34.62 17.10 -5.83
C ILE B 228 -35.00 18.17 -4.80
N LEU B 229 -34.74 17.90 -3.52
CA LEU B 229 -35.08 18.81 -2.44
C LEU B 229 -34.55 20.23 -2.65
N VAL B 230 -33.44 20.37 -3.39
CA VAL B 230 -32.77 21.66 -3.54
C VAL B 230 -33.71 22.76 -4.02
N PHE B 231 -34.71 22.42 -4.83
CA PHE B 231 -35.57 23.43 -5.43
C PHE B 231 -36.48 24.09 -4.39
N TYR B 232 -37.26 23.29 -3.67
CA TYR B 232 -38.15 23.72 -2.59
C TYR B 232 -37.61 24.92 -1.81
N LEU B 233 -36.32 24.88 -1.48
CA LEU B 233 -35.66 25.95 -0.75
C LEU B 233 -35.82 27.27 -1.49
N PRO B 234 -36.29 28.33 -0.82
CA PRO B 234 -36.49 29.62 -1.51
C PRO B 234 -35.17 30.37 -1.72
N SER B 235 -35.11 31.08 -2.85
CA SER B 235 -33.97 31.92 -3.17
C SER B 235 -33.55 32.82 -2.02
N ASP B 236 -34.52 33.39 -1.30
CA ASP B 236 -34.22 34.47 -0.35
C ASP B 236 -33.37 34.03 0.83
N CYS B 237 -33.27 32.72 1.09
CA CYS B 237 -32.29 32.25 2.06
C CYS B 237 -30.88 32.59 1.60
N GLY B 238 -30.63 32.54 0.30
CA GLY B 238 -29.29 32.47 -0.24
C GLY B 238 -28.74 31.06 -0.31
N GLU B 239 -29.29 30.14 0.47
CA GLU B 239 -28.71 28.81 0.64
C GLU B 239 -29.06 27.86 -0.50
N LYS B 240 -29.72 28.35 -1.55
CA LYS B 240 -30.02 27.51 -2.70
C LYS B 240 -28.74 27.00 -3.37
N MET B 241 -27.65 27.77 -3.27
CA MET B 241 -26.38 27.36 -3.85
C MET B 241 -25.69 26.32 -2.97
N THR B 242 -25.47 26.64 -1.69
CA THR B 242 -24.86 25.73 -0.73
C THR B 242 -25.42 24.31 -0.84
N LEU B 243 -26.74 24.16 -0.68
CA LEU B 243 -27.35 22.84 -0.76
C LEU B 243 -27.12 22.19 -2.11
N CYS B 244 -27.11 22.98 -3.18
CA CYS B 244 -26.96 22.41 -4.52
C CYS B 244 -25.57 21.88 -4.76
N ILE B 245 -24.54 22.64 -4.34
CA ILE B 245 -23.16 22.18 -4.50
C ILE B 245 -22.90 20.97 -3.60
N SER B 246 -23.38 21.02 -2.36
CA SER B 246 -23.12 19.95 -1.40
C SER B 246 -23.56 18.59 -1.92
N VAL B 247 -24.68 18.54 -2.65
CA VAL B 247 -25.19 17.26 -3.13
C VAL B 247 -24.29 16.70 -4.23
N LEU B 248 -23.91 17.55 -5.20
CA LEU B 248 -23.08 17.08 -6.31
C LEU B 248 -21.79 16.44 -5.83
N LEU B 249 -21.01 17.16 -5.00
CA LEU B 249 -19.71 16.67 -4.60
C LEU B 249 -19.83 15.38 -3.78
N ALA B 250 -20.81 15.30 -2.88
CA ALA B 250 -21.08 14.06 -2.16
C ALA B 250 -21.28 12.89 -3.13
N LEU B 251 -21.99 13.12 -4.23
CA LEU B 251 -22.24 12.05 -5.19
C LEU B 251 -20.97 11.68 -5.95
N THR B 252 -20.21 12.68 -6.42
CA THR B 252 -18.94 12.39 -7.07
C THR B 252 -18.00 11.64 -6.14
N VAL B 253 -17.94 12.03 -4.87
CA VAL B 253 -17.14 11.32 -3.88
C VAL B 253 -17.52 9.85 -3.84
N PHE B 254 -18.82 9.56 -3.74
CA PHE B 254 -19.27 8.18 -3.68
C PHE B 254 -19.00 7.44 -4.98
N LEU B 255 -19.18 8.11 -6.12
CA LEU B 255 -18.81 7.51 -7.40
C LEU B 255 -17.34 7.11 -7.42
N LEU B 256 -16.47 8.02 -6.99
CA LEU B 256 -15.03 7.73 -6.98
C LEU B 256 -14.71 6.63 -5.97
N LEU B 257 -15.35 6.65 -4.81
CA LEU B 257 -15.18 5.57 -3.84
C LEU B 257 -15.51 4.21 -4.44
N ILE B 258 -16.65 4.13 -5.13
CA ILE B 258 -17.03 2.90 -5.82
C ILE B 258 -16.00 2.56 -6.90
N SER B 259 -15.59 3.56 -7.68
CA SER B 259 -14.65 3.35 -8.78
C SER B 259 -13.42 2.57 -8.33
N LYS B 260 -12.86 2.91 -7.17
CA LYS B 260 -11.65 2.26 -6.69
C LYS B 260 -11.91 0.96 -5.94
N ILE B 261 -13.18 0.57 -5.79
CA ILE B 261 -13.50 -0.78 -5.31
C ILE B 261 -13.74 -1.74 -6.46
N VAL B 262 -14.50 -1.28 -7.46
CA VAL B 262 -14.79 -2.02 -8.68
C VAL B 262 -13.50 -2.20 -9.47
N PRO B 263 -13.35 -3.26 -10.26
CA PRO B 263 -12.19 -3.35 -11.15
C PRO B 263 -12.27 -2.29 -12.24
N PRO B 264 -11.14 -1.73 -12.65
CA PRO B 264 -11.18 -0.61 -13.60
C PRO B 264 -11.49 -1.04 -15.03
N THR B 265 -12.36 -2.02 -15.21
CA THR B 265 -12.60 -2.59 -16.52
C THR B 265 -13.67 -1.78 -17.27
N SER B 266 -13.64 -1.92 -18.60
CA SER B 266 -14.65 -1.33 -19.46
C SER B 266 -15.58 -2.38 -20.05
N LEU B 267 -15.56 -3.59 -19.50
CA LEU B 267 -16.47 -4.64 -19.98
C LEU B 267 -17.92 -4.24 -19.79
N ASP B 268 -18.23 -3.60 -18.66
CA ASP B 268 -19.58 -3.14 -18.38
C ASP B 268 -19.49 -2.08 -17.28
N VAL B 269 -20.62 -1.42 -17.03
CA VAL B 269 -20.71 -0.33 -16.07
C VAL B 269 -21.40 -0.86 -14.81
N PRO B 270 -20.85 -0.65 -13.63
CA PRO B 270 -21.56 -1.03 -12.40
C PRO B 270 -22.90 -0.29 -12.31
N LEU B 271 -23.98 -1.07 -12.21
CA LEU B 271 -25.33 -0.52 -12.11
C LEU B 271 -25.41 0.63 -11.11
N VAL B 272 -24.89 0.41 -9.91
CA VAL B 272 -24.83 1.47 -8.90
C VAL B 272 -24.14 2.70 -9.46
N GLY B 273 -22.96 2.51 -10.05
CA GLY B 273 -22.25 3.63 -10.63
C GLY B 273 -23.04 4.32 -11.72
N LYS B 274 -23.64 3.52 -12.61
CA LYS B 274 -24.49 4.08 -13.66
C LYS B 274 -25.61 4.92 -13.06
N TYR B 275 -26.29 4.42 -12.04
CA TYR B 275 -27.31 5.20 -11.36
C TYR B 275 -26.70 6.45 -10.73
N LEU B 276 -25.69 6.26 -9.86
CA LEU B 276 -25.02 7.38 -9.21
C LEU B 276 -24.53 8.42 -10.22
N MET B 277 -24.10 7.99 -11.40
CA MET B 277 -23.62 8.93 -12.40
C MET B 277 -24.78 9.69 -13.03
N PHE B 278 -25.85 8.99 -13.40
CA PHE B 278 -26.97 9.64 -14.06
C PHE B 278 -27.68 10.64 -13.16
N THR B 279 -27.87 10.29 -11.87
CA THR B 279 -28.39 11.29 -10.94
C THR B 279 -27.40 12.45 -10.79
N MET B 280 -26.11 12.15 -10.75
CA MET B 280 -25.09 13.19 -10.71
C MET B 280 -25.25 14.17 -11.87
N VAL B 281 -25.47 13.63 -13.07
CA VAL B 281 -25.78 14.49 -14.22
C VAL B 281 -26.99 15.35 -13.93
N LEU B 282 -28.03 14.77 -13.34
CA LEU B 282 -29.26 15.50 -13.08
C LEU B 282 -29.04 16.63 -12.07
N VAL B 283 -28.16 16.43 -11.09
CA VAL B 283 -27.91 17.47 -10.11
C VAL B 283 -27.04 18.58 -10.70
N THR B 284 -26.09 18.23 -11.57
CA THR B 284 -25.31 19.26 -12.24
C THR B 284 -26.19 20.13 -13.12
N PHE B 285 -27.14 19.53 -13.82
CA PHE B 285 -28.13 20.32 -14.55
C PHE B 285 -29.15 20.96 -13.62
N SER B 286 -29.36 20.39 -12.42
CA SER B 286 -30.08 21.11 -11.39
C SER B 286 -29.32 22.38 -10.99
N ILE B 287 -27.99 22.27 -10.87
CA ILE B 287 -27.18 23.38 -10.37
C ILE B 287 -27.31 24.60 -11.28
N VAL B 288 -27.38 24.40 -12.59
CA VAL B 288 -27.43 25.54 -13.50
C VAL B 288 -28.80 26.22 -13.44
N THR B 289 -29.87 25.43 -13.32
CA THR B 289 -31.20 26.01 -13.24
C THR B 289 -31.39 26.78 -11.93
N SER B 290 -30.83 26.26 -10.84
CA SER B 290 -30.86 26.98 -9.57
C SER B 290 -30.25 28.37 -9.69
N VAL B 291 -29.18 28.49 -10.48
CA VAL B 291 -28.59 29.80 -10.74
C VAL B 291 -29.51 30.64 -11.62
N CYS B 292 -30.02 30.03 -12.69
CA CYS B 292 -30.96 30.72 -13.57
C CYS B 292 -32.13 31.30 -12.80
N VAL B 293 -32.62 30.56 -11.80
CA VAL B 293 -33.71 31.04 -10.96
C VAL B 293 -33.30 32.34 -10.25
N LEU B 294 -32.09 32.36 -9.69
CA LEU B 294 -31.73 33.45 -8.77
C LEU B 294 -31.56 34.78 -9.50
N ASN B 295 -31.01 34.76 -10.72
CA ASN B 295 -30.89 36.01 -11.46
C ASN B 295 -32.25 36.55 -11.88
N VAL B 296 -33.22 35.66 -12.15
CA VAL B 296 -34.59 36.08 -12.42
C VAL B 296 -35.16 36.78 -11.19
N HIS B 297 -34.67 36.44 -10.00
CA HIS B 297 -35.32 36.83 -8.77
C HIS B 297 -34.93 38.23 -8.30
N HIS B 298 -33.64 38.57 -8.36
CA HIS B 298 -33.06 39.57 -7.47
C HIS B 298 -32.95 40.97 -8.07
N ARG B 299 -33.57 41.25 -9.21
CA ARG B 299 -33.47 42.60 -9.76
C ARG B 299 -34.70 42.96 -10.57
N SER B 300 -35.30 44.11 -10.25
CA SER B 300 -36.45 44.67 -10.95
C SER B 300 -36.17 45.98 -11.70
N PRO B 301 -35.26 46.85 -11.26
CA PRO B 301 -35.06 48.11 -12.00
C PRO B 301 -34.47 47.88 -13.38
N THR B 302 -34.97 48.66 -14.34
CA THR B 302 -34.57 48.57 -15.75
C THR B 302 -34.54 47.13 -16.23
N THR B 303 -35.61 46.40 -15.94
CA THR B 303 -35.77 45.03 -16.36
C THR B 303 -36.83 44.94 -17.45
N HIS B 304 -36.62 44.02 -18.40
CA HIS B 304 -37.60 43.78 -19.44
C HIS B 304 -38.97 43.47 -18.86
N THR B 305 -39.06 42.41 -18.05
CA THR B 305 -40.32 41.91 -17.52
C THR B 305 -41.38 41.80 -18.63
N MET B 306 -40.95 41.29 -19.78
CA MET B 306 -41.82 41.24 -20.96
C MET B 306 -43.12 40.52 -20.65
N ALA B 307 -44.24 41.24 -20.80
CA ALA B 307 -45.56 40.74 -20.45
C ALA B 307 -45.85 39.34 -20.98
N PRO B 308 -45.68 39.02 -22.27
CA PRO B 308 -46.01 37.65 -22.71
C PRO B 308 -45.15 36.58 -22.07
N TRP B 309 -44.01 36.94 -21.48
CA TRP B 309 -43.22 36.01 -20.69
C TRP B 309 -43.64 36.01 -19.23
N VAL B 310 -44.11 37.15 -18.72
CA VAL B 310 -44.65 37.19 -17.37
C VAL B 310 -46.03 36.54 -17.32
N LYS B 311 -46.84 36.75 -18.38
CA LYS B 311 -48.13 36.10 -18.45
C LYS B 311 -48.00 34.58 -18.52
N VAL B 312 -47.06 34.08 -19.31
CA VAL B 312 -46.90 32.63 -19.46
C VAL B 312 -46.56 32.00 -18.12
N VAL B 313 -45.76 32.67 -17.31
CA VAL B 313 -45.26 32.09 -16.06
C VAL B 313 -46.23 32.35 -14.91
N PHE B 314 -46.53 33.62 -14.65
CA PHE B 314 -47.44 33.95 -13.56
C PHE B 314 -48.87 33.49 -13.86
N LEU B 315 -49.38 33.80 -15.04
CA LEU B 315 -50.80 33.63 -15.30
C LEU B 315 -51.13 32.28 -15.93
N GLU B 316 -50.25 31.73 -16.77
CA GLU B 316 -50.53 30.51 -17.51
C GLU B 316 -49.93 29.27 -16.87
N LYS B 317 -48.67 29.32 -16.46
CA LYS B 317 -48.01 28.13 -15.91
C LYS B 317 -48.48 27.84 -14.48
N LEU B 318 -48.59 28.87 -13.64
CA LEU B 318 -49.01 28.68 -12.25
C LEU B 318 -50.28 27.84 -12.12
N PRO B 319 -51.38 28.10 -12.82
CA PRO B 319 -52.53 27.19 -12.72
C PRO B 319 -52.29 25.87 -13.42
N ALA B 320 -51.52 25.84 -14.50
CA ALA B 320 -51.18 24.57 -15.13
C ALA B 320 -50.42 23.67 -14.17
N LEU B 321 -49.55 24.26 -13.35
CA LEU B 321 -48.81 23.48 -12.36
C LEU B 321 -49.70 23.08 -11.20
N LEU B 322 -50.40 24.05 -10.60
CA LEU B 322 -51.26 23.75 -9.46
C LEU B 322 -52.40 22.81 -9.83
N PHE B 323 -52.97 23.00 -11.02
CA PHE B 323 -54.06 22.14 -11.48
C PHE B 323 -53.51 21.05 -12.40
N SER B 339 -41.85 44.12 -7.76
CA SER B 339 -40.79 43.13 -7.86
C SER B 339 -41.20 41.82 -7.19
N GLU B 340 -42.33 41.85 -6.48
CA GLU B 340 -42.85 40.62 -5.91
C GLU B 340 -43.34 39.67 -6.99
N ASP B 341 -43.85 40.23 -8.11
CA ASP B 341 -44.09 39.42 -9.30
C ASP B 341 -42.80 38.78 -9.79
N TRP B 342 -41.69 39.51 -9.75
CA TRP B 342 -40.40 38.95 -10.11
C TRP B 342 -40.05 37.77 -9.20
N LYS B 343 -40.22 37.95 -7.88
CA LYS B 343 -40.05 36.83 -6.96
C LYS B 343 -40.98 35.68 -7.32
N TYR B 344 -42.21 35.99 -7.74
CA TYR B 344 -43.15 34.95 -8.14
C TYR B 344 -42.62 34.16 -9.32
N VAL B 345 -42.26 34.84 -10.40
CA VAL B 345 -41.77 34.16 -11.61
C VAL B 345 -40.60 33.24 -11.26
N ALA B 346 -39.74 33.67 -10.33
CA ALA B 346 -38.70 32.78 -9.82
C ALA B 346 -39.31 31.54 -9.17
N MET B 347 -40.24 31.74 -8.23
CA MET B 347 -40.91 30.63 -7.56
C MET B 347 -41.53 29.65 -8.57
N VAL B 348 -42.07 30.17 -9.68
CA VAL B 348 -42.77 29.31 -10.62
C VAL B 348 -41.79 28.57 -11.53
N ILE B 349 -40.82 29.30 -12.10
CA ILE B 349 -39.83 28.63 -12.94
C ILE B 349 -39.06 27.60 -12.14
N ASP B 350 -38.95 27.80 -10.82
CA ASP B 350 -38.47 26.77 -9.91
C ASP B 350 -39.42 25.58 -9.91
N ARG B 351 -40.62 25.77 -9.35
CA ARG B 351 -41.58 24.68 -9.17
C ARG B 351 -41.92 23.97 -10.48
N LEU B 352 -41.75 24.64 -11.62
CA LEU B 352 -41.86 23.94 -12.90
C LEU B 352 -40.84 22.82 -12.99
N PHE B 353 -39.56 23.15 -12.83
CA PHE B 353 -38.50 22.14 -12.90
C PHE B 353 -38.62 21.11 -11.79
N LEU B 354 -39.13 21.51 -10.61
CA LEU B 354 -39.33 20.56 -9.52
C LEU B 354 -40.27 19.44 -9.94
N TRP B 355 -41.43 19.79 -10.50
CA TRP B 355 -42.34 18.79 -11.03
C TRP B 355 -41.65 17.88 -12.05
N ILE B 356 -40.80 18.46 -12.90
CA ILE B 356 -40.05 17.68 -13.87
C ILE B 356 -39.12 16.70 -13.16
N PHE B 357 -38.35 17.18 -12.18
CA PHE B 357 -37.32 16.36 -11.56
C PHE B 357 -37.93 15.21 -10.76
N VAL B 358 -39.03 15.47 -10.04
CA VAL B 358 -39.67 14.41 -9.26
C VAL B 358 -40.14 13.29 -10.18
N PHE B 359 -40.72 13.65 -11.33
CA PHE B 359 -41.12 12.64 -12.30
C PHE B 359 -39.91 11.92 -12.88
N VAL B 360 -38.92 12.67 -13.35
CA VAL B 360 -37.76 12.06 -14.00
C VAL B 360 -37.01 11.16 -13.02
N CYS B 361 -36.83 11.61 -11.79
CA CYS B 361 -36.11 10.82 -10.79
C CYS B 361 -36.81 9.49 -10.56
N VAL B 362 -38.12 9.52 -10.31
CA VAL B 362 -38.86 8.28 -10.06
C VAL B 362 -38.93 7.43 -11.32
N PHE B 363 -39.23 8.06 -12.46
CA PHE B 363 -39.17 7.37 -13.75
C PHE B 363 -37.78 6.78 -13.98
N GLY B 364 -36.72 7.47 -13.57
CA GLY B 364 -35.38 6.96 -13.77
C GLY B 364 -35.08 5.76 -12.88
N THR B 365 -35.41 5.86 -11.60
CA THR B 365 -35.23 4.73 -10.70
C THR B 365 -36.13 3.55 -11.09
N ILE B 366 -37.33 3.83 -11.60
CA ILE B 366 -38.18 2.77 -12.13
C ILE B 366 -37.51 2.11 -13.34
N GLY B 367 -36.89 2.92 -14.20
CA GLY B 367 -36.14 2.36 -15.31
C GLY B 367 -34.89 1.63 -14.85
N MET B 368 -34.20 2.19 -13.86
CA MET B 368 -33.03 1.52 -13.29
C MET B 368 -33.39 0.15 -12.74
N PHE B 369 -34.38 0.11 -11.83
CA PHE B 369 -34.74 -1.13 -11.15
C PHE B 369 -35.48 -2.11 -12.07
N LEU B 370 -36.07 -1.63 -13.15
CA LEU B 370 -36.67 -2.53 -14.14
C LEU B 370 -35.66 -3.54 -14.67
N GLN B 371 -34.40 -3.11 -14.86
CA GLN B 371 -33.41 -4.00 -15.47
C GLN B 371 -33.04 -5.17 -14.57
N PRO B 372 -32.69 -4.99 -13.29
CA PRO B 372 -32.41 -6.17 -12.45
C PRO B 372 -33.63 -7.02 -12.16
N LEU B 373 -34.82 -6.43 -12.08
CA LEU B 373 -36.03 -7.20 -11.85
C LEU B 373 -36.29 -8.12 -13.03
N THR C 1 8.79 -47.36 -21.86
CA THR C 1 8.85 -46.91 -20.48
C THR C 1 9.99 -47.59 -19.74
N ASP C 2 9.97 -48.92 -19.69
CA ASP C 2 11.17 -49.66 -19.29
C ASP C 2 12.30 -49.38 -20.27
N THR C 3 11.97 -49.26 -21.56
CA THR C 3 12.95 -48.87 -22.56
C THR C 3 13.27 -47.38 -22.46
N GLU C 4 12.26 -46.55 -22.16
CA GLU C 4 12.51 -45.14 -21.85
C GLU C 4 13.57 -45.01 -20.76
N GLU C 5 13.46 -45.83 -19.72
CA GLU C 5 14.48 -45.84 -18.67
C GLU C 5 15.86 -46.08 -19.23
N ARG C 6 15.97 -46.96 -20.23
CA ARG C 6 17.25 -47.18 -20.90
C ARG C 6 17.65 -45.97 -21.73
N LEU C 7 16.75 -45.50 -22.61
CA LEU C 7 17.08 -44.38 -23.49
C LEU C 7 17.56 -43.16 -22.71
N VAL C 8 16.79 -42.73 -21.71
CA VAL C 8 17.20 -41.59 -20.88
C VAL C 8 18.58 -41.81 -20.31
N GLU C 9 18.85 -43.01 -19.78
CA GLU C 9 20.13 -43.29 -19.16
C GLU C 9 21.27 -43.00 -20.13
N HIS C 10 21.19 -43.53 -21.35
CA HIS C 10 22.21 -43.26 -22.37
C HIS C 10 22.40 -41.77 -22.59
N LEU C 11 21.29 -41.04 -22.80
CA LEU C 11 21.39 -39.65 -23.23
C LEU C 11 21.88 -38.73 -22.11
N LEU C 12 21.51 -39.02 -20.86
CA LEU C 12 21.87 -38.13 -19.75
C LEU C 12 23.04 -38.63 -18.92
N ASP C 13 23.44 -39.90 -19.05
CA ASP C 13 24.64 -40.40 -18.36
C ASP C 13 25.80 -39.49 -18.73
N PRO C 14 26.35 -38.73 -17.76
CA PRO C 14 27.24 -37.60 -18.07
C PRO C 14 28.43 -37.95 -18.96
N SER C 15 28.83 -39.22 -18.98
CA SER C 15 29.88 -39.66 -19.90
C SER C 15 29.57 -39.27 -21.33
N ARG C 16 28.30 -39.35 -21.73
CA ARG C 16 27.90 -38.89 -23.06
C ARG C 16 27.65 -37.39 -23.10
N TYR C 17 27.01 -36.84 -22.07
CA TYR C 17 26.49 -35.48 -22.11
C TYR C 17 27.13 -34.62 -21.03
N ASN C 18 27.66 -33.47 -21.45
CA ASN C 18 28.06 -32.41 -20.53
C ASN C 18 27.12 -31.22 -20.78
N LYS C 19 26.15 -31.03 -19.89
CA LYS C 19 25.23 -29.89 -20.02
C LYS C 19 25.99 -28.57 -20.13
N LEU C 20 27.05 -28.41 -19.34
CA LEU C 20 27.83 -27.19 -19.27
C LEU C 20 28.37 -26.73 -20.62
N ILE C 21 28.34 -27.60 -21.62
CA ILE C 21 28.90 -27.30 -22.94
C ILE C 21 27.79 -27.33 -23.98
N ARG C 22 27.66 -26.24 -24.73
CA ARG C 22 26.76 -26.15 -25.86
C ARG C 22 27.04 -27.26 -26.88
N PRO C 23 26.00 -27.85 -27.48
CA PRO C 23 26.23 -28.76 -28.61
C PRO C 23 26.12 -28.10 -29.97
N ALA C 24 27.24 -28.04 -30.70
CA ALA C 24 27.22 -27.86 -32.14
C ALA C 24 28.27 -28.79 -32.74
N THR C 25 28.05 -29.18 -33.99
CA THR C 25 28.95 -30.15 -34.62
C THR C 25 30.37 -29.62 -34.72
N ASN C 26 30.54 -28.48 -35.38
CA ASN C 26 31.80 -27.77 -35.39
C ASN C 26 31.72 -26.55 -34.46
N GLY C 27 32.85 -26.21 -33.85
CA GLY C 27 32.95 -24.92 -33.17
C GLY C 27 32.80 -23.77 -34.13
N SER C 28 33.23 -23.96 -35.38
CA SER C 28 32.89 -23.03 -36.46
C SER C 28 31.38 -22.84 -36.56
N GLU C 29 30.64 -23.94 -36.57
CA GLU C 29 29.20 -23.89 -36.81
C GLU C 29 28.48 -23.25 -35.62
N LEU C 30 27.44 -22.48 -35.92
CA LEU C 30 26.65 -21.82 -34.89
C LEU C 30 25.33 -22.54 -34.67
N VAL C 31 24.82 -22.45 -33.44
CA VAL C 31 23.51 -22.96 -33.09
C VAL C 31 22.48 -21.88 -33.32
N THR C 32 21.38 -22.23 -33.97
CA THR C 32 20.25 -21.33 -34.14
C THR C 32 19.12 -21.75 -33.20
N VAL C 33 18.47 -20.76 -32.58
CA VAL C 33 17.38 -21.00 -31.65
C VAL C 33 16.17 -20.23 -32.14
N GLN C 34 15.01 -20.87 -32.13
CA GLN C 34 13.78 -20.26 -32.59
C GLN C 34 12.96 -19.82 -31.37
N LEU C 35 12.47 -18.59 -31.42
CA LEU C 35 11.78 -17.99 -30.28
C LEU C 35 10.45 -17.44 -30.75
N MET C 36 9.36 -17.99 -30.22
CA MET C 36 8.03 -17.44 -30.40
C MET C 36 7.41 -17.33 -29.01
N VAL C 37 6.58 -16.32 -28.82
CA VAL C 37 6.10 -15.95 -27.50
C VAL C 37 4.57 -15.98 -27.50
N SER C 38 4.01 -16.56 -26.45
CA SER C 38 2.58 -16.79 -26.36
C SER C 38 2.01 -16.02 -25.17
N LEU C 39 1.02 -15.17 -25.42
CA LEU C 39 0.25 -14.58 -24.35
C LEU C 39 -0.78 -15.58 -23.85
N ALA C 40 -0.85 -15.74 -22.53
CA ALA C 40 -1.98 -16.42 -21.91
C ALA C 40 -2.97 -15.41 -21.33
N GLN C 41 -2.46 -14.32 -20.76
CA GLN C 41 -3.27 -13.15 -20.46
C GLN C 41 -2.36 -11.98 -20.17
N LEU C 42 -2.79 -10.78 -20.58
CA LEU C 42 -2.15 -9.55 -20.15
C LEU C 42 -2.79 -9.14 -18.84
N ILE C 43 -1.99 -9.06 -17.78
CA ILE C 43 -2.54 -8.93 -16.44
C ILE C 43 -2.69 -7.47 -16.06
N SER C 44 -1.58 -6.76 -15.95
CA SER C 44 -1.61 -5.41 -15.40
C SER C 44 -0.76 -4.46 -16.22
N VAL C 45 -1.28 -3.26 -16.44
CA VAL C 45 -0.54 -2.15 -17.03
C VAL C 45 -0.56 -1.03 -16.00
N HIS C 46 0.43 -1.04 -15.11
CA HIS C 46 0.48 -0.03 -14.04
C HIS C 46 1.15 1.21 -14.62
N GLU C 47 0.35 2.24 -14.90
CA GLU C 47 0.87 3.41 -15.59
C GLU C 47 1.79 4.21 -14.68
N ARG C 48 1.32 4.48 -13.45
CA ARG C 48 2.15 5.10 -12.42
C ARG C 48 3.54 4.49 -12.35
N GLU C 49 3.62 3.17 -12.30
CA GLU C 49 4.88 2.46 -12.13
C GLU C 49 5.54 2.06 -13.44
N GLN C 50 4.87 2.29 -14.58
CA GLN C 50 5.45 2.06 -15.90
C GLN C 50 5.86 0.60 -16.07
N ILE C 51 4.91 -0.29 -15.84
CA ILE C 51 5.20 -1.72 -15.73
C ILE C 51 4.08 -2.51 -16.38
N MET C 52 4.44 -3.46 -17.25
CA MET C 52 3.52 -4.45 -17.78
C MET C 52 3.80 -5.79 -17.12
N THR C 53 2.79 -6.36 -16.49
CA THR C 53 2.86 -7.72 -15.97
C THR C 53 2.10 -8.65 -16.91
N THR C 54 2.81 -9.57 -17.55
CA THR C 54 2.21 -10.58 -18.40
C THR C 54 2.65 -11.97 -17.93
N ASN C 55 1.82 -12.96 -18.20
CA ASN C 55 2.22 -14.35 -18.06
C ASN C 55 2.40 -14.91 -19.46
N VAL C 56 3.45 -15.71 -19.65
CA VAL C 56 3.98 -15.93 -20.99
C VAL C 56 4.57 -17.34 -21.07
N TRP C 57 4.25 -18.04 -22.15
CA TRP C 57 4.99 -19.21 -22.58
C TRP C 57 5.80 -18.80 -23.80
N LEU C 58 7.12 -19.03 -23.75
CA LEU C 58 8.02 -18.68 -24.84
C LEU C 58 8.57 -19.99 -25.41
N THR C 59 8.15 -20.31 -26.63
CA THR C 59 8.58 -21.57 -27.27
C THR C 59 10.01 -21.43 -27.74
N GLN C 60 10.91 -22.19 -27.14
CA GLN C 60 12.33 -22.21 -27.50
C GLN C 60 12.62 -23.50 -28.25
N GLU C 61 13.25 -23.37 -29.42
CA GLU C 61 13.51 -24.51 -30.29
C GLU C 61 14.97 -24.49 -30.73
N TRP C 62 15.61 -25.66 -30.69
CA TRP C 62 16.97 -25.85 -31.21
C TRP C 62 17.20 -27.35 -31.32
N GLU C 63 18.41 -27.72 -31.73
CA GLU C 63 18.75 -29.12 -32.00
C GLU C 63 20.08 -29.47 -31.38
N ASP C 64 20.17 -30.68 -30.84
CA ASP C 64 21.39 -31.20 -30.23
C ASP C 64 21.76 -32.50 -30.92
N TYR C 65 22.96 -32.54 -31.53
CA TYR C 65 23.48 -33.79 -32.07
C TYR C 65 23.71 -34.80 -30.95
N ARG C 66 23.94 -34.33 -29.72
CA ARG C 66 24.19 -35.23 -28.60
C ARG C 66 22.98 -36.11 -28.28
N LEU C 67 21.77 -35.60 -28.56
CA LEU C 67 20.53 -36.23 -28.08
C LEU C 67 19.76 -36.93 -29.20
N THR C 68 20.47 -37.46 -30.19
CA THR C 68 19.84 -38.26 -31.22
C THR C 68 19.76 -39.72 -30.80
N TRP C 69 18.83 -40.45 -31.41
CA TRP C 69 18.80 -41.89 -31.28
C TRP C 69 17.97 -42.48 -32.41
N LYS C 70 18.19 -43.77 -32.66
CA LYS C 70 17.43 -44.55 -33.64
C LYS C 70 16.17 -45.12 -32.98
N PRO C 71 14.99 -44.91 -33.56
CA PRO C 71 13.78 -45.49 -32.96
C PRO C 71 13.79 -47.01 -32.96
N GLU C 72 14.22 -47.64 -34.05
CA GLU C 72 14.37 -49.10 -34.08
C GLU C 72 15.18 -49.60 -32.88
N GLU C 73 16.19 -48.84 -32.47
CA GLU C 73 17.09 -49.29 -31.42
C GLU C 73 16.39 -49.39 -30.07
N PHE C 74 15.34 -48.58 -29.82
CA PHE C 74 14.71 -48.53 -28.49
C PHE C 74 13.18 -48.47 -28.62
N ASP C 75 12.57 -49.60 -28.97
CA ASP C 75 11.11 -49.78 -28.96
C ASP C 75 10.37 -48.66 -29.68
N ASN C 76 10.97 -48.16 -30.76
CA ASN C 76 10.30 -47.23 -31.69
C ASN C 76 9.86 -45.94 -30.98
N MET C 77 10.70 -45.45 -30.07
CA MET C 77 10.43 -44.18 -29.40
C MET C 77 10.62 -43.03 -30.39
N LYS C 78 9.59 -42.22 -30.58
CA LYS C 78 9.76 -40.99 -31.37
C LYS C 78 10.21 -39.81 -30.52
N LYS C 79 9.62 -39.63 -29.33
CA LYS C 79 9.80 -38.42 -28.54
C LYS C 79 9.87 -38.76 -27.06
N VAL C 80 10.74 -38.06 -26.33
CA VAL C 80 10.95 -38.27 -24.91
C VAL C 80 11.05 -36.93 -24.19
N ARG C 81 10.44 -36.83 -23.01
CA ARG C 81 10.54 -35.65 -22.17
C ARG C 81 11.76 -35.75 -21.25
N LEU C 82 12.45 -34.63 -21.06
CA LEU C 82 13.65 -34.59 -20.23
C LEU C 82 13.61 -33.36 -19.32
N PRO C 83 14.14 -33.49 -18.11
CA PRO C 83 14.18 -32.35 -17.18
C PRO C 83 15.13 -31.27 -17.69
N SER C 84 14.58 -30.07 -17.93
CA SER C 84 15.35 -28.98 -18.53
C SER C 84 16.64 -28.70 -17.78
N LYS C 85 16.62 -28.81 -16.45
CA LYS C 85 17.81 -28.50 -15.67
C LYS C 85 18.98 -29.44 -16.01
N HIS C 86 18.71 -30.66 -16.45
CA HIS C 86 19.78 -31.60 -16.71
C HIS C 86 20.37 -31.48 -18.11
N ILE C 87 19.59 -31.00 -19.09
CA ILE C 87 20.10 -30.85 -20.46
C ILE C 87 20.59 -29.42 -20.65
N TRP C 88 21.36 -29.19 -21.71
CA TRP C 88 21.80 -27.84 -22.04
C TRP C 88 20.68 -27.08 -22.75
N LEU C 89 20.59 -25.79 -22.47
CA LEU C 89 19.58 -24.92 -23.05
C LEU C 89 20.19 -23.54 -23.21
N PRO C 90 19.79 -22.79 -24.23
CA PRO C 90 20.33 -21.43 -24.38
C PRO C 90 19.77 -20.53 -23.30
N ASP C 91 20.66 -19.88 -22.55
CA ASP C 91 20.24 -19.05 -21.43
C ASP C 91 19.61 -17.77 -21.99
N VAL C 92 18.37 -17.92 -22.46
CA VAL C 92 17.60 -16.82 -23.02
C VAL C 92 16.80 -16.18 -21.90
N VAL C 93 16.77 -14.86 -21.87
CA VAL C 93 16.40 -14.11 -20.67
C VAL C 93 15.88 -12.74 -21.08
N LEU C 94 15.01 -12.16 -20.26
CA LEU C 94 14.59 -10.79 -20.45
C LEU C 94 15.70 -9.81 -20.09
N TYR C 95 15.87 -8.79 -20.92
CA TYR C 95 16.73 -7.66 -20.61
C TYR C 95 15.91 -6.39 -20.40
N ASN C 96 14.66 -6.54 -19.94
CA ASN C 96 13.69 -5.45 -19.81
C ASN C 96 13.09 -5.41 -18.42
N ASN C 97 13.78 -5.94 -17.42
CA ASN C 97 13.18 -6.27 -16.14
C ASN C 97 13.08 -5.05 -15.22
N ALA C 98 11.86 -4.75 -14.77
CA ALA C 98 11.63 -3.98 -13.56
C ALA C 98 11.36 -4.94 -12.41
N ASP C 99 12.17 -4.86 -11.35
CA ASP C 99 12.10 -5.81 -10.24
C ASP C 99 12.07 -7.25 -10.77
N GLY C 100 12.94 -7.52 -11.73
CA GLY C 100 12.73 -8.63 -12.63
C GLY C 100 13.26 -9.98 -12.15
N MET C 101 12.49 -11.01 -12.45
CA MET C 101 13.01 -12.37 -12.59
C MET C 101 13.51 -12.50 -14.03
N TYR C 102 14.84 -12.58 -14.19
CA TYR C 102 15.41 -12.50 -15.53
C TYR C 102 15.08 -13.72 -16.37
N GLU C 103 15.16 -14.91 -15.79
CA GLU C 103 14.85 -16.13 -16.53
C GLU C 103 13.41 -16.55 -16.23
N VAL C 104 12.96 -17.64 -16.85
CA VAL C 104 11.57 -18.05 -16.66
C VAL C 104 11.46 -18.58 -15.24
N SER C 105 10.24 -18.80 -14.77
CA SER C 105 10.07 -18.91 -13.33
C SER C 105 9.94 -20.33 -12.80
N PHE C 106 9.65 -21.33 -13.63
CA PHE C 106 9.32 -22.63 -13.07
C PHE C 106 9.80 -23.84 -13.85
N TYR C 107 10.49 -23.65 -14.98
CA TYR C 107 11.41 -24.65 -15.54
C TYR C 107 10.74 -25.98 -15.88
N SER C 108 9.77 -25.93 -16.80
CA SER C 108 9.14 -27.14 -17.35
C SER C 108 10.13 -28.13 -17.95
N ASN C 109 9.72 -29.40 -18.08
CA ASN C 109 10.47 -30.38 -18.86
C ASN C 109 10.48 -30.00 -20.34
N ALA C 110 11.49 -30.51 -21.06
CA ALA C 110 11.64 -30.27 -22.48
C ALA C 110 11.27 -31.52 -23.27
N VAL C 111 10.55 -31.33 -24.37
CA VAL C 111 10.18 -32.41 -25.27
C VAL C 111 11.28 -32.58 -26.31
N VAL C 112 11.85 -33.78 -26.39
CA VAL C 112 12.96 -34.08 -27.28
C VAL C 112 12.51 -35.12 -28.29
N SER C 113 12.81 -34.88 -29.56
CA SER C 113 12.50 -35.80 -30.64
C SER C 113 13.71 -36.68 -30.94
N TYR C 114 13.47 -37.76 -31.68
CA TYR C 114 14.53 -38.73 -31.93
C TYR C 114 15.65 -38.17 -32.79
N ASP C 115 15.37 -37.14 -33.61
CA ASP C 115 16.41 -36.53 -34.43
C ASP C 115 17.29 -35.54 -33.67
N GLY C 116 17.06 -35.38 -32.36
CA GLY C 116 17.84 -34.45 -31.57
C GLY C 116 17.30 -33.04 -31.51
N SER C 117 16.12 -32.79 -32.07
CA SER C 117 15.48 -31.49 -31.94
C SER C 117 14.79 -31.37 -30.59
N ILE C 118 14.87 -30.19 -29.99
CA ILE C 118 14.34 -29.95 -28.65
C ILE C 118 13.22 -28.92 -28.73
N PHE C 119 12.13 -29.20 -28.03
CA PHE C 119 11.00 -28.27 -27.91
C PHE C 119 10.81 -27.93 -26.45
N TRP C 120 10.96 -26.65 -26.11
CA TRP C 120 10.82 -26.17 -24.74
C TRP C 120 9.85 -25.00 -24.73
N LEU C 121 8.97 -24.98 -23.73
CA LEU C 121 8.09 -23.83 -23.49
C LEU C 121 7.82 -23.77 -21.99
N PRO C 122 8.56 -22.96 -21.25
CA PRO C 122 8.26 -22.76 -19.85
C PRO C 122 7.30 -21.60 -19.67
N PRO C 123 6.38 -21.70 -18.72
CA PRO C 123 5.60 -20.51 -18.34
C PRO C 123 6.38 -19.62 -17.39
N ALA C 124 6.15 -18.32 -17.52
CA ALA C 124 6.63 -17.37 -16.54
C ALA C 124 5.69 -16.19 -16.50
N ILE C 125 5.80 -15.41 -15.43
CA ILE C 125 5.19 -14.08 -15.38
C ILE C 125 6.32 -13.07 -15.46
N TYR C 126 6.10 -12.01 -16.23
CA TYR C 126 7.15 -11.06 -16.55
C TYR C 126 6.68 -9.66 -16.22
N LYS C 127 7.59 -8.84 -15.71
CA LYS C 127 7.27 -7.49 -15.27
C LYS C 127 8.09 -6.54 -16.14
N SER C 128 7.60 -6.32 -17.35
CA SER C 128 8.28 -5.51 -18.34
C SER C 128 8.08 -4.02 -18.05
N ALA C 129 9.13 -3.25 -18.30
CA ALA C 129 9.08 -1.80 -18.17
C ALA C 129 8.92 -1.18 -19.55
N CYS C 130 7.94 -0.29 -19.68
CA CYS C 130 7.78 0.48 -20.91
C CYS C 130 7.47 1.92 -20.56
N LYS C 131 8.08 2.86 -21.30
CA LYS C 131 7.69 4.25 -21.21
C LYS C 131 6.24 4.40 -21.61
N ILE C 132 5.47 5.12 -20.79
CA ILE C 132 4.04 5.26 -20.99
C ILE C 132 3.79 6.67 -21.52
N GLU C 133 3.37 6.76 -22.78
CA GLU C 133 3.07 8.05 -23.40
C GLU C 133 1.65 8.42 -23.02
N VAL C 134 1.52 9.34 -22.06
CA VAL C 134 0.22 9.74 -21.53
C VAL C 134 -0.09 11.12 -22.08
N LYS C 135 -0.98 11.16 -23.06
CA LYS C 135 -1.48 12.42 -23.61
C LYS C 135 -2.99 12.32 -23.73
N HIS C 136 -3.46 11.57 -24.73
CA HIS C 136 -4.89 11.44 -25.02
C HIS C 136 -5.50 10.42 -24.06
N PHE C 137 -5.53 10.80 -22.79
CA PHE C 137 -6.18 9.97 -21.77
C PHE C 137 -7.69 10.07 -21.95
N PRO C 138 -8.40 8.93 -21.88
CA PRO C 138 -7.84 7.58 -21.72
C PRO C 138 -7.71 6.81 -23.02
N PHE C 139 -8.08 7.44 -24.15
CA PHE C 139 -7.95 6.81 -25.46
C PHE C 139 -6.49 6.90 -25.89
N ASP C 140 -5.67 6.02 -25.32
CA ASP C 140 -4.23 6.05 -25.59
C ASP C 140 -3.75 4.69 -26.05
N GLN C 141 -2.85 4.69 -27.01
CA GLN C 141 -2.20 3.49 -27.51
C GLN C 141 -0.81 3.41 -26.92
N GLN C 142 -0.53 2.34 -26.18
CA GLN C 142 0.76 2.17 -25.53
C GLN C 142 1.56 1.11 -26.28
N ASN C 143 2.69 1.53 -26.84
CA ASN C 143 3.68 0.63 -27.43
C ASN C 143 4.58 0.19 -26.29
N CYS C 144 4.36 -1.02 -25.78
CA CYS C 144 5.14 -1.58 -24.69
C CYS C 144 5.95 -2.77 -25.19
N THR C 145 7.22 -2.81 -24.81
CA THR C 145 8.19 -3.73 -25.39
C THR C 145 8.59 -4.80 -24.37
N MET C 146 9.37 -5.76 -24.84
CA MET C 146 10.14 -6.64 -23.96
C MET C 146 11.26 -7.27 -24.78
N LYS C 147 12.49 -7.09 -24.32
CA LYS C 147 13.66 -7.64 -24.99
C LYS C 147 13.94 -9.05 -24.48
N PHE C 148 14.06 -10.00 -25.41
CA PHE C 148 14.59 -11.33 -25.12
C PHE C 148 15.98 -11.44 -25.73
N ARG C 149 16.93 -11.96 -24.96
CA ARG C 149 18.30 -12.13 -25.43
C ARG C 149 18.99 -13.16 -24.55
N SER C 150 19.90 -13.91 -25.16
CA SER C 150 20.78 -14.81 -24.41
C SER C 150 21.74 -13.99 -23.58
N TRP C 151 21.63 -14.08 -22.25
CA TRP C 151 22.52 -13.32 -21.39
C TRP C 151 23.92 -13.94 -21.29
N THR C 152 24.14 -15.08 -21.93
CA THR C 152 25.42 -15.77 -21.91
C THR C 152 26.15 -15.70 -23.25
N TYR C 153 25.49 -16.09 -24.34
CA TYR C 153 26.13 -16.23 -25.63
C TYR C 153 25.82 -15.03 -26.52
N ASP C 154 26.78 -14.69 -27.38
CA ASP C 154 26.66 -13.59 -28.32
C ASP C 154 26.38 -14.13 -29.72
N ARG C 155 26.25 -13.21 -30.69
CA ARG C 155 26.06 -13.64 -32.07
C ARG C 155 27.34 -14.22 -32.63
N THR C 156 27.75 -15.36 -32.09
CA THR C 156 28.91 -16.09 -32.53
C THR C 156 28.59 -17.56 -32.34
N GLU C 157 28.28 -17.90 -31.09
CA GLU C 157 27.98 -19.26 -30.69
C GLU C 157 26.49 -19.57 -30.70
N ILE C 158 25.62 -18.55 -30.72
CA ILE C 158 24.17 -18.71 -30.77
C ILE C 158 23.57 -17.62 -31.65
N ASP C 159 22.56 -17.98 -32.44
CA ASP C 159 21.80 -17.05 -33.25
C ASP C 159 20.31 -17.27 -33.00
N LEU C 160 19.54 -16.18 -33.07
CA LEU C 160 18.13 -16.19 -32.68
C LEU C 160 17.24 -15.95 -33.89
N VAL C 161 16.12 -16.68 -33.95
CA VAL C 161 15.18 -16.62 -35.07
C VAL C 161 13.77 -16.55 -34.52
N LEU C 162 12.90 -15.86 -35.26
CA LEU C 162 11.47 -15.82 -34.95
C LEU C 162 10.74 -16.92 -35.72
N LYS C 163 9.85 -17.63 -35.03
CA LYS C 163 8.90 -18.50 -35.71
C LYS C 163 7.72 -17.73 -36.27
N SER C 164 7.52 -16.49 -35.82
CA SER C 164 6.42 -15.65 -36.29
C SER C 164 6.74 -14.20 -35.95
N GLU C 165 6.22 -13.29 -36.77
CA GLU C 165 6.31 -11.87 -36.44
C GLU C 165 5.35 -11.52 -35.31
N VAL C 166 4.08 -11.90 -35.47
CA VAL C 166 3.07 -11.64 -34.45
C VAL C 166 3.20 -12.66 -33.33
N ALA C 167 3.04 -12.20 -32.09
CA ALA C 167 3.01 -13.11 -30.96
C ALA C 167 1.72 -13.91 -30.94
N SER C 168 1.81 -15.14 -30.44
CA SER C 168 0.66 -16.03 -30.42
C SER C 168 -0.31 -15.63 -29.31
N LEU C 169 -1.56 -15.36 -29.70
CA LEU C 169 -2.67 -15.10 -28.78
C LEU C 169 -3.51 -16.35 -28.56
N ASP C 170 -2.87 -17.52 -28.51
CA ASP C 170 -3.58 -18.77 -28.75
C ASP C 170 -4.53 -19.10 -27.61
N ASP C 171 -4.11 -18.90 -26.37
CA ASP C 171 -4.86 -19.31 -25.20
C ASP C 171 -5.10 -18.11 -24.29
N PHE C 172 -5.44 -16.99 -24.92
CA PHE C 172 -5.45 -15.68 -24.29
C PHE C 172 -6.83 -15.41 -23.67
N THR C 173 -6.85 -15.08 -22.39
CA THR C 173 -8.09 -14.59 -21.80
C THR C 173 -8.26 -13.14 -22.22
N PRO C 174 -9.24 -12.85 -23.08
CA PRO C 174 -9.32 -11.50 -23.67
C PRO C 174 -9.60 -10.40 -22.66
N SER C 175 -10.29 -10.71 -21.56
CA SER C 175 -10.84 -9.70 -20.67
C SER C 175 -9.76 -8.88 -19.97
N GLY C 176 -9.28 -7.83 -20.62
CA GLY C 176 -8.54 -6.77 -19.97
C GLY C 176 -9.28 -5.44 -20.04
N GLU C 177 -8.72 -4.46 -19.31
CA GLU C 177 -8.93 -3.07 -19.70
C GLU C 177 -8.56 -2.84 -21.16
N TRP C 178 -7.59 -3.60 -21.66
CA TRP C 178 -6.85 -3.29 -22.87
C TRP C 178 -7.27 -4.18 -24.03
N ASP C 179 -7.19 -3.61 -25.23
CA ASP C 179 -7.34 -4.35 -26.47
C ASP C 179 -5.96 -4.58 -27.08
N ILE C 180 -5.73 -5.80 -27.54
CA ILE C 180 -4.50 -6.10 -28.29
C ILE C 180 -4.72 -5.61 -29.72
N VAL C 181 -4.00 -4.56 -30.10
CA VAL C 181 -4.15 -3.98 -31.44
C VAL C 181 -3.21 -4.66 -32.44
N ALA C 182 -1.94 -4.78 -32.07
CA ALA C 182 -0.95 -5.49 -32.86
C ALA C 182 0.11 -6.03 -31.91
N LEU C 183 0.81 -7.08 -32.35
CA LEU C 183 1.77 -7.79 -31.49
C LEU C 183 2.97 -8.26 -32.30
N PRO C 184 3.65 -7.36 -33.00
CA PRO C 184 4.76 -7.78 -33.86
C PRO C 184 6.02 -8.04 -33.06
N GLY C 185 6.96 -8.71 -33.71
CA GLY C 185 8.26 -8.99 -33.12
C GLY C 185 9.36 -8.80 -34.14
N ARG C 186 10.44 -8.13 -33.76
CA ARG C 186 11.53 -7.82 -34.66
C ARG C 186 12.81 -8.48 -34.19
N ARG C 187 13.72 -8.72 -35.13
CA ARG C 187 15.05 -9.21 -34.84
C ARG C 187 16.04 -8.09 -35.14
N ASN C 188 16.85 -7.73 -34.14
CA ASN C 188 17.73 -6.58 -34.24
C ASN C 188 19.18 -7.04 -34.14
N GLU C 189 20.05 -6.29 -34.83
CA GLU C 189 21.48 -6.60 -34.89
C GLU C 189 22.26 -5.30 -34.83
N ASN C 190 23.13 -5.18 -33.83
CA ASN C 190 23.96 -4.01 -33.64
C ASN C 190 25.18 -4.42 -32.83
N PRO C 191 26.33 -3.78 -33.02
CA PRO C 191 27.48 -4.11 -32.18
C PRO C 191 27.63 -3.18 -30.99
N ASP C 192 27.63 -3.73 -29.78
CA ASP C 192 27.99 -2.94 -28.59
C ASP C 192 29.46 -3.22 -28.35
N ASP C 193 29.88 -3.38 -27.08
CA ASP C 193 31.23 -3.87 -26.82
C ASP C 193 31.47 -5.23 -27.49
N SER C 194 30.42 -6.04 -27.61
CA SER C 194 30.46 -7.28 -28.38
C SER C 194 29.18 -7.39 -29.20
N THR C 195 29.25 -8.13 -30.29
CA THR C 195 28.09 -8.29 -31.16
C THR C 195 27.01 -9.11 -30.47
N TYR C 196 25.75 -8.70 -30.64
CA TYR C 196 24.64 -9.34 -29.95
C TYR C 196 23.40 -9.35 -30.85
N VAL C 197 22.44 -10.20 -30.50
CA VAL C 197 21.17 -10.31 -31.20
C VAL C 197 20.05 -9.92 -30.26
N ASP C 198 19.17 -9.06 -30.72
CA ASP C 198 17.99 -8.64 -29.95
C ASP C 198 16.73 -9.20 -30.61
N ILE C 199 15.89 -9.85 -29.80
CA ILE C 199 14.50 -10.12 -30.16
C ILE C 199 13.63 -9.22 -29.30
N THR C 200 12.81 -8.40 -29.96
CA THR C 200 11.96 -7.44 -29.26
C THR C 200 10.53 -7.63 -29.73
N TYR C 201 9.62 -7.84 -28.78
CA TYR C 201 8.19 -7.91 -29.05
C TYR C 201 7.55 -6.59 -28.66
N ASP C 202 6.72 -6.05 -29.54
CA ASP C 202 6.00 -4.80 -29.31
C ASP C 202 4.55 -5.13 -29.02
N PHE C 203 4.13 -4.88 -27.79
CA PHE C 203 2.72 -4.98 -27.42
C PHE C 203 2.09 -3.61 -27.61
N ILE C 204 1.17 -3.51 -28.57
CA ILE C 204 0.44 -2.29 -28.82
C ILE C 204 -0.97 -2.52 -28.28
N ILE C 205 -1.32 -1.81 -27.21
CA ILE C 205 -2.54 -2.05 -26.47
C ILE C 205 -3.34 -0.75 -26.41
N ARG C 206 -4.60 -0.83 -26.80
CA ARG C 206 -5.50 0.31 -26.77
C ARG C 206 -6.39 0.18 -25.54
N ARG C 207 -6.39 1.20 -24.70
CA ARG C 207 -7.22 1.16 -23.51
C ARG C 207 -8.68 1.29 -23.88
N LYS C 208 -9.50 0.38 -23.38
CA LYS C 208 -10.94 0.56 -23.52
C LYS C 208 -11.33 1.69 -22.58
N PRO C 209 -11.73 2.85 -23.10
CA PRO C 209 -11.79 4.06 -22.27
C PRO C 209 -13.02 4.16 -21.39
N LEU C 210 -14.05 3.34 -21.63
CA LEU C 210 -15.36 3.49 -21.02
C LEU C 210 -15.31 3.79 -19.53
N PHE C 211 -14.42 3.12 -18.80
CA PHE C 211 -14.34 3.32 -17.36
C PHE C 211 -13.95 4.76 -17.04
N TYR C 212 -12.75 5.17 -17.47
CA TYR C 212 -12.30 6.53 -17.20
C TYR C 212 -13.12 7.56 -17.95
N THR C 213 -13.72 7.16 -19.08
CA THR C 213 -14.67 8.04 -19.75
C THR C 213 -15.84 8.38 -18.84
N ILE C 214 -16.32 7.40 -18.08
CA ILE C 214 -17.38 7.64 -17.10
C ILE C 214 -16.82 8.38 -15.89
N ASN C 215 -16.04 7.67 -15.07
CA ASN C 215 -15.76 8.08 -13.71
C ASN C 215 -14.66 9.12 -13.59
N LEU C 216 -13.98 9.49 -14.67
CA LEU C 216 -13.06 10.61 -14.65
C LEU C 216 -13.53 11.76 -15.52
N ILE C 217 -13.74 11.53 -16.81
CA ILE C 217 -13.98 12.64 -17.75
C ILE C 217 -15.33 13.30 -17.48
N ILE C 218 -16.40 12.51 -17.50
CA ILE C 218 -17.75 13.07 -17.33
C ILE C 218 -17.85 13.98 -16.11
N PRO C 219 -17.41 13.59 -14.91
CA PRO C 219 -17.54 14.50 -13.76
C PRO C 219 -16.75 15.79 -13.92
N CYS C 220 -15.49 15.73 -14.36
CA CYS C 220 -14.74 16.97 -14.52
C CYS C 220 -15.27 17.79 -15.68
N VAL C 221 -15.80 17.13 -16.72
CA VAL C 221 -16.53 17.86 -17.75
C VAL C 221 -17.76 18.55 -17.15
N LEU C 222 -18.50 17.82 -16.31
CA LEU C 222 -19.64 18.41 -15.60
C LEU C 222 -19.20 19.64 -14.81
N ILE C 223 -18.11 19.53 -14.05
CA ILE C 223 -17.71 20.59 -13.15
C ILE C 223 -17.04 21.75 -13.90
N THR C 224 -16.36 21.48 -15.02
CA THR C 224 -15.74 22.56 -15.79
C THR C 224 -16.80 23.52 -16.33
N SER C 225 -17.97 23.00 -16.70
CA SER C 225 -19.06 23.87 -17.16
C SER C 225 -19.43 24.90 -16.09
N LEU C 226 -19.53 24.46 -14.83
CA LEU C 226 -19.81 25.30 -13.68
C LEU C 226 -19.00 26.58 -13.63
N ALA C 227 -17.80 26.56 -14.22
CA ALA C 227 -16.87 27.68 -14.10
C ALA C 227 -17.48 28.98 -14.60
N ILE C 228 -18.02 28.98 -15.81
CA ILE C 228 -18.55 30.21 -16.39
C ILE C 228 -19.83 30.64 -15.69
N LEU C 229 -20.64 29.65 -15.27
CA LEU C 229 -21.92 29.91 -14.63
C LEU C 229 -21.82 30.86 -13.44
N VAL C 230 -20.66 30.90 -12.77
CA VAL C 230 -20.49 31.66 -11.53
C VAL C 230 -20.91 33.12 -11.68
N PHE C 231 -20.73 33.70 -12.87
CA PHE C 231 -20.98 35.12 -13.06
C PHE C 231 -22.46 35.45 -12.98
N TYR C 232 -23.28 34.80 -13.81
CA TYR C 232 -24.73 34.93 -13.86
C TYR C 232 -25.36 35.22 -12.49
N LEU C 233 -24.90 34.47 -11.47
CA LEU C 233 -25.38 34.65 -10.11
C LEU C 233 -25.22 36.10 -9.65
N PRO C 234 -26.26 36.74 -9.13
CA PRO C 234 -26.14 38.14 -8.69
C PRO C 234 -25.44 38.27 -7.34
N SER C 235 -24.67 39.36 -7.23
CA SER C 235 -23.97 39.70 -5.98
C SER C 235 -24.89 39.59 -4.76
N ASP C 236 -26.14 40.04 -4.88
CA ASP C 236 -26.98 40.25 -3.71
C ASP C 236 -27.33 38.95 -2.99
N CYS C 237 -27.17 37.80 -3.63
CA CYS C 237 -27.28 36.53 -2.92
C CYS C 237 -26.21 36.42 -1.83
N GLY C 238 -25.02 36.95 -2.09
CA GLY C 238 -23.86 36.61 -1.33
C GLY C 238 -23.13 35.36 -1.82
N GLU C 239 -23.83 34.51 -2.55
CA GLU C 239 -23.30 33.19 -2.90
C GLU C 239 -22.34 33.22 -4.07
N LYS C 240 -21.99 34.41 -4.57
CA LYS C 240 -21.02 34.49 -5.66
C LYS C 240 -19.67 33.92 -5.27
N MET C 241 -19.33 34.00 -3.99
CA MET C 241 -18.07 33.44 -3.51
C MET C 241 -18.14 31.92 -3.37
N THR C 242 -19.13 31.43 -2.61
CA THR C 242 -19.36 30.00 -2.43
C THR C 242 -19.23 29.21 -3.72
N LEU C 243 -20.03 29.56 -4.72
CA LEU C 243 -19.99 28.87 -6.01
C LEU C 243 -18.62 29.00 -6.67
N CYS C 244 -17.96 30.15 -6.51
CA CYS C 244 -16.68 30.36 -7.17
C CYS C 244 -15.59 29.51 -6.55
N ILE C 245 -15.55 29.46 -5.22
CA ILE C 245 -14.55 28.62 -4.55
C ILE C 245 -14.81 27.13 -4.82
N SER C 246 -16.07 26.72 -4.74
CA SER C 246 -16.43 25.31 -4.91
C SER C 246 -15.90 24.75 -6.22
N VAL C 247 -15.93 25.53 -7.29
CA VAL C 247 -15.51 25.03 -8.60
C VAL C 247 -14.00 24.80 -8.63
N LEU C 248 -13.23 25.79 -8.16
CA LEU C 248 -11.77 25.69 -8.18
C LEU C 248 -11.27 24.42 -7.50
N LEU C 249 -11.67 24.22 -6.24
CA LEU C 249 -11.14 23.09 -5.47
C LEU C 249 -11.52 21.77 -6.10
N ALA C 250 -12.77 21.64 -6.56
CA ALA C 250 -13.19 20.44 -7.29
C ALA C 250 -12.25 20.13 -8.45
N LEU C 251 -11.83 21.17 -9.18
CA LEU C 251 -10.94 20.96 -10.32
C LEU C 251 -9.54 20.56 -9.86
N THR C 252 -9.00 21.24 -8.84
CA THR C 252 -7.70 20.83 -8.29
C THR C 252 -7.76 19.40 -7.78
N VAL C 253 -8.84 19.03 -7.10
CA VAL C 253 -9.03 17.65 -6.65
C VAL C 253 -8.90 16.68 -7.82
N PHE C 254 -9.63 16.93 -8.90
CA PHE C 254 -9.58 16.04 -10.05
C PHE C 254 -8.21 16.07 -10.73
N LEU C 255 -7.59 17.26 -10.81
CA LEU C 255 -6.23 17.34 -11.33
C LEU C 255 -5.28 16.46 -10.52
N LEU C 256 -5.35 16.56 -9.19
CA LEU C 256 -4.50 15.74 -8.34
C LEU C 256 -4.84 14.26 -8.44
N LEU C 257 -6.14 13.94 -8.51
CA LEU C 257 -6.55 12.55 -8.69
C LEU C 257 -5.94 11.97 -9.97
N ILE C 258 -6.00 12.72 -11.07
CA ILE C 258 -5.37 12.28 -12.31
C ILE C 258 -3.86 12.14 -12.12
N SER C 259 -3.25 13.13 -11.46
CA SER C 259 -1.80 13.14 -11.25
C SER C 259 -1.30 11.82 -10.67
N LYS C 260 -2.01 11.27 -9.70
CA LYS C 260 -1.57 10.04 -9.03
C LYS C 260 -2.00 8.78 -9.78
N ILE C 261 -2.71 8.91 -10.89
CA ILE C 261 -2.95 7.79 -11.79
C ILE C 261 -1.92 7.75 -12.91
N VAL C 262 -1.63 8.91 -13.49
CA VAL C 262 -0.63 9.10 -14.54
C VAL C 262 0.76 8.83 -13.95
N PRO C 263 1.72 8.36 -14.75
CA PRO C 263 3.10 8.25 -14.26
C PRO C 263 3.71 9.61 -14.02
N PRO C 264 4.55 9.75 -12.99
CA PRO C 264 5.08 11.08 -12.64
C PRO C 264 6.16 11.58 -13.59
N THR C 265 6.00 11.34 -14.89
CA THR C 265 7.02 11.67 -15.85
C THR C 265 6.85 13.10 -16.36
N SER C 266 7.94 13.65 -16.87
CA SER C 266 7.94 14.97 -17.51
C SER C 266 8.11 14.86 -19.02
N LEU C 267 7.94 13.65 -19.58
CA LEU C 267 8.06 13.47 -21.01
C LEU C 267 7.00 14.29 -21.75
N ASP C 268 5.78 14.33 -21.22
CA ASP C 268 4.70 15.09 -21.82
C ASP C 268 3.62 15.31 -20.77
N VAL C 269 2.66 16.16 -21.12
CA VAL C 269 1.57 16.55 -20.22
C VAL C 269 0.31 15.79 -20.62
N PRO C 270 -0.39 15.14 -19.69
CA PRO C 270 -1.68 14.54 -20.03
C PRO C 270 -2.66 15.60 -20.54
N LEU C 271 -3.15 15.39 -21.76
CA LEU C 271 -4.10 16.32 -22.37
C LEU C 271 -5.21 16.72 -21.41
N VAL C 272 -5.85 15.73 -20.79
CA VAL C 272 -6.88 16.00 -19.80
C VAL C 272 -6.35 16.95 -18.72
N GLY C 273 -5.19 16.61 -18.15
CA GLY C 273 -4.60 17.47 -17.13
C GLY C 273 -4.33 18.88 -17.64
N LYS C 274 -3.76 18.97 -18.84
CA LYS C 274 -3.51 20.27 -19.46
C LYS C 274 -4.79 21.07 -19.58
N TYR C 275 -5.87 20.44 -20.07
CA TYR C 275 -7.17 21.10 -20.11
C TYR C 275 -7.65 21.48 -18.71
N LEU C 276 -7.73 20.48 -17.82
CA LEU C 276 -8.16 20.72 -16.45
C LEU C 276 -7.35 21.82 -15.78
N MET C 277 -6.06 21.93 -16.10
CA MET C 277 -5.24 22.98 -15.50
C MET C 277 -5.56 24.34 -16.09
N PHE C 278 -5.70 24.43 -17.41
CA PHE C 278 -5.95 25.72 -18.04
C PHE C 278 -7.32 26.29 -17.65
N THR C 279 -8.35 25.45 -17.60
CA THR C 279 -9.63 25.92 -17.07
C THR C 279 -9.49 26.33 -15.60
N MET C 280 -8.74 25.55 -14.82
CA MET C 280 -8.47 25.90 -13.43
C MET C 280 -7.86 27.30 -13.33
N VAL C 281 -6.89 27.61 -14.20
CA VAL C 281 -6.35 28.95 -14.26
C VAL C 281 -7.46 29.97 -14.51
N LEU C 282 -8.37 29.64 -15.43
CA LEU C 282 -9.44 30.57 -15.78
C LEU C 282 -10.39 30.80 -14.61
N VAL C 283 -10.61 29.78 -13.77
CA VAL C 283 -11.51 29.95 -12.63
C VAL C 283 -10.83 30.72 -11.52
N THR C 284 -9.52 30.53 -11.33
CA THR C 284 -8.79 31.31 -10.33
C THR C 284 -8.82 32.80 -10.69
N PHE C 285 -8.64 33.12 -11.97
CA PHE C 285 -8.81 34.50 -12.40
C PHE C 285 -10.28 34.90 -12.45
N SER C 286 -11.20 33.94 -12.57
CA SER C 286 -12.61 34.24 -12.32
C SER C 286 -12.81 34.68 -10.87
N ILE C 287 -12.14 34.00 -9.93
CA ILE C 287 -12.35 34.26 -8.51
C ILE C 287 -12.01 35.70 -8.15
N VAL C 288 -10.95 36.24 -8.75
CA VAL C 288 -10.53 37.60 -8.39
C VAL C 288 -11.51 38.63 -8.94
N THR C 289 -12.01 38.42 -10.16
CA THR C 289 -12.97 39.35 -10.74
C THR C 289 -14.30 39.31 -9.99
N SER C 290 -14.73 38.11 -9.56
CA SER C 290 -15.95 38.01 -8.76
C SER C 290 -15.85 38.85 -7.49
N VAL C 291 -14.66 38.92 -6.89
CA VAL C 291 -14.47 39.78 -5.74
C VAL C 291 -14.48 41.25 -6.16
N CYS C 292 -13.76 41.57 -7.24
CA CYS C 292 -13.75 42.93 -7.78
C CYS C 292 -15.16 43.45 -8.02
N VAL C 293 -16.05 42.58 -8.51
CA VAL C 293 -17.45 42.97 -8.73
C VAL C 293 -18.09 43.40 -7.41
N LEU C 294 -17.87 42.62 -6.36
CA LEU C 294 -18.66 42.80 -5.13
C LEU C 294 -18.29 44.09 -4.41
N ASN C 295 -17.02 44.47 -4.43
CA ASN C 295 -16.61 45.72 -3.80
C ASN C 295 -17.15 46.94 -4.57
N VAL C 296 -17.28 46.82 -5.89
CA VAL C 296 -17.91 47.87 -6.68
C VAL C 296 -19.37 48.02 -6.28
N HIS C 297 -19.98 46.95 -5.77
CA HIS C 297 -21.43 46.88 -5.61
C HIS C 297 -21.93 47.53 -4.31
N HIS C 298 -21.25 47.28 -3.19
CA HIS C 298 -21.89 47.35 -1.88
C HIS C 298 -21.70 48.66 -1.13
N ARG C 299 -21.19 49.71 -1.76
CA ARG C 299 -21.02 50.96 -1.02
C ARG C 299 -21.15 52.18 -1.94
N SER C 300 -22.01 53.11 -1.55
CA SER C 300 -22.23 54.38 -2.25
C SER C 300 -21.77 55.62 -1.47
N PRO C 301 -21.82 55.64 -0.13
CA PRO C 301 -21.40 56.87 0.58
C PRO C 301 -19.92 57.15 0.41
N THR C 302 -19.61 58.44 0.25
CA THR C 302 -18.24 58.94 0.04
C THR C 302 -17.48 58.10 -0.98
N THR C 303 -18.12 57.87 -2.12
CA THR C 303 -17.55 57.12 -3.23
C THR C 303 -17.23 58.06 -4.39
N HIS C 304 -16.15 57.75 -5.11
CA HIS C 304 -15.79 58.52 -6.29
C HIS C 304 -16.96 58.60 -7.27
N THR C 305 -17.43 57.44 -7.73
CA THR C 305 -18.46 57.35 -8.77
C THR C 305 -18.15 58.28 -9.94
N MET C 306 -16.87 58.30 -10.34
CA MET C 306 -16.41 59.21 -11.38
C MET C 306 -17.23 59.05 -12.65
N ALA C 307 -17.90 60.14 -13.05
CA ALA C 307 -18.81 60.14 -14.20
C ALA C 307 -18.23 59.48 -15.45
N PRO C 308 -17.03 59.83 -15.94
CA PRO C 308 -16.54 59.18 -17.16
C PRO C 308 -16.32 57.69 -17.00
N TRP C 309 -16.25 57.19 -15.77
CA TRP C 309 -16.21 55.75 -15.53
C TRP C 309 -17.60 55.16 -15.37
N VAL C 310 -18.55 55.93 -14.84
CA VAL C 310 -19.93 55.49 -14.78
C VAL C 310 -20.58 55.56 -16.15
N LYS C 311 -20.24 56.58 -16.94
CA LYS C 311 -20.74 56.69 -18.30
C LYS C 311 -20.24 55.53 -19.16
N VAL C 312 -18.96 55.19 -19.04
CA VAL C 312 -18.39 54.12 -19.86
C VAL C 312 -19.10 52.79 -19.59
N VAL C 313 -19.47 52.53 -18.33
CA VAL C 313 -20.03 51.24 -17.97
C VAL C 313 -21.54 51.23 -18.14
N PHE C 314 -22.24 52.17 -17.48
CA PHE C 314 -23.69 52.21 -17.59
C PHE C 314 -24.14 52.62 -18.99
N LEU C 315 -23.57 53.68 -19.53
CA LEU C 315 -24.11 54.28 -20.74
C LEU C 315 -23.46 53.74 -22.02
N GLU C 316 -22.17 53.41 -21.99
CA GLU C 316 -21.47 53.00 -23.20
C GLU C 316 -21.33 51.49 -23.33
N LYS C 317 -20.97 50.79 -22.26
CA LYS C 317 -20.75 49.34 -22.35
C LYS C 317 -22.07 48.58 -22.41
N LEU C 318 -23.04 48.95 -21.58
CA LEU C 318 -24.33 48.26 -21.55
C LEU C 318 -24.95 48.07 -22.92
N PRO C 319 -25.09 49.10 -23.77
CA PRO C 319 -25.60 48.83 -25.12
C PRO C 319 -24.59 48.11 -26.01
N ALA C 320 -23.29 48.36 -25.82
CA ALA C 320 -22.28 47.60 -26.54
C ALA C 320 -22.39 46.11 -26.26
N LEU C 321 -22.70 45.75 -25.01
CA LEU C 321 -22.88 44.36 -24.65
C LEU C 321 -24.20 43.82 -25.20
N LEU C 322 -25.31 44.52 -24.92
CA LEU C 322 -26.62 44.06 -25.37
C LEU C 322 -26.71 44.04 -26.89
N PHE C 323 -26.12 45.04 -27.55
CA PHE C 323 -26.14 45.11 -29.01
C PHE C 323 -24.86 44.55 -29.58
N SER C 339 -27.55 54.47 -5.43
CA SER C 339 -26.65 53.32 -5.31
C SER C 339 -27.12 52.17 -6.21
N GLU C 340 -28.32 52.31 -6.78
CA GLU C 340 -28.78 51.31 -7.73
C GLU C 340 -27.96 51.36 -9.02
N ASP C 341 -27.51 52.56 -9.40
CA ASP C 341 -26.51 52.67 -10.46
C ASP C 341 -25.24 51.92 -10.09
N TRP C 342 -24.84 51.99 -8.83
CA TRP C 342 -23.68 51.21 -8.36
C TRP C 342 -23.93 49.72 -8.54
N LYS C 343 -25.11 49.25 -8.14
CA LYS C 343 -25.49 47.86 -8.41
C LYS C 343 -25.43 47.57 -9.90
N TYR C 344 -25.86 48.53 -10.73
CA TYR C 344 -25.83 48.35 -12.18
C TYR C 344 -24.40 48.14 -12.67
N VAL C 345 -23.50 49.07 -12.34
CA VAL C 345 -22.11 48.99 -12.79
C VAL C 345 -21.51 47.64 -12.42
N ALA C 346 -21.86 47.12 -11.23
CA ALA C 346 -21.46 45.77 -10.86
C ALA C 346 -22.03 44.75 -11.85
N MET C 347 -23.34 44.80 -12.08
CA MET C 347 -23.98 43.89 -13.03
C MET C 347 -23.30 43.94 -14.40
N VAL C 348 -22.87 45.12 -14.83
CA VAL C 348 -22.30 45.27 -16.17
C VAL C 348 -20.85 44.78 -16.22
N ILE C 349 -20.03 45.22 -15.26
CA ILE C 349 -18.64 44.75 -15.22
C ILE C 349 -18.60 43.24 -15.07
N ASP C 350 -19.63 42.66 -14.45
CA ASP C 350 -19.83 41.21 -14.46
C ASP C 350 -20.07 40.71 -15.88
N ARG C 351 -21.22 41.05 -16.45
CA ARG C 351 -21.64 40.54 -17.76
C ARG C 351 -20.62 40.83 -18.85
N LEU C 352 -19.76 41.84 -18.68
CA LEU C 352 -18.64 42.04 -19.59
C LEU C 352 -17.73 40.82 -19.59
N PHE C 353 -17.22 40.44 -18.40
CA PHE C 353 -16.34 39.28 -18.31
C PHE C 353 -17.05 37.98 -18.67
N LEU C 354 -18.35 37.89 -18.42
CA LEU C 354 -19.11 36.70 -18.81
C LEU C 354 -19.02 36.48 -20.32
N TRP C 355 -19.31 37.52 -21.10
CA TRP C 355 -19.14 37.45 -22.55
C TRP C 355 -17.72 37.02 -22.91
N ILE C 356 -16.71 37.56 -22.21
CA ILE C 356 -15.33 37.18 -22.44
C ILE C 356 -15.14 35.69 -22.16
N PHE C 357 -15.60 35.22 -20.99
CA PHE C 357 -15.32 33.85 -20.58
C PHE C 357 -16.02 32.84 -21.49
N VAL C 358 -17.25 33.12 -21.91
CA VAL C 358 -17.96 32.20 -22.79
C VAL C 358 -17.20 32.03 -24.10
N PHE C 359 -16.68 33.13 -24.65
CA PHE C 359 -15.87 33.04 -25.86
C PHE C 359 -14.57 32.29 -25.60
N VAL C 360 -13.83 32.69 -24.56
CA VAL C 360 -12.52 32.10 -24.29
C VAL C 360 -12.65 30.61 -23.99
N CYS C 361 -13.66 30.23 -23.19
CA CYS C 361 -13.85 28.82 -22.86
C CYS C 361 -14.08 27.97 -24.11
N VAL C 362 -15.01 28.39 -24.97
CA VAL C 362 -15.29 27.64 -26.18
C VAL C 362 -14.10 27.69 -27.14
N PHE C 363 -13.52 28.87 -27.31
CA PHE C 363 -12.28 29.00 -28.07
C PHE C 363 -11.18 28.12 -27.50
N GLY C 364 -11.13 27.98 -26.17
CA GLY C 364 -10.11 27.15 -25.56
C GLY C 364 -10.33 25.66 -25.82
N THR C 365 -11.57 25.19 -25.63
CA THR C 365 -11.88 23.80 -25.92
C THR C 365 -11.74 23.50 -27.42
N ILE C 366 -12.06 24.48 -28.27
CA ILE C 366 -11.81 24.31 -29.70
C ILE C 366 -10.31 24.17 -29.96
N GLY C 367 -9.50 24.96 -29.26
CA GLY C 367 -8.05 24.81 -29.38
C GLY C 367 -7.57 23.50 -28.80
N MET C 368 -8.12 23.09 -27.66
CA MET C 368 -7.79 21.81 -27.07
C MET C 368 -8.06 20.66 -28.04
N PHE C 369 -9.30 20.58 -28.53
CA PHE C 369 -9.73 19.48 -29.39
C PHE C 369 -9.10 19.55 -30.78
N LEU C 370 -8.65 20.73 -31.21
CA LEU C 370 -7.93 20.83 -32.47
C LEU C 370 -6.70 19.93 -32.50
N GLN C 371 -6.02 19.79 -31.36
CA GLN C 371 -4.77 19.02 -31.34
C GLN C 371 -4.99 17.53 -31.56
N PRO C 372 -5.91 16.84 -30.84
CA PRO C 372 -6.12 15.42 -31.14
C PRO C 372 -6.75 15.16 -32.50
N LEU C 373 -7.59 16.07 -32.98
CA LEU C 373 -8.21 15.90 -34.30
C LEU C 373 -7.14 15.94 -35.38
N ALA D 8 33.77 -29.67 -30.06
CA ALA D 8 32.63 -29.92 -29.19
C ALA D 8 32.96 -31.02 -28.17
N HIS D 9 33.29 -32.21 -28.69
CA HIS D 9 33.91 -33.23 -27.85
C HIS D 9 35.14 -32.67 -27.16
N ALA D 10 35.98 -31.95 -27.91
CA ALA D 10 37.10 -31.21 -27.33
C ALA D 10 36.62 -30.25 -26.25
N GLU D 11 35.52 -29.54 -26.50
CA GLU D 11 35.02 -28.58 -25.52
C GLU D 11 34.69 -29.25 -24.19
N GLU D 12 34.02 -30.41 -24.23
CA GLU D 12 33.82 -31.18 -23.01
C GLU D 12 35.15 -31.59 -22.40
N ARG D 13 36.03 -32.18 -23.20
CA ARG D 13 37.33 -32.63 -22.72
C ARG D 13 38.13 -31.50 -22.10
N LEU D 14 38.01 -30.29 -22.66
CA LEU D 14 38.63 -29.12 -22.04
C LEU D 14 38.12 -28.92 -20.62
N LEU D 15 36.81 -29.02 -20.43
CA LEU D 15 36.23 -28.86 -19.10
C LEU D 15 36.73 -29.94 -18.15
N LYS D 16 36.83 -31.18 -18.64
CA LYS D 16 37.42 -32.27 -17.86
C LYS D 16 38.79 -31.87 -17.31
N LYS D 17 39.67 -31.36 -18.18
CA LYS D 17 41.02 -31.05 -17.74
C LYS D 17 41.04 -29.85 -16.80
N LEU D 18 40.20 -28.86 -17.05
CA LEU D 18 40.13 -27.71 -16.15
C LEU D 18 39.71 -28.11 -14.75
N PHE D 19 38.61 -28.87 -14.63
CA PHE D 19 38.03 -29.20 -13.35
C PHE D 19 38.38 -30.60 -12.87
N SER D 20 39.49 -31.15 -13.36
CA SER D 20 40.04 -32.39 -12.82
C SER D 20 40.37 -32.20 -11.34
N GLY D 21 41.35 -31.36 -11.05
CA GLY D 21 41.65 -30.98 -9.68
C GLY D 21 41.73 -29.48 -9.51
N TYR D 22 40.58 -28.80 -9.61
CA TYR D 22 40.50 -27.34 -9.47
C TYR D 22 39.74 -26.98 -8.21
N ASN D 23 40.34 -26.14 -7.38
CA ASN D 23 39.73 -25.73 -6.11
C ASN D 23 38.97 -24.42 -6.32
N LYS D 24 37.67 -24.44 -6.06
CA LYS D 24 36.88 -23.21 -6.09
C LYS D 24 37.23 -22.26 -4.94
N TRP D 25 37.61 -22.81 -3.80
CA TRP D 25 37.82 -22.03 -2.58
C TRP D 25 39.24 -21.51 -2.45
N SER D 26 40.04 -21.55 -3.51
CA SER D 26 41.42 -21.10 -3.46
C SER D 26 41.53 -19.69 -4.05
N ARG D 27 42.29 -18.83 -3.37
CA ARG D 27 42.59 -17.50 -3.86
C ARG D 27 43.62 -17.62 -4.97
N PRO D 28 43.19 -17.56 -6.24
CA PRO D 28 44.02 -18.11 -7.32
C PRO D 28 45.02 -17.13 -7.92
N VAL D 29 46.27 -17.20 -7.46
CA VAL D 29 47.39 -16.45 -8.03
C VAL D 29 48.61 -17.35 -8.01
N ALA D 30 49.58 -17.06 -8.88
CA ALA D 30 50.83 -17.81 -8.88
C ALA D 30 51.53 -17.69 -7.52
N ASN D 31 51.94 -16.49 -7.16
CA ASN D 31 52.68 -16.24 -5.93
C ASN D 31 51.74 -15.97 -4.76
N ILE D 32 52.24 -16.20 -3.56
CA ILE D 32 51.46 -15.93 -2.35
C ILE D 32 51.25 -14.44 -2.18
N SER D 33 52.30 -13.64 -2.37
CA SER D 33 52.18 -12.19 -2.23
C SER D 33 51.37 -11.59 -3.38
N ASP D 34 51.61 -12.04 -4.60
CA ASP D 34 51.01 -11.46 -5.80
C ASP D 34 49.50 -11.35 -5.66
N VAL D 35 48.94 -10.32 -6.28
CA VAL D 35 47.55 -9.95 -6.10
C VAL D 35 46.74 -10.33 -7.34
N VAL D 36 45.42 -10.35 -7.18
CA VAL D 36 44.50 -10.37 -8.29
C VAL D 36 44.08 -8.95 -8.61
N LEU D 37 44.20 -8.56 -9.87
CA LEU D 37 43.62 -7.31 -10.35
C LEU D 37 42.20 -7.59 -10.82
N VAL D 38 41.23 -6.96 -10.17
CA VAL D 38 39.82 -7.07 -10.53
C VAL D 38 39.38 -5.75 -11.12
N ARG D 39 38.85 -5.81 -12.34
CA ARG D 39 38.48 -4.60 -13.07
C ARG D 39 36.97 -4.40 -13.01
N PHE D 40 36.59 -3.13 -12.97
CA PHE D 40 35.20 -2.74 -12.77
C PHE D 40 34.71 -1.90 -13.94
N GLY D 41 33.68 -2.41 -14.61
CA GLY D 41 32.91 -1.64 -15.57
C GLY D 41 31.47 -1.65 -15.10
N LEU D 42 30.93 -0.49 -14.76
CA LEU D 42 29.58 -0.41 -14.21
C LEU D 42 28.65 0.00 -15.34
N SER D 43 27.75 -0.89 -15.71
CA SER D 43 26.81 -0.67 -16.80
C SER D 43 25.40 -0.60 -16.20
N ILE D 44 24.84 0.60 -16.17
CA ILE D 44 23.49 0.77 -15.63
C ILE D 44 22.47 0.35 -16.67
N ALA D 45 21.53 -0.49 -16.27
CA ALA D 45 20.48 -0.95 -17.17
C ALA D 45 19.28 -0.01 -17.14
N GLN D 46 18.79 0.31 -15.95
CA GLN D 46 17.74 1.31 -15.81
C GLN D 46 17.75 1.87 -14.40
N LEU D 47 17.35 3.13 -14.29
CA LEU D 47 17.02 3.75 -13.01
C LEU D 47 15.51 3.66 -12.84
N ILE D 48 15.06 3.07 -11.74
CA ILE D 48 13.64 2.79 -11.58
C ILE D 48 13.03 3.75 -10.56
N ASP D 49 13.10 3.39 -9.28
CA ASP D 49 12.52 4.20 -8.22
C ASP D 49 13.62 5.02 -7.55
N VAL D 50 13.37 6.32 -7.40
CA VAL D 50 14.19 7.18 -6.59
C VAL D 50 13.30 7.65 -5.44
N ASP D 51 12.89 6.70 -4.60
CA ASP D 51 11.97 7.01 -3.51
C ASP D 51 12.60 8.01 -2.58
N GLU D 52 12.12 9.25 -2.64
CA GLU D 52 12.67 10.30 -1.79
C GLU D 52 12.34 10.08 -0.33
N LYS D 53 11.10 9.66 -0.04
CA LYS D 53 10.65 9.55 1.35
C LYS D 53 11.47 8.53 2.12
N ASN D 54 11.88 7.44 1.47
CA ASN D 54 12.69 6.42 2.11
C ASN D 54 14.18 6.64 1.91
N GLN D 55 14.57 7.60 1.07
CA GLN D 55 15.98 7.89 0.79
C GLN D 55 16.66 6.68 0.14
N MET D 56 15.95 6.05 -0.80
CA MET D 56 16.36 4.77 -1.35
C MET D 56 16.20 4.78 -2.87
N MET D 57 17.24 4.33 -3.57
CA MET D 57 17.28 4.29 -5.02
C MET D 57 17.32 2.84 -5.48
N THR D 58 16.46 2.49 -6.42
CA THR D 58 16.42 1.14 -6.99
C THR D 58 17.00 1.21 -8.40
N THR D 59 18.15 0.56 -8.60
CA THR D 59 18.83 0.54 -9.89
C THR D 59 18.90 -0.88 -10.42
N ASN D 60 19.04 -1.00 -11.73
CA ASN D 60 19.34 -2.26 -12.39
C ASN D 60 20.71 -2.13 -13.05
N VAL D 61 21.61 -3.07 -12.75
CA VAL D 61 23.04 -2.88 -12.94
C VAL D 61 23.66 -4.16 -13.47
N TRP D 62 24.62 -4.02 -14.39
CA TRP D 62 25.57 -5.08 -14.69
C TRP D 62 26.91 -4.72 -14.05
N VAL D 63 27.53 -5.71 -13.41
CA VAL D 63 28.79 -5.48 -12.71
C VAL D 63 29.91 -6.19 -13.44
N LYS D 64 30.55 -5.51 -14.40
CA LYS D 64 31.58 -6.12 -15.22
C LYS D 64 32.82 -6.36 -14.37
N GLN D 65 33.12 -7.63 -14.11
CA GLN D 65 34.25 -8.03 -13.28
C GLN D 65 35.19 -8.87 -14.12
N GLU D 66 36.46 -8.46 -14.19
CA GLU D 66 37.49 -9.18 -14.92
C GLU D 66 38.63 -9.52 -13.98
N TRP D 67 39.11 -10.77 -14.04
CA TRP D 67 40.29 -11.18 -13.29
C TRP D 67 40.91 -12.36 -14.03
N HIS D 68 41.79 -13.10 -13.35
CA HIS D 68 42.60 -14.10 -14.03
C HIS D 68 42.85 -15.29 -13.12
N ASP D 69 43.03 -16.45 -13.74
CA ASP D 69 43.50 -17.66 -13.06
C ASP D 69 44.65 -18.25 -13.86
N TYR D 70 45.80 -18.43 -13.22
CA TYR D 70 46.85 -19.24 -13.82
C TYR D 70 46.43 -20.69 -13.97
N LYS D 71 45.47 -21.16 -13.15
CA LYS D 71 45.00 -22.53 -13.18
C LYS D 71 44.01 -22.80 -14.32
N LEU D 72 43.49 -21.77 -14.98
CA LEU D 72 42.50 -21.93 -16.03
C LEU D 72 43.05 -21.62 -17.42
N ARG D 73 44.33 -21.94 -17.65
CA ARG D 73 44.99 -21.72 -18.92
C ARG D 73 45.00 -23.00 -19.74
N TRP D 74 45.06 -22.86 -21.07
CA TRP D 74 45.19 -24.02 -21.94
C TRP D 74 45.70 -23.58 -23.30
N ASP D 75 46.03 -24.57 -24.13
CA ASP D 75 46.53 -24.35 -25.49
C ASP D 75 45.38 -24.44 -26.48
N PRO D 76 45.02 -23.36 -27.17
CA PRO D 76 43.90 -23.45 -28.13
C PRO D 76 44.18 -24.41 -29.27
N ALA D 77 45.42 -24.43 -29.80
CA ALA D 77 45.76 -25.37 -30.86
C ALA D 77 45.60 -26.82 -30.41
N ASP D 78 45.80 -27.08 -29.12
CA ASP D 78 45.59 -28.42 -28.58
C ASP D 78 44.15 -28.87 -28.68
N TYR D 79 43.20 -27.93 -28.72
CA TYR D 79 41.77 -28.25 -28.69
C TYR D 79 41.03 -27.52 -29.82
N GLU D 80 41.52 -27.69 -31.05
CA GLU D 80 40.79 -27.27 -32.26
C GLU D 80 40.45 -25.78 -32.23
N ASN D 81 41.38 -24.97 -31.74
CA ASN D 81 41.28 -23.51 -31.75
C ASN D 81 40.06 -22.99 -30.98
N VAL D 82 39.61 -23.71 -29.96
CA VAL D 82 38.70 -23.10 -28.99
C VAL D 82 39.52 -22.19 -28.08
N THR D 83 39.13 -20.93 -28.00
CA THR D 83 39.90 -19.94 -27.25
C THR D 83 39.15 -19.31 -26.09
N SER D 84 37.84 -19.10 -26.22
CA SER D 84 37.03 -18.46 -25.18
C SER D 84 35.81 -19.33 -24.91
N ILE D 85 35.85 -20.07 -23.81
CA ILE D 85 34.76 -20.96 -23.42
C ILE D 85 33.97 -20.31 -22.29
N ARG D 86 32.64 -20.43 -22.35
CA ARG D 86 31.76 -19.90 -21.31
C ARG D 86 31.45 -21.00 -20.30
N ILE D 87 31.64 -20.68 -19.02
CA ILE D 87 31.53 -21.65 -17.94
C ILE D 87 30.66 -21.05 -16.84
N PRO D 88 29.79 -21.83 -16.21
CA PRO D 88 28.98 -21.29 -15.11
C PRO D 88 29.85 -20.74 -14.00
N SER D 89 29.51 -19.52 -13.54
CA SER D 89 30.33 -18.83 -12.55
C SER D 89 30.40 -19.61 -11.23
N GLU D 90 29.31 -20.30 -10.88
CA GLU D 90 29.23 -20.98 -9.59
C GLU D 90 30.39 -21.94 -9.35
N LEU D 91 30.91 -22.56 -10.41
CA LEU D 91 32.00 -23.52 -10.26
C LEU D 91 33.36 -22.86 -10.09
N ILE D 92 33.56 -21.69 -10.69
CA ILE D 92 34.85 -21.01 -10.69
C ILE D 92 34.99 -20.17 -9.44
N TRP D 93 36.22 -19.95 -8.98
CA TRP D 93 36.44 -18.99 -7.91
C TRP D 93 36.03 -17.59 -8.38
N ARG D 94 35.51 -16.80 -7.45
CA ARG D 94 34.84 -15.57 -7.78
C ARG D 94 35.06 -14.56 -6.66
N PRO D 95 35.41 -13.31 -7.00
CA PRO D 95 35.61 -12.30 -5.95
C PRO D 95 34.29 -11.93 -5.30
N ASP D 96 34.36 -11.63 -4.00
CA ASP D 96 33.16 -11.29 -3.23
C ASP D 96 32.94 -9.77 -3.28
N ILE D 97 32.52 -9.32 -4.46
CA ILE D 97 32.16 -7.92 -4.65
C ILE D 97 30.77 -7.69 -4.07
N VAL D 98 30.65 -6.69 -3.20
CA VAL D 98 29.42 -6.44 -2.46
C VAL D 98 29.17 -4.94 -2.36
N LEU D 99 27.91 -4.60 -2.06
CA LEU D 99 27.48 -3.22 -1.84
C LEU D 99 27.54 -2.92 -0.35
N TYR D 100 28.43 -2.01 0.05
CA TYR D 100 28.41 -1.52 1.42
C TYR D 100 27.10 -0.81 1.75
N ASN D 101 26.49 -0.16 0.76
CA ASN D 101 25.43 0.82 0.96
C ASN D 101 24.03 0.27 0.71
N ASN D 102 23.83 -1.03 0.89
CA ASN D 102 22.54 -1.65 0.53
C ASN D 102 21.50 -1.45 1.62
N ALA D 103 20.26 -1.25 1.20
CA ALA D 103 19.10 -1.26 2.08
C ALA D 103 17.98 -2.06 1.43
N ASP D 104 17.33 -2.91 2.23
CA ASP D 104 16.14 -3.67 1.78
C ASP D 104 16.45 -4.53 0.56
N GLY D 105 17.63 -5.12 0.51
CA GLY D 105 17.98 -5.96 -0.62
C GLY D 105 19.18 -6.84 -0.34
N ASP D 106 19.31 -7.88 -1.16
CA ASP D 106 20.48 -8.74 -1.11
C ASP D 106 21.71 -7.95 -1.52
N PHE D 107 22.84 -8.24 -0.88
CA PHE D 107 24.01 -7.39 -1.03
C PHE D 107 24.60 -7.47 -2.44
N ALA D 108 24.72 -8.66 -3.02
CA ALA D 108 25.32 -8.73 -4.35
C ALA D 108 25.11 -10.09 -5.00
N VAL D 109 25.29 -10.09 -6.33
CA VAL D 109 25.46 -11.26 -7.20
C VAL D 109 24.49 -12.39 -6.91
N THR D 110 23.19 -12.07 -6.89
CA THR D 110 22.18 -13.10 -6.67
C THR D 110 22.07 -14.04 -7.87
N HIS D 111 22.16 -13.50 -9.09
CA HIS D 111 21.88 -14.32 -10.28
C HIS D 111 23.00 -15.31 -10.56
N LEU D 112 24.27 -14.87 -10.50
CA LEU D 112 25.43 -15.71 -10.78
C LEU D 112 25.35 -16.30 -12.18
N THR D 113 25.41 -15.43 -13.17
CA THR D 113 25.36 -15.83 -14.57
C THR D 113 26.72 -16.34 -15.03
N LYS D 114 26.77 -16.84 -16.26
CA LYS D 114 27.96 -17.50 -16.78
C LYS D 114 29.04 -16.48 -17.15
N ALA D 115 30.30 -16.93 -17.10
CA ALA D 115 31.43 -16.06 -17.37
C ALA D 115 32.33 -16.68 -18.45
N HIS D 116 32.92 -15.81 -19.27
CA HIS D 116 33.87 -16.24 -20.29
C HIS D 116 35.23 -16.56 -19.66
N LEU D 117 35.88 -17.58 -20.21
CA LEU D 117 37.28 -17.88 -19.91
C LEU D 117 38.08 -17.81 -21.20
N PHE D 118 39.08 -16.92 -21.23
CA PHE D 118 39.99 -16.84 -22.36
C PHE D 118 41.13 -17.84 -22.15
N HIS D 119 41.73 -18.28 -23.26
CA HIS D 119 42.68 -19.38 -23.20
C HIS D 119 43.88 -19.05 -22.33
N ASP D 120 44.22 -17.77 -22.18
CA ASP D 120 45.30 -17.36 -21.29
C ASP D 120 44.89 -17.41 -19.82
N GLY D 121 43.64 -17.73 -19.51
CA GLY D 121 43.18 -17.85 -18.14
C GLY D 121 42.46 -16.65 -17.57
N ARG D 122 42.32 -15.56 -18.33
CA ARG D 122 41.52 -14.44 -17.86
C ARG D 122 40.03 -14.73 -18.00
N VAL D 123 39.25 -14.20 -17.06
CA VAL D 123 37.84 -14.53 -16.92
C VAL D 123 37.04 -13.23 -16.89
N GLN D 124 35.97 -13.19 -17.68
CA GLN D 124 35.12 -12.00 -17.79
C GLN D 124 33.70 -12.35 -17.34
N TRP D 125 33.18 -11.58 -16.39
CA TRP D 125 31.90 -11.86 -15.74
C TRP D 125 31.08 -10.58 -15.74
N THR D 126 29.91 -10.61 -16.38
CA THR D 126 29.00 -9.46 -16.44
C THR D 126 27.60 -9.87 -16.00
N PRO D 127 27.42 -10.18 -14.72
CA PRO D 127 26.09 -10.59 -14.24
C PRO D 127 25.22 -9.39 -13.94
N PRO D 128 23.91 -9.52 -14.15
CA PRO D 128 22.98 -8.46 -13.72
C PRO D 128 22.52 -8.68 -12.29
N ALA D 129 21.94 -7.62 -11.72
CA ALA D 129 21.43 -7.63 -10.36
C ALA D 129 20.67 -6.33 -10.11
N ILE D 130 19.78 -6.37 -9.12
CA ILE D 130 18.99 -5.22 -8.70
C ILE D 130 19.55 -4.75 -7.36
N TYR D 131 19.93 -3.48 -7.30
CA TYR D 131 20.49 -2.88 -6.09
C TYR D 131 19.56 -1.80 -5.58
N LYS D 132 19.42 -1.73 -4.25
CA LYS D 132 18.61 -0.70 -3.60
C LYS D 132 19.57 0.19 -2.79
N SER D 133 20.19 1.13 -3.48
CA SER D 133 21.08 2.09 -2.83
C SER D 133 20.30 3.01 -1.91
N SER D 134 20.97 3.48 -0.85
CA SER D 134 20.38 4.36 0.15
C SER D 134 21.18 5.65 0.18
N CYS D 135 20.67 6.68 -0.49
CA CYS D 135 21.31 7.98 -0.55
C CYS D 135 20.49 9.02 0.22
N SER D 136 21.19 9.92 0.90
CA SER D 136 20.54 11.03 1.56
C SER D 136 19.95 11.97 0.51
N ILE D 137 18.69 12.34 0.69
CA ILE D 137 17.96 13.13 -0.29
C ILE D 137 17.86 14.56 0.22
N ASP D 138 18.51 15.49 -0.47
CA ASP D 138 18.42 16.90 -0.14
C ASP D 138 17.25 17.49 -0.91
N VAL D 139 16.16 17.77 -0.21
CA VAL D 139 14.99 18.44 -0.80
C VAL D 139 15.05 19.91 -0.39
N THR D 140 15.30 20.77 -1.37
CA THR D 140 15.20 22.21 -1.20
C THR D 140 14.46 22.80 -2.39
N PHE D 141 15.14 22.88 -3.52
CA PHE D 141 14.56 23.44 -4.75
C PHE D 141 13.68 22.39 -5.44
N PHE D 142 12.63 21.99 -4.74
CA PHE D 142 11.66 21.07 -5.34
C PHE D 142 10.90 21.81 -6.43
N PRO D 143 10.74 21.18 -7.61
CA PRO D 143 11.26 19.87 -7.97
C PRO D 143 12.56 19.91 -8.77
N PHE D 144 13.11 21.11 -9.00
CA PHE D 144 14.38 21.26 -9.71
C PHE D 144 15.51 20.94 -8.75
N ASP D 145 15.74 19.65 -8.52
CA ASP D 145 16.73 19.24 -7.54
C ASP D 145 17.71 18.25 -8.17
N GLN D 146 18.98 18.40 -7.82
CA GLN D 146 20.03 17.47 -8.21
C GLN D 146 20.42 16.64 -6.99
N GLN D 147 20.43 15.32 -7.14
CA GLN D 147 20.72 14.41 -6.04
C GLN D 147 21.99 13.63 -6.34
N ASN D 148 22.87 13.55 -5.34
CA ASN D 148 24.11 12.78 -5.39
C ASN D 148 23.84 11.47 -4.67
N CYS D 149 23.63 10.40 -5.43
CA CYS D 149 23.40 9.07 -4.89
C CYS D 149 24.58 8.17 -5.22
N THR D 150 25.10 7.48 -4.21
CA THR D 150 26.33 6.71 -4.35
C THR D 150 26.06 5.22 -4.16
N MET D 151 26.95 4.40 -4.73
CA MET D 151 26.92 2.95 -4.56
C MET D 151 28.34 2.47 -4.28
N LYS D 152 28.58 2.01 -3.05
CA LYS D 152 29.90 1.56 -2.62
C LYS D 152 30.07 0.09 -2.99
N PHE D 153 30.92 -0.18 -3.98
CA PHE D 153 31.28 -1.55 -4.35
C PHE D 153 32.68 -1.85 -3.85
N GLY D 154 32.80 -2.83 -2.95
CA GLY D 154 34.08 -3.26 -2.45
C GLY D 154 34.09 -4.75 -2.22
N SER D 155 35.31 -5.28 -2.05
CA SER D 155 35.44 -6.62 -1.51
C SER D 155 34.98 -6.65 -0.06
N TRP D 156 34.87 -7.86 0.49
CA TRP D 156 34.54 -7.99 1.90
C TRP D 156 35.67 -8.66 2.69
N THR D 157 36.00 -9.91 2.38
CA THR D 157 36.95 -10.64 3.20
C THR D 157 38.40 -10.40 2.80
N TYR D 158 38.66 -9.85 1.62
CA TYR D 158 40.01 -9.70 1.10
C TYR D 158 40.44 -8.24 1.17
N ASP D 159 41.61 -8.01 1.76
CA ASP D 159 42.17 -6.66 1.88
C ASP D 159 42.90 -6.27 0.60
N LYS D 160 43.44 -5.05 0.60
CA LYS D 160 44.23 -4.59 -0.55
C LYS D 160 45.39 -5.52 -0.84
N ALA D 161 46.01 -6.08 0.21
CA ALA D 161 47.11 -7.03 0.04
C ALA D 161 46.74 -8.15 -0.93
N LYS D 162 45.51 -8.66 -0.84
CA LYS D 162 45.10 -9.81 -1.63
C LYS D 162 44.21 -9.46 -2.82
N ILE D 163 43.41 -8.40 -2.73
CA ILE D 163 42.58 -7.95 -3.85
C ILE D 163 42.69 -6.44 -3.96
N ASP D 164 42.96 -5.94 -5.16
CA ASP D 164 42.91 -4.52 -5.45
C ASP D 164 42.02 -4.30 -6.66
N LEU D 165 41.27 -3.20 -6.65
CA LEU D 165 40.26 -2.93 -7.67
C LEU D 165 40.75 -1.86 -8.63
N VAL D 166 40.33 -2.00 -9.89
CA VAL D 166 40.75 -1.10 -10.97
C VAL D 166 39.50 -0.59 -11.69
N ASN D 167 39.52 0.69 -12.06
CA ASN D 167 38.47 1.28 -12.87
C ASN D 167 38.75 1.05 -14.35
N MET D 168 37.85 0.34 -15.03
CA MET D 168 37.94 0.25 -16.48
C MET D 168 37.47 1.53 -17.14
N HIS D 169 36.50 2.22 -16.54
CA HIS D 169 36.15 3.59 -16.88
C HIS D 169 35.98 4.37 -15.59
N SER D 170 36.30 5.66 -15.64
CA SER D 170 35.85 6.56 -14.59
C SER D 170 34.35 6.81 -14.70
N ARG D 171 33.85 6.99 -15.91
CA ARG D 171 32.42 7.17 -16.13
C ARG D 171 31.70 5.83 -16.06
N VAL D 172 30.45 5.87 -15.61
CA VAL D 172 29.61 4.68 -15.60
C VAL D 172 29.08 4.44 -17.01
N ASP D 173 29.07 3.17 -17.40
CA ASP D 173 28.64 2.82 -18.76
C ASP D 173 27.14 3.00 -18.88
N GLN D 174 26.72 3.92 -19.76
CA GLN D 174 25.31 4.22 -19.99
C GLN D 174 24.87 3.82 -21.40
N LEU D 175 25.61 2.92 -22.04
CA LEU D 175 25.37 2.65 -23.46
C LEU D 175 24.10 1.82 -23.66
N ASP D 176 23.74 0.98 -22.71
CA ASP D 176 22.51 0.19 -22.77
C ASP D 176 21.47 0.68 -21.76
N PHE D 177 21.43 1.99 -21.52
CA PHE D 177 20.60 2.55 -20.46
C PHE D 177 19.16 2.73 -20.93
N TRP D 178 18.23 2.60 -19.98
CA TRP D 178 16.81 2.81 -20.21
C TRP D 178 16.50 4.29 -19.97
N GLU D 179 16.56 5.06 -21.06
CA GLU D 179 16.36 6.51 -20.99
C GLU D 179 15.09 6.90 -20.23
N SER D 180 14.01 6.14 -20.42
CA SER D 180 12.71 6.52 -19.92
C SER D 180 12.67 6.67 -18.41
N GLY D 181 12.60 7.92 -17.95
CA GLY D 181 12.30 8.21 -16.55
C GLY D 181 11.92 9.67 -16.42
N GLU D 182 11.50 10.03 -15.21
CA GLU D 182 11.35 11.45 -14.87
C GLU D 182 12.68 12.12 -14.55
N TRP D 183 13.80 11.40 -14.69
CA TRP D 183 15.13 11.90 -14.43
C TRP D 183 15.98 11.82 -15.70
N VAL D 184 17.01 12.66 -15.73
CA VAL D 184 18.09 12.54 -16.71
C VAL D 184 19.39 12.51 -15.93
N ILE D 185 20.32 11.66 -16.35
CA ILE D 185 21.59 11.52 -15.66
C ILE D 185 22.44 12.75 -15.97
N VAL D 186 22.86 13.46 -14.92
CA VAL D 186 23.72 14.62 -15.12
C VAL D 186 25.16 14.17 -15.39
N ASP D 187 25.71 13.37 -14.48
CA ASP D 187 26.94 12.63 -14.76
C ASP D 187 27.09 11.53 -13.72
N ALA D 188 27.72 10.44 -14.15
CA ALA D 188 27.88 9.25 -13.33
C ALA D 188 29.38 8.97 -13.19
N VAL D 189 29.86 8.93 -11.96
CA VAL D 189 31.28 9.04 -11.66
C VAL D 189 31.73 7.86 -10.81
N GLY D 190 32.89 7.28 -11.16
CA GLY D 190 33.48 6.22 -10.38
C GLY D 190 34.76 6.64 -9.70
N THR D 191 34.82 6.50 -8.37
CA THR D 191 35.96 6.93 -7.57
C THR D 191 36.57 5.74 -6.85
N TYR D 192 37.88 5.58 -7.00
CA TYR D 192 38.63 4.53 -6.32
C TYR D 192 39.20 5.06 -5.01
N ASN D 193 38.83 4.42 -3.90
CA ASN D 193 39.31 4.82 -2.58
C ASN D 193 39.83 3.61 -1.82
N THR D 194 40.66 3.89 -0.82
CA THR D 194 41.14 2.89 0.12
C THR D 194 41.04 3.45 1.53
N ARG D 195 40.85 2.55 2.49
CA ARG D 195 40.58 2.96 3.87
C ARG D 195 40.95 1.84 4.83
N LYS D 196 41.22 2.24 6.07
CA LYS D 196 41.18 1.31 7.20
C LYS D 196 39.80 1.40 7.84
N TYR D 197 39.21 0.25 8.13
CA TYR D 197 37.96 0.20 8.86
C TYR D 197 38.24 -0.23 10.29
N GLU D 198 37.57 0.44 11.24
CA GLU D 198 38.04 0.44 12.62
C GLU D 198 37.94 -0.93 13.28
N CYS D 199 36.95 -1.73 12.90
CA CYS D 199 36.88 -3.11 13.38
C CYS D 199 38.20 -3.84 13.22
N CYS D 200 38.89 -3.57 12.12
CA CYS D 200 39.76 -4.55 11.50
C CYS D 200 41.12 -3.92 11.20
N ALA D 201 42.10 -4.79 10.96
CA ALA D 201 43.50 -4.36 10.93
C ALA D 201 43.87 -3.72 9.59
N GLU D 202 43.48 -4.35 8.48
CA GLU D 202 44.12 -4.07 7.20
C GLU D 202 43.41 -2.96 6.44
N ILE D 203 43.94 -2.63 5.27
CA ILE D 203 43.36 -1.63 4.39
C ILE D 203 42.47 -2.33 3.38
N TYR D 204 41.25 -1.82 3.20
CA TYR D 204 40.24 -2.45 2.36
C TYR D 204 39.78 -1.46 1.30
N PRO D 205 40.02 -1.71 0.03
CA PRO D 205 39.65 -0.73 -1.01
C PRO D 205 38.18 -0.82 -1.36
N ASP D 206 37.73 0.18 -2.10
CA ASP D 206 36.37 0.23 -2.61
C ASP D 206 36.33 1.08 -3.86
N ILE D 207 35.24 0.98 -4.60
CA ILE D 207 34.91 1.93 -5.65
C ILE D 207 33.56 2.53 -5.32
N THR D 208 33.53 3.83 -5.08
CA THR D 208 32.29 4.56 -4.83
C THR D 208 31.82 5.17 -6.14
N TYR D 209 30.62 4.78 -6.57
CA TYR D 209 30.04 5.25 -7.83
C TYR D 209 28.97 6.28 -7.50
N ALA D 210 29.23 7.53 -7.87
CA ALA D 210 28.34 8.65 -7.56
C ALA D 210 27.49 8.96 -8.79
N PHE D 211 26.19 8.68 -8.69
CA PHE D 211 25.22 9.12 -9.69
C PHE D 211 24.72 10.51 -9.30
N VAL D 212 24.97 11.50 -10.16
CA VAL D 212 24.33 12.81 -10.04
C VAL D 212 23.11 12.80 -10.96
N ILE D 213 21.93 13.01 -10.39
CA ILE D 213 20.69 12.94 -11.14
C ILE D 213 19.90 14.22 -10.91
N ARG D 214 19.24 14.71 -11.96
CA ARG D 214 18.41 15.89 -11.92
C ARG D 214 16.99 15.49 -12.25
N ARG D 215 16.03 15.96 -11.44
CA ARG D 215 14.64 15.69 -11.73
C ARG D 215 14.14 16.59 -12.84
N LEU D 216 13.59 15.99 -13.88
CA LEU D 216 12.86 16.77 -14.86
C LEU D 216 11.62 17.33 -14.19
N PRO D 217 11.53 18.64 -13.96
CA PRO D 217 10.52 19.17 -13.04
C PRO D 217 9.14 19.35 -13.67
N LEU D 218 9.02 19.19 -14.98
CA LEU D 218 7.85 19.68 -15.70
C LEU D 218 6.56 19.04 -15.21
N PHE D 219 6.63 17.81 -14.68
CA PHE D 219 5.47 17.18 -14.06
C PHE D 219 5.03 17.94 -12.82
N TYR D 220 5.84 17.88 -11.76
CA TYR D 220 5.48 18.53 -10.50
C TYR D 220 5.29 20.03 -10.68
N THR D 221 5.97 20.63 -11.66
CA THR D 221 5.72 22.03 -11.99
C THR D 221 4.24 22.27 -12.28
N ILE D 222 3.63 21.39 -13.07
CA ILE D 222 2.22 21.54 -13.42
C ILE D 222 1.32 21.25 -12.23
N ASN D 223 1.40 20.02 -11.70
CA ASN D 223 0.38 19.53 -10.79
C ASN D 223 0.57 19.97 -9.35
N LEU D 224 1.76 20.46 -8.97
CA LEU D 224 1.96 20.96 -7.62
C LEU D 224 2.18 22.47 -7.55
N ILE D 225 3.12 23.02 -8.31
CA ILE D 225 3.54 24.40 -8.10
C ILE D 225 2.48 25.37 -8.61
N ILE D 226 2.03 25.16 -9.85
CA ILE D 226 1.06 26.09 -10.45
C ILE D 226 -0.21 26.21 -9.62
N PRO D 227 -0.88 25.13 -9.21
CA PRO D 227 -2.12 25.30 -8.44
C PRO D 227 -1.92 26.01 -7.11
N CYS D 228 -0.85 25.70 -6.38
CA CYS D 228 -0.67 26.33 -5.07
C CYS D 228 -0.25 27.79 -5.19
N LEU D 229 0.34 28.18 -6.33
CA LEU D 229 0.50 29.61 -6.61
C LEU D 229 -0.84 30.24 -6.96
N LEU D 230 -1.60 29.61 -7.86
CA LEU D 230 -2.97 30.03 -8.14
C LEU D 230 -3.78 30.19 -6.86
N ILE D 231 -3.59 29.28 -5.91
CA ILE D 231 -4.33 29.33 -4.66
C ILE D 231 -3.79 30.41 -3.74
N SER D 232 -2.47 30.42 -3.53
CA SER D 232 -1.86 31.42 -2.64
C SER D 232 -2.05 32.85 -3.11
N CYS D 233 -2.51 33.07 -4.34
CA CYS D 233 -2.95 34.39 -4.76
C CYS D 233 -4.00 34.95 -3.82
N LEU D 234 -5.02 34.15 -3.52
CA LEU D 234 -6.27 34.64 -2.94
C LEU D 234 -6.14 35.09 -1.48
N THR D 235 -4.94 35.00 -0.90
CA THR D 235 -4.77 35.40 0.50
C THR D 235 -5.10 36.88 0.70
N VAL D 236 -4.52 37.74 -0.13
CA VAL D 236 -4.75 39.17 -0.02
C VAL D 236 -6.17 39.52 -0.48
N LEU D 237 -6.68 38.80 -1.47
CA LEU D 237 -7.98 39.10 -2.07
C LEU D 237 -9.10 39.16 -1.04
N VAL D 238 -8.96 38.43 0.07
CA VAL D 238 -10.00 38.45 1.10
C VAL D 238 -10.29 39.86 1.57
N PHE D 239 -9.23 40.64 1.83
CA PHE D 239 -9.39 41.98 2.37
C PHE D 239 -10.27 42.85 1.47
N TYR D 240 -10.10 42.75 0.15
CA TYR D 240 -10.84 43.63 -0.75
C TYR D 240 -12.34 43.36 -0.71
N LEU D 241 -12.75 42.12 -0.46
CA LEU D 241 -14.16 41.79 -0.39
C LEU D 241 -14.86 42.64 0.68
N PRO D 242 -16.03 43.20 0.39
CA PRO D 242 -16.73 44.01 1.39
C PRO D 242 -17.25 43.15 2.53
N SER D 243 -17.20 43.72 3.74
CA SER D 243 -17.68 43.04 4.94
C SER D 243 -19.13 42.59 4.78
N GLU D 244 -19.99 43.49 4.29
CA GLU D 244 -21.43 43.25 4.30
C GLU D 244 -21.88 42.18 3.32
N CYS D 245 -21.00 41.69 2.45
CA CYS D 245 -21.37 40.55 1.61
C CYS D 245 -21.61 39.31 2.45
N GLY D 246 -20.90 39.16 3.57
CA GLY D 246 -21.00 37.97 4.38
C GLY D 246 -20.09 36.84 3.94
N GLU D 247 -19.25 37.04 2.92
CA GLU D 247 -18.35 36.01 2.45
C GLU D 247 -16.90 36.27 2.85
N LYS D 248 -16.67 37.21 3.76
CA LYS D 248 -15.30 37.62 4.07
C LYS D 248 -14.47 36.47 4.60
N ILE D 249 -15.05 35.61 5.43
CA ILE D 249 -14.31 34.50 5.99
C ILE D 249 -14.38 33.25 5.10
N THR D 250 -15.48 33.06 4.37
CA THR D 250 -15.62 31.88 3.51
C THR D 250 -14.46 31.79 2.52
N LEU D 251 -13.92 32.95 2.08
CA LEU D 251 -12.74 32.94 1.25
C LEU D 251 -11.50 32.59 2.06
N CYS D 252 -11.36 33.16 3.26
CA CYS D 252 -10.23 32.87 4.12
C CYS D 252 -10.08 31.38 4.40
N ILE D 253 -11.13 30.76 4.93
CA ILE D 253 -11.07 29.34 5.31
C ILE D 253 -10.66 28.48 4.12
N SER D 254 -11.21 28.78 2.94
CA SER D 254 -10.88 28.01 1.75
C SER D 254 -9.39 28.12 1.43
N VAL D 255 -8.83 29.33 1.53
CA VAL D 255 -7.41 29.52 1.24
C VAL D 255 -6.56 28.73 2.22
N LEU D 256 -6.77 28.94 3.52
CA LEU D 256 -5.98 28.24 4.54
C LEU D 256 -6.04 26.73 4.35
N LEU D 257 -7.24 26.16 4.26
CA LEU D 257 -7.38 24.72 4.14
C LEU D 257 -6.77 24.20 2.84
N SER D 258 -7.10 24.83 1.72
CA SER D 258 -6.51 24.43 0.44
C SER D 258 -4.98 24.47 0.50
N LEU D 259 -4.42 25.49 1.15
CA LEU D 259 -2.97 25.55 1.33
C LEU D 259 -2.47 24.37 2.16
N THR D 260 -3.09 24.13 3.32
CA THR D 260 -2.67 23.04 4.19
C THR D 260 -2.70 21.70 3.45
N VAL D 261 -3.70 21.51 2.59
CA VAL D 261 -3.77 20.29 1.78
C VAL D 261 -2.50 20.15 0.93
N PHE D 262 -2.08 21.24 0.29
CA PHE D 262 -0.90 21.17 -0.57
C PHE D 262 0.38 20.99 0.25
N LEU D 263 0.51 21.73 1.35
CA LEU D 263 1.62 21.48 2.27
C LEU D 263 1.61 20.02 2.72
N LEU D 264 0.46 19.55 3.21
CA LEU D 264 0.34 18.18 3.69
C LEU D 264 0.69 17.17 2.59
N LEU D 265 0.12 17.37 1.40
CA LEU D 265 0.42 16.49 0.27
C LEU D 265 1.91 16.51 -0.04
N ILE D 266 2.52 17.70 -0.05
CA ILE D 266 3.95 17.82 -0.26
C ILE D 266 4.73 17.05 0.80
N THR D 267 4.31 17.16 2.07
CA THR D 267 5.05 16.53 3.16
C THR D 267 5.02 15.01 3.08
N GLU D 268 3.91 14.43 2.62
CA GLU D 268 3.87 12.98 2.44
C GLU D 268 4.70 12.52 1.26
N ILE D 269 5.30 13.44 0.52
CA ILE D 269 6.20 13.11 -0.57
C ILE D 269 7.66 13.39 -0.22
N ILE D 270 7.94 14.39 0.62
CA ILE D 270 9.29 14.72 1.06
C ILE D 270 9.83 13.60 1.94
N PRO D 271 11.15 13.36 1.95
CA PRO D 271 11.75 12.63 3.05
C PRO D 271 11.68 13.45 4.33
N SER D 272 11.13 12.85 5.39
CA SER D 272 10.82 13.58 6.61
C SER D 272 12.06 13.89 7.43
N THR D 273 13.09 14.46 6.81
CA THR D 273 14.34 14.73 7.50
C THR D 273 14.35 16.13 8.08
N SER D 274 15.28 16.35 9.03
CA SER D 274 15.49 17.65 9.65
C SER D 274 16.83 18.26 9.24
N LEU D 275 17.41 17.82 8.13
CA LEU D 275 18.60 18.45 7.61
C LEU D 275 18.29 19.86 7.11
N VAL D 276 17.40 19.97 6.11
CA VAL D 276 17.03 21.24 5.52
C VAL D 276 15.51 21.32 5.46
N ILE D 277 15.01 22.55 5.38
CA ILE D 277 13.59 22.81 5.23
C ILE D 277 13.27 22.79 3.74
N PRO D 278 12.25 22.04 3.31
CA PRO D 278 11.90 22.04 1.88
C PRO D 278 11.35 23.40 1.48
N LEU D 279 12.03 24.04 0.52
CA LEU D 279 11.82 25.45 0.25
C LEU D 279 10.35 25.79 0.03
N ILE D 280 9.70 25.09 -0.89
CA ILE D 280 8.28 25.35 -1.16
C ILE D 280 7.44 25.07 0.09
N GLY D 281 7.84 24.08 0.89
CA GLY D 281 7.15 23.85 2.15
C GLY D 281 7.24 25.05 3.09
N GLU D 282 8.44 25.64 3.20
CA GLU D 282 8.60 26.84 4.01
C GLU D 282 7.77 28.00 3.45
N TYR D 283 7.68 28.10 2.13
CA TYR D 283 6.84 29.12 1.51
C TYR D 283 5.37 28.91 1.88
N LEU D 284 4.83 27.74 1.57
CA LEU D 284 3.44 27.42 1.92
C LEU D 284 3.20 27.52 3.42
N LEU D 285 4.22 27.38 4.25
CA LEU D 285 4.06 27.60 5.69
C LEU D 285 3.83 29.07 5.99
N PHE D 286 4.72 29.93 5.52
CA PHE D 286 4.60 31.36 5.80
C PHE D 286 3.32 31.94 5.22
N THR D 287 2.92 31.46 4.04
CA THR D 287 1.62 31.81 3.49
C THR D 287 0.51 31.49 4.48
N MET D 288 0.52 30.27 5.03
CA MET D 288 -0.48 29.87 6.03
C MET D 288 -0.47 30.81 7.23
N ILE D 289 0.73 31.17 7.71
CA ILE D 289 0.82 32.07 8.86
C ILE D 289 0.19 33.41 8.53
N PHE D 290 0.42 33.92 7.32
CA PHE D 290 -0.23 35.16 6.90
C PHE D 290 -1.73 34.99 6.79
N VAL D 291 -2.18 33.86 6.22
CA VAL D 291 -3.62 33.64 6.03
C VAL D 291 -4.33 33.58 7.38
N THR D 292 -3.82 32.75 8.29
CA THR D 292 -4.40 32.68 9.64
C THR D 292 -4.45 34.06 10.28
N LEU D 293 -3.34 34.80 10.20
CA LEU D 293 -3.33 36.20 10.60
C LEU D 293 -4.41 36.99 9.88
N SER D 294 -4.55 36.76 8.56
CA SER D 294 -5.60 37.42 7.79
C SER D 294 -6.99 37.05 8.28
N ILE D 295 -7.18 35.82 8.77
CA ILE D 295 -8.50 35.44 9.28
C ILE D 295 -8.77 36.15 10.60
N VAL D 296 -7.77 36.21 11.48
CA VAL D 296 -7.95 36.86 12.78
C VAL D 296 -8.31 38.32 12.60
N ILE D 297 -7.61 39.02 11.71
CA ILE D 297 -7.90 40.44 11.50
C ILE D 297 -9.24 40.63 10.80
N THR D 298 -9.57 39.81 9.80
CA THR D 298 -10.84 39.95 9.10
C THR D 298 -12.03 39.67 9.99
N VAL D 299 -11.85 38.90 11.07
CA VAL D 299 -12.92 38.79 12.07
C VAL D 299 -12.92 40.02 12.97
N PHE D 300 -11.74 40.52 13.33
CA PHE D 300 -11.65 41.78 14.06
C PHE D 300 -12.24 42.93 13.26
N VAL D 301 -12.20 42.84 11.93
CA VAL D 301 -12.85 43.84 11.09
C VAL D 301 -14.37 43.78 11.28
N LEU D 302 -14.92 42.57 11.24
CA LEU D 302 -16.38 42.42 11.25
C LEU D 302 -16.98 42.72 12.62
N ASN D 303 -16.24 42.45 13.70
CA ASN D 303 -16.79 42.64 15.04
C ASN D 303 -17.14 44.09 15.32
N VAL D 304 -16.16 44.99 15.21
CA VAL D 304 -16.39 46.41 15.48
C VAL D 304 -17.28 47.04 14.41
N HIS D 305 -17.35 46.42 13.24
CA HIS D 305 -17.93 47.05 12.06
C HIS D 305 -19.43 47.26 12.20
N HIS D 306 -20.14 46.29 12.77
CA HIS D 306 -21.60 46.27 12.62
C HIS D 306 -22.33 47.16 13.63
N ARG D 307 -21.92 47.14 14.90
CA ARG D 307 -22.74 47.70 15.97
C ARG D 307 -22.37 49.14 16.24
N SER D 308 -23.40 49.98 16.39
CA SER D 308 -23.27 51.40 16.72
C SER D 308 -23.85 51.79 18.08
N PRO D 309 -24.92 51.15 18.57
CA PRO D 309 -25.43 51.55 19.90
C PRO D 309 -24.49 51.13 21.02
N ARG D 310 -24.38 52.00 22.02
CA ARG D 310 -23.56 51.76 23.22
C ARG D 310 -22.13 51.41 22.84
N THR D 311 -21.55 52.20 21.95
CA THR D 311 -20.18 52.01 21.49
C THR D 311 -19.32 53.17 21.94
N HIS D 312 -18.07 52.87 22.31
CA HIS D 312 -17.15 53.91 22.76
C HIS D 312 -16.94 54.96 21.67
N THR D 313 -16.44 54.52 20.52
CA THR D 313 -16.21 55.40 19.37
C THR D 313 -15.37 56.61 19.78
N MET D 314 -14.26 56.34 20.46
CA MET D 314 -13.39 57.41 20.94
C MET D 314 -12.93 58.26 19.76
N PRO D 315 -12.99 59.60 19.89
CA PRO D 315 -12.67 60.44 18.72
C PRO D 315 -11.23 60.31 18.25
N THR D 316 -10.28 60.32 19.18
CA THR D 316 -8.86 60.24 18.82
C THR D 316 -8.53 58.98 18.02
N TRP D 317 -9.37 57.95 18.09
CA TRP D 317 -9.18 56.77 17.25
C TRP D 317 -9.96 56.86 15.95
N VAL D 318 -11.21 57.35 15.99
CA VAL D 318 -11.96 57.54 14.76
C VAL D 318 -11.34 58.66 13.93
N ARG D 319 -10.73 59.65 14.59
CA ARG D 319 -9.97 60.66 13.85
C ARG D 319 -8.66 60.09 13.32
N ARG D 320 -8.05 59.14 14.04
CA ARG D 320 -6.91 58.42 13.53
C ARG D 320 -7.25 57.70 12.22
N VAL D 321 -8.46 57.16 12.13
CA VAL D 321 -8.82 56.29 11.01
C VAL D 321 -9.42 57.10 9.87
N PHE D 322 -10.55 57.77 10.11
CA PHE D 322 -11.24 58.46 9.03
C PHE D 322 -10.48 59.69 8.55
N LEU D 323 -9.95 60.49 9.47
CA LEU D 323 -9.38 61.78 9.09
C LEU D 323 -7.88 61.73 8.86
N ASP D 324 -7.13 60.96 9.66
CA ASP D 324 -5.69 60.87 9.48
C ASP D 324 -5.30 59.81 8.46
N ILE D 325 -5.72 58.57 8.67
CA ILE D 325 -5.16 57.45 7.92
C ILE D 325 -5.74 57.39 6.51
N VAL D 326 -7.04 57.62 6.35
CA VAL D 326 -7.70 57.57 5.05
C VAL D 326 -6.88 58.32 3.99
N PRO D 327 -6.54 59.61 4.18
CA PRO D 327 -5.65 60.24 3.19
C PRO D 327 -4.22 59.76 3.32
N ARG D 328 -3.79 59.35 4.51
CA ARG D 328 -2.43 58.86 4.70
C ARG D 328 -2.16 57.62 3.85
N LEU D 329 -3.15 56.73 3.74
CA LEU D 329 -2.98 55.56 2.88
C LEU D 329 -3.26 55.90 1.42
N LEU D 330 -4.24 56.78 1.16
CA LEU D 330 -4.52 57.20 -0.20
C LEU D 330 -3.31 57.86 -0.84
N LEU D 331 -2.56 58.64 -0.06
CA LEU D 331 -1.32 59.23 -0.54
C LEU D 331 -0.14 58.37 -0.12
N GLU D 343 -28.58 56.90 13.16
CA GLU D 343 -28.21 55.50 12.95
C GLU D 343 -27.11 55.39 11.90
N ARG D 344 -27.36 55.99 10.73
CA ARG D 344 -26.37 55.94 9.66
C ARG D 344 -25.09 56.67 10.05
N SER D 345 -25.22 57.78 10.77
CA SER D 345 -24.05 58.58 11.13
C SER D 345 -23.00 57.75 11.86
N VAL D 346 -23.43 56.99 12.86
CA VAL D 346 -22.50 56.15 13.61
C VAL D 346 -22.17 54.88 12.83
N LYS D 347 -23.21 54.17 12.37
CA LYS D 347 -23.02 52.92 11.64
C LYS D 347 -22.09 53.10 10.45
N GLU D 348 -22.28 54.17 9.67
CA GLU D 348 -21.43 54.38 8.49
C GLU D 348 -20.05 54.91 8.86
N ASP D 349 -19.93 55.62 9.98
CA ASP D 349 -18.60 55.83 10.56
C ASP D 349 -17.86 54.51 10.69
N TRP D 350 -18.53 53.50 11.27
CA TRP D 350 -17.96 52.17 11.35
C TRP D 350 -17.73 51.55 9.97
N LYS D 351 -18.68 51.75 9.05
CA LYS D 351 -18.52 51.24 7.70
C LYS D 351 -17.19 51.67 7.09
N TYR D 352 -16.82 52.95 7.27
CA TYR D 352 -15.54 53.42 6.74
C TYR D 352 -14.38 52.91 7.60
N VAL D 353 -14.50 52.99 8.92
CA VAL D 353 -13.41 52.60 9.82
C VAL D 353 -12.95 51.18 9.52
N ALA D 354 -13.90 50.26 9.33
CA ALA D 354 -13.52 48.91 8.92
C ALA D 354 -12.87 48.91 7.55
N MET D 355 -13.42 49.69 6.62
CA MET D 355 -12.84 49.80 5.28
C MET D 355 -11.39 50.25 5.34
N VAL D 356 -11.02 51.04 6.35
CA VAL D 356 -9.66 51.57 6.44
C VAL D 356 -8.73 50.58 7.12
N ILE D 357 -9.16 50.03 8.27
CA ILE D 357 -8.45 48.91 8.88
C ILE D 357 -8.19 47.83 7.84
N ASP D 358 -9.16 47.65 6.94
CA ASP D 358 -9.06 46.76 5.79
C ASP D 358 -7.93 47.17 4.86
N ARG D 359 -8.07 48.32 4.19
CA ARG D 359 -7.09 48.75 3.20
C ARG D 359 -5.69 48.83 3.79
N ILE D 360 -5.58 49.26 5.05
CA ILE D 360 -4.29 49.29 5.73
C ILE D 360 -3.62 47.92 5.69
N PHE D 361 -4.37 46.86 6.01
CA PHE D 361 -3.79 45.52 6.01
C PHE D 361 -3.60 44.98 4.60
N LEU D 362 -4.52 45.30 3.67
CA LEU D 362 -4.29 44.95 2.27
C LEU D 362 -2.96 45.52 1.80
N TRP D 363 -2.67 46.77 2.15
CA TRP D 363 -1.34 47.32 1.93
C TRP D 363 -0.28 46.47 2.61
N MET D 364 -0.49 46.14 3.90
CA MET D 364 0.45 45.33 4.64
C MET D 364 0.74 44.01 3.92
N PHE D 365 -0.30 43.26 3.57
CA PHE D 365 -0.11 41.93 3.01
C PHE D 365 0.47 41.99 1.60
N ILE D 366 -0.08 42.85 0.74
CA ILE D 366 0.41 42.92 -0.64
C ILE D 366 1.85 43.42 -0.67
N ILE D 367 2.25 44.24 0.30
CA ILE D 367 3.66 44.65 0.42
C ILE D 367 4.51 43.45 0.82
N VAL D 368 4.15 42.81 1.93
CA VAL D 368 5.01 41.78 2.51
C VAL D 368 5.03 40.52 1.63
N CYS D 369 3.88 40.17 1.05
CA CYS D 369 3.80 39.05 0.10
C CYS D 369 4.92 39.09 -0.92
N LEU D 370 5.04 40.21 -1.65
CA LEU D 370 6.10 40.33 -2.65
C LEU D 370 7.48 40.27 -2.02
N LEU D 371 7.65 40.78 -0.79
CA LEU D 371 8.92 40.66 -0.10
C LEU D 371 9.24 39.20 0.22
N GLY D 372 8.23 38.44 0.65
CA GLY D 372 8.43 37.01 0.85
C GLY D 372 8.87 36.30 -0.41
N THR D 373 8.18 36.56 -1.52
CA THR D 373 8.52 35.90 -2.79
C THR D 373 9.86 36.36 -3.33
N VAL D 374 10.24 37.62 -3.08
CA VAL D 374 11.58 38.06 -3.41
C VAL D 374 12.61 37.27 -2.60
N GLY D 375 12.28 36.97 -1.34
CA GLY D 375 13.11 36.07 -0.56
C GLY D 375 13.09 34.65 -1.09
N LEU D 376 12.00 34.25 -1.75
CA LEU D 376 11.94 32.93 -2.36
C LEU D 376 12.81 32.87 -3.61
N PHE D 377 12.82 33.94 -4.40
CA PHE D 377 13.60 33.99 -5.63
C PHE D 377 15.00 34.58 -5.45
N LEU D 378 15.41 34.90 -4.23
CA LEU D 378 16.80 35.26 -3.99
C LEU D 378 17.80 34.26 -4.57
N PRO D 379 17.59 32.93 -4.56
CA PRO D 379 18.57 32.03 -5.18
C PRO D 379 18.66 32.20 -6.69
N PRO D 380 17.53 32.22 -7.44
CA PRO D 380 17.67 32.47 -8.89
C PRO D 380 18.12 33.89 -9.23
N TRP D 381 17.74 34.88 -8.43
CA TRP D 381 18.28 36.24 -8.58
C TRP D 381 19.80 36.23 -8.69
N THR E 1 48.97 -19.89 -2.36
CA THR E 1 47.79 -20.05 -3.21
C THR E 1 47.68 -21.49 -3.69
N ASP E 2 48.72 -21.97 -4.40
CA ASP E 2 48.83 -23.40 -4.64
C ASP E 2 48.98 -24.15 -3.31
N THR E 3 49.70 -23.56 -2.36
CA THR E 3 49.78 -24.13 -1.02
C THR E 3 48.48 -23.91 -0.25
N GLU E 4 47.85 -22.75 -0.44
CA GLU E 4 46.49 -22.54 0.09
C GLU E 4 45.56 -23.66 -0.33
N GLU E 5 45.64 -24.06 -1.60
CA GLU E 5 44.86 -25.19 -2.10
C GLU E 5 45.12 -26.44 -1.27
N ARG E 6 46.38 -26.66 -0.88
CA ARG E 6 46.70 -27.79 -0.01
C ARG E 6 46.16 -27.57 1.40
N LEU E 7 46.48 -26.42 2.01
CA LEU E 7 46.05 -26.15 3.37
C LEU E 7 44.53 -26.29 3.53
N VAL E 8 43.78 -25.62 2.66
CA VAL E 8 42.32 -25.71 2.70
C VAL E 8 41.87 -27.17 2.66
N GLU E 9 42.47 -27.95 1.74
CA GLU E 9 42.08 -29.35 1.57
C GLU E 9 42.18 -30.11 2.89
N HIS E 10 43.34 -30.01 3.57
CA HIS E 10 43.52 -30.65 4.86
C HIS E 10 42.42 -30.28 5.84
N LEU E 11 42.15 -28.97 5.98
CA LEU E 11 41.28 -28.50 7.05
C LEU E 11 39.81 -28.83 6.79
N LEU E 12 39.38 -28.81 5.53
CA LEU E 12 37.97 -29.01 5.21
C LEU E 12 37.64 -30.41 4.70
N ASP E 13 38.64 -31.21 4.31
CA ASP E 13 38.40 -32.59 3.93
C ASP E 13 37.67 -33.29 5.07
N PRO E 14 36.41 -33.70 4.87
CA PRO E 14 35.54 -34.08 6.00
C PRO E 14 36.13 -35.13 6.93
N SER E 15 37.07 -35.94 6.43
CA SER E 15 37.76 -36.90 7.28
C SER E 15 38.36 -36.23 8.51
N ARG E 16 38.88 -35.02 8.36
CA ARG E 16 39.37 -34.29 9.53
C ARG E 16 38.25 -33.53 10.24
N TYR E 17 37.33 -32.92 9.48
CA TYR E 17 36.40 -31.95 10.04
C TYR E 17 34.97 -32.42 9.84
N ASN E 18 34.20 -32.42 10.92
CA ASN E 18 32.75 -32.58 10.87
C ASN E 18 32.14 -31.26 11.34
N LYS E 19 31.65 -30.46 10.39
CA LYS E 19 31.00 -29.19 10.72
C LYS E 19 29.87 -29.38 11.72
N LEU E 20 29.08 -30.45 11.55
CA LEU E 20 27.92 -30.70 12.39
C LEU E 20 28.23 -30.77 13.89
N ILE E 21 29.51 -30.90 14.26
CA ILE E 21 29.90 -31.04 15.66
C ILE E 21 30.76 -29.84 16.07
N ARG E 22 30.33 -29.18 17.14
CA ARG E 22 31.09 -28.10 17.76
C ARG E 22 32.50 -28.56 18.13
N PRO E 23 33.52 -27.73 17.93
CA PRO E 23 34.86 -28.05 18.45
C PRO E 23 35.14 -27.45 19.83
N ALA E 24 35.30 -28.32 20.83
CA ALA E 24 36.00 -27.97 22.06
C ALA E 24 36.88 -29.13 22.45
N THR E 25 37.97 -28.83 23.17
CA THR E 25 38.94 -29.87 23.52
C THR E 25 38.30 -30.94 24.38
N ASN E 26 37.77 -30.54 25.53
CA ASN E 26 36.97 -31.42 26.37
C ASN E 26 35.49 -31.11 26.20
N GLY E 27 34.66 -32.14 26.31
CA GLY E 27 33.23 -31.90 26.43
C GLY E 27 32.89 -31.16 27.71
N SER E 28 33.68 -31.37 28.77
CA SER E 28 33.62 -30.51 29.95
C SER E 28 33.81 -29.05 29.59
N GLU E 29 34.84 -28.76 28.78
CA GLU E 29 35.19 -27.38 28.48
C GLU E 29 34.13 -26.74 27.59
N LEU E 30 33.87 -25.45 27.82
CA LEU E 30 32.90 -24.70 27.03
C LEU E 30 33.59 -23.79 26.03
N VAL E 31 32.91 -23.53 24.93
CA VAL E 31 33.37 -22.57 23.93
C VAL E 31 32.82 -21.20 24.28
N THR E 32 33.68 -20.19 24.27
CA THR E 32 33.28 -18.81 24.44
C THR E 32 33.35 -18.09 23.10
N VAL E 33 32.33 -17.26 22.83
CA VAL E 33 32.24 -16.52 21.58
C VAL E 33 32.12 -15.04 21.92
N GLN E 34 32.87 -14.21 21.19
CA GLN E 34 32.87 -12.77 21.42
C GLN E 34 32.00 -12.10 20.37
N LEU E 35 31.13 -11.19 20.82
CA LEU E 35 30.14 -10.56 19.95
C LEU E 35 30.21 -9.05 20.14
N MET E 36 30.57 -8.35 19.07
CA MET E 36 30.48 -6.90 19.01
C MET E 36 29.71 -6.54 17.74
N VAL E 37 28.94 -5.47 17.80
CA VAL E 37 27.98 -5.15 16.75
C VAL E 37 28.29 -3.76 16.20
N SER E 38 28.26 -3.64 14.88
CA SER E 38 28.65 -2.42 14.19
C SER E 38 27.46 -1.88 13.42
N LEU E 39 27.11 -0.62 13.67
CA LEU E 39 26.17 0.10 12.82
C LEU E 39 26.88 0.58 11.57
N ALA E 40 26.29 0.33 10.41
CA ALA E 40 26.68 1.03 9.19
C ALA E 40 25.73 2.18 8.88
N GLN E 41 24.44 2.00 9.13
CA GLN E 41 23.48 3.09 9.17
C GLN E 41 22.21 2.59 9.82
N LEU E 42 21.55 3.49 10.56
CA LEU E 42 20.20 3.25 11.03
C LEU E 42 19.26 3.72 9.93
N ILE E 43 18.46 2.79 9.40
CA ILE E 43 17.72 3.06 8.17
C ILE E 43 16.35 3.63 8.51
N SER E 44 15.50 2.82 9.15
CA SER E 44 14.12 3.21 9.35
C SER E 44 13.68 2.91 10.77
N VAL E 45 12.91 3.84 11.33
CA VAL E 45 12.22 3.64 12.61
C VAL E 45 10.74 3.83 12.31
N HIS E 46 10.06 2.75 11.94
CA HIS E 46 8.65 2.82 11.58
C HIS E 46 7.83 2.78 12.86
N GLU E 47 7.27 3.93 13.24
CA GLU E 47 6.59 4.02 14.52
C GLU E 47 5.25 3.28 14.48
N ARG E 48 4.47 3.54 13.44
CA ARG E 48 3.24 2.77 13.18
C ARG E 48 3.46 1.28 13.33
N GLU E 49 4.52 0.77 12.70
CA GLU E 49 4.78 -0.67 12.66
C GLU E 49 5.69 -1.15 13.78
N GLN E 50 6.23 -0.23 14.58
CA GLN E 50 7.02 -0.57 15.76
C GLN E 50 8.24 -1.42 15.38
N ILE E 51 9.02 -0.90 14.44
CA ILE E 51 10.06 -1.68 13.77
C ILE E 51 11.28 -0.80 13.54
N MET E 52 12.45 -1.30 13.90
CA MET E 52 13.73 -0.69 13.54
C MET E 52 14.37 -1.53 12.45
N THR E 53 14.67 -0.91 11.31
CA THR E 53 15.46 -1.53 10.25
C THR E 53 16.87 -0.96 10.30
N THR E 54 17.84 -1.80 10.62
CA THR E 54 19.25 -1.44 10.61
C THR E 54 20.02 -2.41 9.73
N ASN E 55 21.13 -1.96 9.19
CA ASN E 55 22.11 -2.85 8.58
C ASN E 55 23.32 -2.92 9.50
N VAL E 56 23.86 -4.12 9.66
CA VAL E 56 24.72 -4.41 10.81
C VAL E 56 25.75 -5.46 10.42
N TRP E 57 26.99 -5.22 10.82
CA TRP E 57 28.02 -6.26 10.85
C TRP E 57 28.21 -6.66 12.31
N LEU E 58 28.10 -7.95 12.59
CA LEU E 58 28.28 -8.47 13.95
C LEU E 58 29.56 -9.30 13.96
N THR E 59 30.58 -8.79 14.63
CA THR E 59 31.87 -9.48 14.68
C THR E 59 31.77 -10.67 15.62
N GLN E 60 31.87 -11.88 15.07
CA GLN E 60 31.83 -13.11 15.84
C GLN E 60 33.23 -13.70 15.92
N GLU E 61 33.67 -14.02 17.14
CA GLU E 61 35.01 -14.52 17.38
C GLU E 61 34.96 -15.77 18.25
N TRP E 62 35.74 -16.78 17.87
CA TRP E 62 35.91 -18.00 18.67
C TRP E 62 37.11 -18.74 18.11
N GLU E 63 37.40 -19.91 18.68
CA GLU E 63 38.59 -20.68 18.34
C GLU E 63 38.24 -22.14 18.14
N ASP E 64 38.87 -22.76 17.15
CA ASP E 64 38.68 -24.18 16.83
C ASP E 64 40.03 -24.87 16.87
N TYR E 65 40.18 -25.87 17.74
CA TYR E 65 41.38 -26.71 17.72
C TYR E 65 41.48 -27.49 16.42
N ARG E 66 40.35 -27.74 15.75
CA ARG E 66 40.38 -28.50 14.51
C ARG E 66 41.13 -27.76 13.40
N LEU E 67 41.15 -26.43 13.44
CA LEU E 67 41.64 -25.63 12.32
C LEU E 67 43.00 -25.00 12.59
N THR E 68 43.85 -25.66 13.36
CA THR E 68 45.21 -25.18 13.55
C THR E 68 46.12 -25.72 12.47
N TRP E 69 47.23 -25.02 12.25
CA TRP E 69 48.30 -25.54 11.42
C TRP E 69 49.59 -24.79 11.72
N LYS E 70 50.70 -25.41 11.33
CA LYS E 70 52.03 -24.80 11.44
C LYS E 70 52.30 -23.96 10.20
N PRO E 71 52.70 -22.69 10.35
CA PRO E 71 53.01 -21.88 9.15
C PRO E 71 54.20 -22.42 8.38
N GLU E 72 55.27 -22.82 9.08
CA GLU E 72 56.41 -23.46 8.43
C GLU E 72 55.97 -24.60 7.53
N GLU E 73 54.94 -25.35 7.93
CA GLU E 73 54.51 -26.52 7.19
C GLU E 73 53.95 -26.16 5.81
N PHE E 74 53.36 -24.95 5.66
CA PHE E 74 52.66 -24.57 4.41
C PHE E 74 52.99 -23.13 4.02
N ASP E 75 54.21 -22.91 3.51
CA ASP E 75 54.62 -21.63 2.92
C ASP E 75 54.32 -20.44 3.82
N ASN E 76 54.46 -20.63 5.14
CA ASN E 76 54.41 -19.54 6.11
C ASN E 76 53.07 -18.80 6.06
N MET E 77 51.99 -19.55 5.88
CA MET E 77 50.65 -18.97 5.91
C MET E 77 50.28 -18.57 7.33
N LYS E 78 49.96 -17.29 7.53
CA LYS E 78 49.42 -16.88 8.82
C LYS E 78 47.91 -17.01 8.89
N LYS E 79 47.19 -16.62 7.84
CA LYS E 79 45.74 -16.50 7.88
C LYS E 79 45.14 -16.94 6.55
N VAL E 80 44.00 -17.61 6.61
CA VAL E 80 43.31 -18.13 5.43
C VAL E 80 41.82 -17.88 5.57
N ARG E 81 41.18 -17.49 4.46
CA ARG E 81 39.73 -17.31 4.40
C ARG E 81 39.05 -18.62 4.03
N LEU E 82 37.91 -18.89 4.68
CA LEU E 82 37.16 -20.11 4.44
C LEU E 82 35.67 -19.80 4.32
N PRO E 83 34.95 -20.54 3.47
CA PRO E 83 33.50 -20.33 3.34
C PRO E 83 32.77 -20.74 4.62
N SER E 84 32.07 -19.77 5.22
CA SER E 84 31.41 -19.97 6.50
C SER E 84 30.49 -21.19 6.50
N LYS E 85 29.82 -21.46 5.39
CA LYS E 85 28.87 -22.57 5.34
C LYS E 85 29.56 -23.92 5.59
N HIS E 86 30.84 -24.05 5.22
CA HIS E 86 31.51 -25.34 5.35
C HIS E 86 32.12 -25.57 6.73
N ILE E 87 32.48 -24.53 7.46
CA ILE E 87 33.06 -24.68 8.79
C ILE E 87 31.94 -24.59 9.82
N TRP E 88 32.24 -25.02 11.04
CA TRP E 88 31.29 -24.87 12.13
C TRP E 88 31.33 -23.45 12.67
N LEU E 89 30.16 -22.95 13.05
CA LEU E 89 30.02 -21.60 13.58
C LEU E 89 28.90 -21.62 14.60
N PRO E 90 28.99 -20.80 15.65
CA PRO E 90 27.90 -20.77 16.64
C PRO E 90 26.66 -20.13 16.01
N ASP E 91 25.55 -20.85 16.06
CA ASP E 91 24.32 -20.39 15.41
C ASP E 91 23.76 -19.23 16.24
N VAL E 92 24.38 -18.07 16.09
CA VAL E 92 23.97 -16.85 16.79
C VAL E 92 22.99 -16.12 15.91
N VAL E 93 21.91 -15.62 16.53
CA VAL E 93 20.71 -15.25 15.79
C VAL E 93 19.93 -14.23 16.61
N LEU E 94 19.15 -13.39 15.93
CA LEU E 94 18.24 -12.49 16.61
C LEU E 94 17.05 -13.23 17.20
N TYR E 95 16.67 -12.86 18.42
CA TYR E 95 15.42 -13.30 19.02
C TYR E 95 14.44 -12.13 19.17
N ASN E 96 14.55 -11.15 18.28
CA ASN E 96 13.79 -9.90 18.36
C ASN E 96 13.08 -9.60 17.04
N ASN E 97 12.81 -10.62 16.23
CA ASN E 97 12.46 -10.44 14.83
C ASN E 97 10.98 -10.09 14.66
N ALA E 98 10.71 -8.96 14.01
CA ALA E 98 9.43 -8.71 13.36
C ALA E 98 9.55 -9.06 11.89
N ASP E 99 8.71 -10.00 11.42
CA ASP E 99 8.80 -10.53 10.05
C ASP E 99 10.25 -10.89 9.71
N GLY E 100 10.91 -11.52 10.67
CA GLY E 100 12.36 -11.53 10.72
C GLY E 100 13.04 -12.63 9.91
N MET E 101 14.15 -12.25 9.30
CA MET E 101 15.20 -13.19 8.93
C MET E 101 16.09 -13.38 10.16
N TYR E 102 16.05 -14.58 10.75
CA TYR E 102 16.70 -14.78 12.05
C TYR E 102 18.21 -14.69 11.94
N GLU E 103 18.79 -15.25 10.88
CA GLU E 103 20.23 -15.21 10.67
C GLU E 103 20.60 -14.09 9.71
N VAL E 104 21.90 -13.93 9.50
CA VAL E 104 22.47 -12.84 8.71
C VAL E 104 22.22 -13.03 7.21
N SER E 105 22.60 -12.02 6.43
CA SER E 105 22.13 -11.87 5.06
C SER E 105 23.12 -12.33 4.01
N PHE E 106 24.42 -12.29 4.27
CA PHE E 106 25.41 -12.56 3.22
C PHE E 106 26.13 -13.90 3.37
N TYR E 107 26.38 -14.35 4.60
CA TYR E 107 27.23 -15.51 4.87
C TYR E 107 28.61 -15.32 4.23
N SER E 108 29.27 -14.24 4.65
CA SER E 108 30.65 -13.93 4.30
C SER E 108 31.61 -15.07 4.60
N ASN E 109 32.77 -15.09 3.93
CA ASN E 109 33.84 -15.98 4.32
C ASN E 109 34.35 -15.62 5.71
N ALA E 110 34.95 -16.59 6.38
CA ALA E 110 35.52 -16.37 7.71
C ALA E 110 37.03 -16.34 7.61
N VAL E 111 37.64 -15.39 8.31
CA VAL E 111 39.08 -15.27 8.38
C VAL E 111 39.58 -16.14 9.52
N VAL E 112 40.44 -17.10 9.21
CA VAL E 112 40.95 -18.06 10.17
C VAL E 112 42.45 -17.87 10.29
N SER E 113 42.94 -17.83 11.52
CA SER E 113 44.37 -17.70 11.80
C SER E 113 44.97 -19.08 12.03
N TYR E 114 46.31 -19.14 11.98
CA TYR E 114 47.00 -20.42 12.07
C TYR E 114 46.83 -21.08 13.43
N ASP E 115 46.56 -20.32 14.48
CA ASP E 115 46.33 -20.90 15.80
C ASP E 115 44.93 -21.44 15.98
N GLY E 116 44.09 -21.39 14.95
CA GLY E 116 42.73 -21.87 15.04
C GLY E 116 41.70 -20.87 15.52
N SER E 117 42.08 -19.61 15.68
CA SER E 117 41.12 -18.57 16.01
C SER E 117 40.38 -18.12 14.76
N ILE E 118 39.09 -17.86 14.89
CA ILE E 118 38.23 -17.52 13.77
C ILE E 118 37.69 -16.12 13.96
N PHE E 119 37.72 -15.33 12.87
CA PHE E 119 37.14 -13.99 12.85
C PHE E 119 36.05 -13.97 11.78
N TRP E 120 34.82 -13.72 12.20
CA TRP E 120 33.68 -13.68 11.30
C TRP E 120 32.91 -12.39 11.52
N LEU E 121 32.49 -11.75 10.41
CA LEU E 121 31.58 -10.61 10.48
C LEU E 121 30.75 -10.60 9.20
N PRO E 122 29.54 -11.13 9.25
CA PRO E 122 28.65 -11.05 8.10
C PRO E 122 27.82 -9.78 8.15
N PRO E 123 27.51 -9.20 6.99
CA PRO E 123 26.53 -8.11 6.96
C PRO E 123 25.12 -8.68 7.02
N ALA E 124 24.24 -7.92 7.65
CA ALA E 124 22.83 -8.21 7.55
C ALA E 124 22.04 -6.92 7.67
N ILE E 125 20.79 -6.98 7.23
CA ILE E 125 19.80 -5.96 7.57
C ILE E 125 18.82 -6.63 8.53
N TYR E 126 18.44 -5.90 9.57
CA TYR E 126 17.68 -6.47 10.66
C TYR E 126 16.44 -5.63 10.91
N LYS E 127 15.34 -6.31 11.22
CA LYS E 127 14.06 -5.65 11.41
C LYS E 127 13.65 -5.91 12.85
N SER E 128 14.25 -5.13 13.76
CA SER E 128 14.02 -5.29 15.18
C SER E 128 12.71 -4.66 15.60
N ALA E 129 12.03 -5.31 16.54
CA ALA E 129 10.79 -4.79 17.11
C ALA E 129 11.09 -4.15 18.45
N CYS E 130 10.63 -2.92 18.64
CA CYS E 130 10.69 -2.25 19.93
C CYS E 130 9.38 -1.55 20.19
N LYS E 131 8.91 -1.63 21.43
CA LYS E 131 7.77 -0.82 21.83
C LYS E 131 8.11 0.66 21.68
N ILE E 132 7.21 1.41 21.05
CA ILE E 132 7.45 2.80 20.73
C ILE E 132 6.64 3.64 21.71
N GLU E 133 7.33 4.33 22.61
CA GLU E 133 6.69 5.17 23.60
C GLU E 133 6.40 6.51 22.95
N VAL E 134 5.14 6.73 22.58
CA VAL E 134 4.73 7.93 21.87
C VAL E 134 3.94 8.79 22.86
N LYS E 135 4.59 9.84 23.36
CA LYS E 135 3.96 10.83 24.21
C LYS E 135 4.36 12.21 23.71
N HIS E 136 5.61 12.58 23.97
CA HIS E 136 6.14 13.91 23.61
C HIS E 136 6.53 13.90 22.14
N PHE E 137 5.53 13.79 21.28
CA PHE E 137 5.76 13.89 19.85
C PHE E 137 6.06 15.34 19.49
N PRO E 138 7.08 15.56 18.64
CA PRO E 138 7.97 14.55 18.06
C PRO E 138 9.30 14.43 18.81
N PHE E 139 9.47 15.21 19.88
CA PHE E 139 10.69 15.13 20.69
C PHE E 139 10.62 13.91 21.59
N ASP E 140 10.88 12.74 21.01
CA ASP E 140 10.78 11.50 21.76
C ASP E 140 12.07 10.70 21.66
N GLN E 141 12.47 10.12 22.79
CA GLN E 141 13.62 9.23 22.86
C GLN E 141 13.12 7.79 22.92
N GLN E 142 13.51 6.99 21.94
CA GLN E 142 13.09 5.59 21.88
C GLN E 142 14.26 4.70 22.29
N ASN E 143 14.09 3.97 23.39
CA ASN E 143 15.01 2.91 23.81
C ASN E 143 14.57 1.67 23.04
N CYS E 144 15.30 1.35 21.96
CA CYS E 144 14.98 0.22 21.10
C CYS E 144 16.08 -0.82 21.21
N THR E 145 15.67 -2.08 21.33
CA THR E 145 16.55 -3.18 21.70
C THR E 145 16.77 -4.10 20.51
N MET E 146 17.68 -5.05 20.70
CA MET E 146 17.75 -6.23 19.84
C MET E 146 18.50 -7.32 20.60
N LYS E 147 17.86 -8.48 20.75
CA LYS E 147 18.45 -9.62 21.43
C LYS E 147 19.22 -10.49 20.46
N PHE E 148 20.49 -10.76 20.78
CA PHE E 148 21.27 -11.78 20.10
C PHE E 148 21.45 -12.98 21.02
N ARG E 149 21.25 -14.17 20.48
CA ARG E 149 21.40 -15.40 21.26
C ARG E 149 21.61 -16.56 20.31
N SER E 150 22.40 -17.53 20.76
CA SER E 150 22.53 -18.79 20.03
C SER E 150 21.23 -19.56 20.12
N TRP E 151 20.55 -19.74 18.98
CA TRP E 151 19.28 -20.44 19.01
C TRP E 151 19.43 -21.95 19.13
N THR E 152 20.67 -22.46 19.12
CA THR E 152 20.94 -23.88 19.23
C THR E 152 21.52 -24.27 20.59
N TYR E 153 22.59 -23.61 21.02
CA TYR E 153 23.31 -23.99 22.23
C TYR E 153 22.93 -23.11 23.40
N ASP E 154 22.95 -23.69 24.60
CA ASP E 154 22.62 -23.01 25.84
C ASP E 154 23.89 -22.66 26.59
N ARG E 155 23.74 -22.03 27.76
CA ARG E 155 24.90 -21.74 28.60
C ARG E 155 25.45 -23.01 29.22
N THR E 156 25.96 -23.88 28.38
CA THR E 156 26.59 -25.14 28.79
C THR E 156 27.69 -25.40 27.79
N GLU E 157 27.29 -25.48 26.52
CA GLU E 157 28.19 -25.76 25.43
C GLU E 157 28.73 -24.50 24.75
N ILE E 158 28.09 -23.35 24.95
CA ILE E 158 28.55 -22.08 24.40
C ILE E 158 28.29 -20.96 25.41
N ASP E 159 29.24 -20.03 25.50
CA ASP E 159 29.11 -18.84 26.34
C ASP E 159 29.44 -17.61 25.52
N LEU E 160 28.78 -16.50 25.83
CA LEU E 160 28.83 -15.28 25.02
C LEU E 160 29.51 -14.16 25.80
N VAL E 161 30.34 -13.38 25.10
CA VAL E 161 31.12 -12.30 25.71
C VAL E 161 31.02 -11.07 24.81
N LEU E 162 31.07 -9.90 25.44
CA LEU E 162 31.13 -8.62 24.73
C LEU E 162 32.57 -8.19 24.55
N LYS E 163 32.92 -7.76 23.34
CA LYS E 163 34.17 -7.05 23.12
C LYS E 163 34.08 -5.59 23.53
N SER E 164 32.87 -5.06 23.69
CA SER E 164 32.67 -3.67 24.06
C SER E 164 31.25 -3.52 24.60
N GLU E 165 31.08 -2.55 25.51
CA GLU E 165 29.74 -2.20 25.96
C GLU E 165 28.99 -1.43 24.89
N VAL E 166 29.60 -0.37 24.37
CA VAL E 166 28.99 0.46 23.33
C VAL E 166 29.16 -0.23 21.98
N ALA E 167 28.10 -0.17 21.16
CA ALA E 167 28.19 -0.68 19.80
C ALA E 167 29.06 0.24 18.95
N SER E 168 29.74 -0.37 17.97
CA SER E 168 30.66 0.37 17.11
C SER E 168 29.89 1.21 16.09
N LEU E 169 30.14 2.52 16.09
CA LEU E 169 29.62 3.45 15.09
C LEU E 169 30.67 3.74 14.03
N ASP E 170 31.48 2.74 13.66
CA ASP E 170 32.75 3.00 13.01
C ASP E 170 32.57 3.57 11.61
N ASP E 171 31.64 3.03 10.84
CA ASP E 171 31.46 3.35 9.44
C ASP E 171 30.04 3.81 9.20
N PHE E 172 29.55 4.64 10.12
CA PHE E 172 28.14 4.98 10.23
C PHE E 172 27.82 6.22 9.39
N THR E 173 26.84 6.10 8.51
CA THR E 173 26.34 7.29 7.85
C THR E 173 25.43 8.01 8.83
N PRO E 174 25.85 9.17 9.34
CA PRO E 174 25.10 9.81 10.44
C PRO E 174 23.70 10.25 10.05
N SER E 175 23.48 10.55 8.77
CA SER E 175 22.27 11.22 8.33
C SER E 175 21.02 10.37 8.52
N GLY E 176 20.39 10.43 9.70
CA GLY E 176 19.04 9.98 9.91
C GLY E 176 18.14 11.13 10.31
N GLU E 177 16.83 10.83 10.35
CA GLU E 177 15.94 11.58 11.23
C GLU E 177 16.47 11.62 12.66
N TRP E 178 17.19 10.57 13.05
CA TRP E 178 17.46 10.25 14.44
C TRP E 178 18.91 10.56 14.80
N ASP E 179 19.10 10.94 16.06
CA ASP E 179 20.42 11.09 16.65
C ASP E 179 20.71 9.88 17.53
N ILE E 180 21.92 9.35 17.40
CA ILE E 180 22.35 8.27 18.29
C ILE E 180 22.79 8.90 19.61
N VAL E 181 22.02 8.66 20.67
CA VAL E 181 22.31 9.25 21.97
C VAL E 181 23.23 8.36 22.79
N ALA E 182 22.91 7.07 22.88
CA ALA E 182 23.75 6.10 23.56
C ALA E 182 23.49 4.73 22.92
N LEU E 183 24.47 3.84 23.04
CA LEU E 183 24.43 2.53 22.36
C LEU E 183 25.04 1.44 23.22
N PRO E 184 24.58 1.26 24.46
CA PRO E 184 25.20 0.27 25.34
C PRO E 184 24.73 -1.15 25.00
N GLY E 185 25.48 -2.11 25.53
CA GLY E 185 25.14 -3.51 25.36
C GLY E 185 25.36 -4.28 26.65
N ARG E 186 24.38 -5.10 27.02
CA ARG E 186 24.43 -5.85 28.27
C ARG E 186 24.41 -7.35 28.00
N ARG E 187 24.94 -8.10 28.96
CA ARG E 187 24.89 -9.56 28.95
C ARG E 187 23.97 -10.01 30.07
N ASN E 188 22.95 -10.80 29.72
CA ASN E 188 21.91 -11.19 30.65
C ASN E 188 21.93 -12.69 30.88
N GLU E 189 21.55 -13.10 32.08
CA GLU E 189 21.57 -14.49 32.49
C GLU E 189 20.34 -14.79 33.34
N ASN E 190 19.54 -15.76 32.91
CA ASN E 190 18.33 -16.16 33.64
C ASN E 190 18.01 -17.58 33.25
N PRO E 191 17.41 -18.36 34.15
CA PRO E 191 17.01 -19.73 33.78
C PRO E 191 15.55 -19.87 33.38
N ASP E 192 15.30 -20.34 32.16
CA ASP E 192 13.93 -20.69 31.76
C ASP E 192 13.76 -22.20 31.93
N ASP E 193 13.12 -22.85 30.97
CA ASP E 193 13.14 -24.31 30.94
C ASP E 193 14.57 -24.82 30.89
N SER E 194 15.47 -24.09 30.23
CA SER E 194 16.90 -24.36 30.24
C SER E 194 17.64 -23.04 30.38
N THR E 195 18.85 -23.10 30.91
CA THR E 195 19.65 -21.90 31.10
C THR E 195 20.12 -21.34 29.76
N TYR E 196 20.10 -20.01 29.62
CA TYR E 196 20.44 -19.35 28.37
C TYR E 196 21.17 -18.05 28.65
N VAL E 197 21.85 -17.54 27.61
CA VAL E 197 22.58 -16.27 27.69
C VAL E 197 21.96 -15.29 26.70
N ASP E 198 21.68 -14.09 27.18
CA ASP E 198 21.15 -13.01 26.35
C ASP E 198 22.19 -11.91 26.20
N ILE E 199 22.45 -11.51 24.96
CA ILE E 199 23.15 -10.27 24.65
C ILE E 199 22.13 -9.30 24.08
N THR E 200 22.00 -8.14 24.72
CA THR E 200 21.02 -7.14 24.32
C THR E 200 21.71 -5.81 24.10
N TYR E 201 21.52 -5.24 22.91
CA TYR E 201 22.00 -3.90 22.60
C TYR E 201 20.83 -2.93 22.68
N ASP E 202 21.05 -1.80 23.35
CA ASP E 202 20.04 -0.77 23.49
C ASP E 202 20.40 0.41 22.58
N PHE E 203 19.58 0.63 21.57
CA PHE E 203 19.71 1.81 20.72
C PHE E 203 18.82 2.91 21.30
N ILE E 204 19.43 3.98 21.79
CA ILE E 204 18.72 5.14 22.29
C ILE E 204 18.86 6.24 21.25
N ILE E 205 17.76 6.59 20.61
CA ILE E 205 17.76 7.49 19.46
C ILE E 205 16.83 8.65 19.73
N ARG E 206 17.32 9.87 19.53
CA ARG E 206 16.54 11.08 19.71
C ARG E 206 16.12 11.59 18.34
N ARG E 207 14.83 11.75 18.13
CA ARG E 207 14.33 12.25 16.86
C ARG E 207 14.67 13.72 16.70
N LYS E 208 15.27 14.08 15.57
CA LYS E 208 15.40 15.49 15.24
C LYS E 208 14.03 16.02 14.87
N PRO E 209 13.43 16.88 15.68
CA PRO E 209 11.99 17.17 15.55
C PRO E 209 11.65 18.15 14.45
N LEU E 210 12.62 18.88 13.92
CA LEU E 210 12.40 20.03 13.04
C LEU E 210 11.32 19.78 11.99
N PHE E 211 11.31 18.59 11.39
CA PHE E 211 10.33 18.30 10.34
C PHE E 211 8.91 18.38 10.88
N TYR E 212 8.58 17.50 11.83
CA TYR E 212 7.23 17.49 12.39
C TYR E 212 6.94 18.75 13.20
N THR E 213 7.98 19.40 13.73
CA THR E 213 7.80 20.71 14.34
C THR E 213 7.23 21.71 13.34
N ILE E 214 7.72 21.66 12.10
CA ILE E 214 7.18 22.49 11.03
C ILE E 214 5.83 21.97 10.59
N ASN E 215 5.83 20.83 9.91
CA ASN E 215 4.70 20.41 9.09
C ASN E 215 3.59 19.70 9.85
N LEU E 216 3.76 19.44 11.15
CA LEU E 216 2.67 18.96 11.99
C LEU E 216 2.27 19.97 13.05
N ILE E 217 3.22 20.39 13.89
CA ILE E 217 2.88 21.20 15.06
C ILE E 217 2.40 22.58 14.64
N ILE E 218 3.24 23.30 13.89
CA ILE E 218 2.91 24.67 13.50
C ILE E 218 1.52 24.81 12.90
N PRO E 219 1.08 23.98 11.94
CA PRO E 219 -0.27 24.17 11.38
C PRO E 219 -1.38 23.96 12.40
N CYS E 220 -1.32 22.90 13.21
CA CYS E 220 -2.36 22.69 14.20
C CYS E 220 -2.31 23.73 15.31
N VAL E 221 -1.12 24.22 15.64
CA VAL E 221 -1.00 25.37 16.53
C VAL E 221 -1.70 26.58 15.91
N LEU E 222 -1.45 26.82 14.62
CA LEU E 222 -2.14 27.89 13.89
C LEU E 222 -3.65 27.75 14.00
N ILE E 223 -4.16 26.54 13.74
CA ILE E 223 -5.61 26.34 13.66
C ILE E 223 -6.26 26.33 15.04
N THR E 224 -5.56 25.85 16.07
CA THR E 224 -6.13 25.83 17.41
C THR E 224 -6.44 27.25 17.91
N SER E 225 -5.63 28.23 17.53
CA SER E 225 -5.89 29.61 17.91
C SER E 225 -7.24 30.08 17.39
N LEU E 226 -7.54 29.75 16.13
CA LEU E 226 -8.84 30.09 15.51
C LEU E 226 -10.03 29.76 16.40
N ALA E 227 -9.89 28.76 17.29
CA ALA E 227 -11.04 28.25 18.05
C ALA E 227 -11.72 29.36 18.85
N ILE E 228 -10.96 30.12 19.63
CA ILE E 228 -11.54 31.13 20.49
C ILE E 228 -12.09 32.30 19.66
N LEU E 229 -11.40 32.62 18.57
CA LEU E 229 -11.78 33.74 17.71
C LEU E 229 -13.24 33.68 17.25
N VAL E 230 -13.81 32.48 17.17
CA VAL E 230 -15.16 32.31 16.61
C VAL E 230 -16.19 33.20 17.28
N PHE E 231 -16.03 33.48 18.58
CA PHE E 231 -17.05 34.22 19.33
C PHE E 231 -17.14 35.67 18.87
N TYR E 232 -16.01 36.40 18.93
CA TYR E 232 -15.88 37.78 18.48
C TYR E 232 -16.78 38.13 17.30
N LEU E 233 -16.82 37.25 16.31
CA LEU E 233 -17.65 37.43 15.12
C LEU E 233 -19.12 37.66 15.51
N PRO E 234 -19.75 38.72 15.01
CA PRO E 234 -21.15 38.98 15.36
C PRO E 234 -22.13 38.09 14.61
N SER E 235 -23.21 37.73 15.31
CA SER E 235 -24.30 36.94 14.73
C SER E 235 -24.75 37.48 13.37
N ASP E 236 -24.85 38.80 13.24
CA ASP E 236 -25.53 39.39 12.08
C ASP E 236 -24.81 39.13 10.76
N CYS E 237 -23.53 38.75 10.80
CA CYS E 237 -22.88 38.26 9.59
C CYS E 237 -23.58 37.02 9.05
N GLY E 238 -24.06 36.17 9.96
CA GLY E 238 -24.41 34.81 9.62
C GLY E 238 -23.25 33.85 9.69
N GLU E 239 -22.03 34.35 9.60
CA GLU E 239 -20.85 33.52 9.45
C GLU E 239 -20.35 32.91 10.75
N LYS E 240 -21.10 33.09 11.85
CA LYS E 240 -20.71 32.47 13.11
C LYS E 240 -20.69 30.95 13.01
N MET E 241 -21.52 30.38 12.13
CA MET E 241 -21.54 28.94 11.93
C MET E 241 -20.36 28.47 11.09
N THR E 242 -20.22 29.02 9.88
CA THR E 242 -19.13 28.70 8.97
C THR E 242 -17.78 28.61 9.67
N LEU E 243 -17.37 29.70 10.33
CA LEU E 243 -16.09 29.71 11.03
C LEU E 243 -16.04 28.65 12.12
N CYS E 244 -17.16 28.39 12.79
CA CYS E 244 -17.17 27.44 13.89
C CYS E 244 -17.00 26.00 13.39
N ILE E 245 -17.71 25.64 12.32
CA ILE E 245 -17.56 24.31 11.75
C ILE E 245 -16.17 24.11 11.16
N SER E 246 -15.67 25.11 10.44
CA SER E 246 -14.38 24.99 9.76
C SER E 246 -13.26 24.61 10.71
N VAL E 247 -13.28 25.15 11.94
CA VAL E 247 -12.19 24.89 12.88
C VAL E 247 -12.22 23.44 13.36
N LEU E 248 -13.41 22.95 13.74
CA LEU E 248 -13.54 21.59 14.25
C LEU E 248 -12.96 20.56 13.28
N LEU E 249 -13.45 20.57 12.04
CA LEU E 249 -13.05 19.54 11.09
C LEU E 249 -11.55 19.56 10.81
N ALA E 250 -10.98 20.77 10.66
CA ALA E 250 -9.53 20.89 10.53
C ALA E 250 -8.80 20.19 11.67
N LEU E 251 -9.31 20.33 12.89
CA LEU E 251 -8.65 19.71 14.04
C LEU E 251 -8.80 18.18 14.00
N THR E 252 -10.00 17.69 13.70
CA THR E 252 -10.19 16.25 13.55
C THR E 252 -9.29 15.69 12.46
N VAL E 253 -9.17 16.40 11.33
CA VAL E 253 -8.26 15.99 10.26
C VAL E 253 -6.85 15.81 10.80
N PHE E 254 -6.33 16.81 11.53
CA PHE E 254 -4.98 16.71 12.06
C PHE E 254 -4.86 15.62 13.12
N LEU E 255 -5.89 15.46 13.96
CA LEU E 255 -5.90 14.35 14.89
C LEU E 255 -5.79 13.02 14.17
N LEU E 256 -6.60 12.83 13.12
CA LEU E 256 -6.56 11.58 12.38
C LEU E 256 -5.24 11.41 11.64
N LEU E 257 -4.71 12.51 11.07
CA LEU E 257 -3.39 12.45 10.43
C LEU E 257 -2.33 11.98 11.42
N ILE E 258 -2.34 12.53 12.64
CA ILE E 258 -1.41 12.08 13.68
C ILE E 258 -1.66 10.61 14.01
N SER E 259 -2.93 10.24 14.17
CA SER E 259 -3.29 8.87 14.53
C SER E 259 -2.63 7.84 13.63
N LYS E 260 -2.59 8.10 12.32
CA LYS E 260 -2.02 7.13 11.38
C LYS E 260 -0.51 7.25 11.25
N ILE E 261 0.12 8.19 11.94
CA ILE E 261 1.58 8.23 12.05
C ILE E 261 2.04 7.52 13.32
N VAL E 262 1.37 7.79 14.43
CA VAL E 262 1.61 7.17 15.73
C VAL E 262 1.27 5.68 15.65
N PRO E 263 1.92 4.82 16.41
CA PRO E 263 1.50 3.41 16.49
C PRO E 263 0.14 3.27 17.16
N PRO E 264 -0.68 2.33 16.71
CA PRO E 264 -2.05 2.23 17.24
C PRO E 264 -2.12 1.62 18.63
N THR E 265 -1.17 1.97 19.50
CA THR E 265 -1.10 1.35 20.82
C THR E 265 -1.95 2.12 21.82
N SER E 266 -2.31 1.43 22.90
CA SER E 266 -3.01 2.03 24.02
C SER E 266 -2.11 2.15 25.24
N LEU E 267 -0.79 2.00 25.06
CA LEU E 267 0.14 2.15 26.18
C LEU E 267 0.07 3.55 26.76
N ASP E 268 -0.05 4.56 25.90
CA ASP E 268 -0.15 5.95 26.34
C ASP E 268 -0.73 6.78 25.20
N VAL E 269 -1.05 8.02 25.51
CA VAL E 269 -1.67 8.95 24.57
C VAL E 269 -0.59 9.92 24.08
N PRO E 270 -0.45 10.13 22.77
CA PRO E 270 0.47 11.18 22.29
C PRO E 270 0.06 12.53 22.82
N LEU E 271 0.99 13.19 23.53
CA LEU E 271 0.73 14.50 24.11
C LEU E 271 0.05 15.45 23.12
N VAL E 272 0.62 15.57 21.92
CA VAL E 272 0.01 16.40 20.88
C VAL E 272 -1.44 16.01 20.67
N GLY E 273 -1.69 14.71 20.46
CA GLY E 273 -3.05 14.24 20.26
C GLY E 273 -3.95 14.58 21.43
N LYS E 274 -3.47 14.36 22.67
CA LYS E 274 -4.24 14.72 23.85
C LYS E 274 -4.60 16.20 23.84
N TYR E 275 -3.64 17.06 23.53
CA TYR E 275 -3.94 18.48 23.39
C TYR E 275 -4.94 18.73 22.26
N LEU E 276 -4.60 18.27 21.05
CA LEU E 276 -5.50 18.43 19.91
C LEU E 276 -6.90 17.91 20.19
N MET E 277 -7.02 16.85 21.00
CA MET E 277 -8.35 16.30 21.30
C MET E 277 -9.09 17.21 22.28
N PHE E 278 -8.41 17.65 23.34
CA PHE E 278 -9.08 18.47 24.34
C PHE E 278 -9.52 19.81 23.79
N THR E 279 -8.70 20.46 22.96
CA THR E 279 -9.16 21.66 22.29
C THR E 279 -10.33 21.34 21.35
N MET E 280 -10.25 20.21 20.65
CA MET E 280 -11.35 19.76 19.80
C MET E 280 -12.65 19.68 20.59
N VAL E 281 -12.59 19.10 21.80
CA VAL E 281 -13.74 19.08 22.68
C VAL E 281 -14.23 20.50 22.96
N LEU E 282 -13.30 21.41 23.21
CA LEU E 282 -13.67 22.79 23.53
C LEU E 282 -14.35 23.48 22.37
N VAL E 283 -13.96 23.16 21.13
CA VAL E 283 -14.58 23.80 19.97
C VAL E 283 -15.96 23.21 19.70
N THR E 284 -16.14 21.90 19.94
CA THR E 284 -17.46 21.30 19.79
C THR E 284 -18.45 21.90 20.78
N PHE E 285 -18.02 22.11 22.02
CA PHE E 285 -18.85 22.83 22.97
C PHE E 285 -18.90 24.32 22.67
N SER E 286 -17.91 24.87 21.96
CA SER E 286 -18.05 26.20 21.38
C SER E 286 -19.18 26.21 20.35
N ILE E 287 -19.27 25.16 19.53
CA ILE E 287 -20.23 25.14 18.44
C ILE E 287 -21.66 25.21 18.96
N VAL E 288 -21.95 24.55 20.10
CA VAL E 288 -23.31 24.53 20.61
C VAL E 288 -23.69 25.89 21.17
N THR E 289 -22.77 26.55 21.87
CA THR E 289 -23.07 27.87 22.42
C THR E 289 -23.26 28.90 21.32
N SER E 290 -22.47 28.80 20.24
CA SER E 290 -22.65 29.71 19.11
C SER E 290 -24.06 29.63 18.55
N VAL E 291 -24.64 28.42 18.52
CA VAL E 291 -26.02 28.28 18.09
C VAL E 291 -26.97 28.86 19.12
N CYS E 292 -26.75 28.53 20.40
CA CYS E 292 -27.55 29.08 21.49
C CYS E 292 -27.61 30.61 21.42
N VAL E 293 -26.49 31.24 21.07
CA VAL E 293 -26.46 32.70 20.92
C VAL E 293 -27.44 33.15 19.86
N LEU E 294 -27.45 32.46 18.71
CA LEU E 294 -28.16 32.97 17.54
C LEU E 294 -29.68 32.92 17.72
N ASN E 295 -30.20 31.89 18.40
CA ASN E 295 -31.62 31.82 18.64
C ASN E 295 -32.08 32.89 19.61
N VAL E 296 -31.23 33.25 20.58
CA VAL E 296 -31.53 34.37 21.47
C VAL E 296 -31.60 35.68 20.69
N HIS E 297 -30.91 35.75 19.55
CA HIS E 297 -30.67 37.03 18.88
C HIS E 297 -31.82 37.44 17.98
N HIS E 298 -32.37 36.52 17.19
CA HIS E 298 -33.04 36.87 15.94
C HIS E 298 -34.57 36.99 16.03
N ARG E 299 -35.15 37.01 17.23
CA ARG E 299 -36.60 37.14 17.31
C ARG E 299 -37.02 37.85 18.58
N SER E 300 -37.84 38.90 18.43
CA SER E 300 -38.42 39.68 19.52
C SER E 300 -39.94 39.55 19.67
N PRO E 301 -40.73 39.35 18.60
CA PRO E 301 -42.19 39.27 18.79
C PRO E 301 -42.60 38.04 19.58
N THR E 302 -43.58 38.25 20.47
CA THR E 302 -44.11 37.23 21.36
C THR E 302 -42.99 36.42 22.02
N THR E 303 -42.02 37.14 22.57
CA THR E 303 -40.89 36.55 23.27
C THR E 303 -41.04 36.80 24.76
N HIS E 304 -40.59 35.83 25.56
CA HIS E 304 -40.59 35.99 27.00
C HIS E 304 -39.89 37.27 27.41
N THR E 305 -38.61 37.40 27.06
CA THR E 305 -37.76 38.51 27.49
C THR E 305 -37.92 38.75 28.99
N MET E 306 -37.96 37.65 29.75
CA MET E 306 -38.23 37.72 31.18
C MET E 306 -37.26 38.67 31.87
N ALA E 307 -37.82 39.72 32.47
CA ALA E 307 -37.02 40.78 33.09
C ALA E 307 -35.87 40.29 33.96
N PRO E 308 -36.08 39.37 34.94
CA PRO E 308 -34.94 38.93 35.75
C PRO E 308 -33.87 38.22 34.94
N TRP E 309 -34.17 37.75 33.73
CA TRP E 309 -33.15 37.23 32.84
C TRP E 309 -32.55 38.30 31.95
N VAL E 310 -33.33 39.32 31.59
CA VAL E 310 -32.79 40.46 30.85
C VAL E 310 -31.96 41.36 31.77
N LYS E 311 -32.41 41.52 33.02
CA LYS E 311 -31.64 42.30 33.99
C LYS E 311 -30.29 41.65 34.28
N VAL E 312 -30.28 40.32 34.46
CA VAL E 312 -29.05 39.62 34.77
C VAL E 312 -28.02 39.79 33.67
N VAL E 313 -28.48 39.79 32.41
CA VAL E 313 -27.55 39.80 31.28
C VAL E 313 -27.20 41.23 30.89
N PHE E 314 -28.20 42.04 30.56
CA PHE E 314 -27.93 43.42 30.17
C PHE E 314 -27.40 44.25 31.33
N LEU E 315 -28.05 44.18 32.49
CA LEU E 315 -27.76 45.13 33.55
C LEU E 315 -26.72 44.62 34.54
N GLU E 316 -26.67 43.32 34.80
CA GLU E 316 -25.77 42.78 35.82
C GLU E 316 -24.50 42.20 35.24
N LYS E 317 -24.59 41.40 34.17
CA LYS E 317 -23.40 40.75 33.62
C LYS E 317 -22.54 41.72 32.82
N LEU E 318 -23.15 42.57 32.00
CA LEU E 318 -22.39 43.53 31.19
C LEU E 318 -21.37 44.33 31.98
N PRO E 319 -21.70 44.96 33.12
CA PRO E 319 -20.64 45.62 33.89
C PRO E 319 -19.72 44.65 34.59
N ALA E 320 -20.23 43.50 35.02
CA ALA E 320 -19.36 42.47 35.60
C ALA E 320 -18.29 42.03 34.62
N LEU E 321 -18.66 41.92 33.34
CA LEU E 321 -17.69 41.54 32.31
C LEU E 321 -16.74 42.69 32.00
N LEU E 322 -17.28 43.86 31.71
CA LEU E 322 -16.45 45.02 31.36
C LEU E 322 -15.56 45.44 32.52
N PHE E 323 -16.09 45.42 33.74
CA PHE E 323 -15.32 45.82 34.91
C PHE E 323 -14.76 44.58 35.61
N SER E 339 -35.85 45.28 20.14
CA SER E 339 -35.17 44.04 19.79
C SER E 339 -33.66 44.23 19.79
N GLU E 340 -33.21 45.49 19.89
CA GLU E 340 -31.79 45.76 20.02
C GLU E 340 -31.26 45.27 21.36
N ASP E 341 -32.10 45.33 22.40
CA ASP E 341 -31.78 44.66 23.66
C ASP E 341 -31.59 43.16 23.45
N TRP E 342 -32.43 42.55 22.60
CA TRP E 342 -32.26 41.14 22.26
C TRP E 342 -30.90 40.90 21.61
N LYS E 343 -30.55 41.73 20.63
CA LYS E 343 -29.20 41.68 20.06
C LYS E 343 -28.15 41.84 21.14
N TYR E 344 -28.41 42.74 22.10
CA TYR E 344 -27.46 42.95 23.19
C TYR E 344 -27.25 41.67 24.00
N VAL E 345 -28.36 41.09 24.49
CA VAL E 345 -28.27 39.86 25.31
C VAL E 345 -27.48 38.79 24.58
N ALA E 346 -27.65 38.70 23.26
CA ALA E 346 -26.82 37.82 22.44
C ALA E 346 -25.35 38.21 22.55
N MET E 347 -25.03 39.49 22.31
CA MET E 347 -23.66 39.98 22.41
C MET E 347 -23.05 39.64 23.76
N VAL E 348 -23.85 39.72 24.83
CA VAL E 348 -23.32 39.54 26.18
C VAL E 348 -23.13 38.07 26.50
N ILE E 349 -24.16 37.26 26.25
CA ILE E 349 -24.03 35.82 26.49
C ILE E 349 -22.89 35.24 25.66
N ASP E 350 -22.60 35.85 24.51
CA ASP E 350 -21.39 35.56 23.76
C ASP E 350 -20.15 35.90 24.56
N ARG E 351 -19.91 37.21 24.75
CA ARG E 351 -18.70 37.69 25.39
C ARG E 351 -18.47 37.09 26.78
N LEU E 352 -19.54 36.62 27.43
CA LEU E 352 -19.37 35.86 28.67
C LEU E 352 -18.53 34.62 28.42
N PHE E 353 -18.96 33.77 27.48
CA PHE E 353 -18.23 32.55 27.17
C PHE E 353 -16.85 32.84 26.59
N LEU E 354 -16.70 33.95 25.87
CA LEU E 354 -15.39 34.32 25.35
C LEU E 354 -14.38 34.49 26.47
N TRP E 355 -14.74 35.27 27.49
CA TRP E 355 -13.90 35.40 28.68
C TRP E 355 -13.59 34.03 29.28
N ILE E 356 -14.59 33.15 29.32
CA ILE E 356 -14.37 31.80 29.82
C ILE E 356 -13.34 31.06 28.97
N PHE E 357 -13.53 31.08 27.65
CA PHE E 357 -12.69 30.28 26.77
C PHE E 357 -11.24 30.78 26.76
N VAL E 358 -11.04 32.10 26.78
CA VAL E 358 -9.68 32.65 26.79
C VAL E 358 -8.94 32.18 28.04
N PHE E 359 -9.62 32.21 29.19
CA PHE E 359 -9.01 31.70 30.41
C PHE E 359 -8.75 30.20 30.32
N VAL E 360 -9.77 29.43 29.95
CA VAL E 360 -9.64 27.97 29.93
C VAL E 360 -8.58 27.52 28.94
N CYS E 361 -8.54 28.14 27.76
CA CYS E 361 -7.54 27.77 26.76
C CYS E 361 -6.12 27.97 27.28
N VAL E 362 -5.83 29.16 27.83
CA VAL E 362 -4.49 29.43 28.33
C VAL E 362 -4.21 28.56 29.55
N PHE E 363 -5.17 28.46 30.47
CA PHE E 363 -5.06 27.53 31.59
C PHE E 363 -4.84 26.10 31.10
N GLY E 364 -5.47 25.73 29.99
CA GLY E 364 -5.31 24.39 29.47
C GLY E 364 -3.91 24.15 28.91
N THR E 365 -3.43 25.09 28.08
CA THR E 365 -2.07 24.97 27.56
C THR E 365 -1.04 25.07 28.69
N ILE E 366 -1.31 25.88 29.71
CA ILE E 366 -0.44 25.92 30.87
C ILE E 366 -0.45 24.56 31.58
N GLY E 367 -1.61 23.93 31.67
CA GLY E 367 -1.68 22.59 32.23
C GLY E 367 -1.01 21.57 31.32
N MET E 368 -1.21 21.70 30.01
CA MET E 368 -0.55 20.80 29.06
C MET E 368 0.97 20.87 29.22
N PHE E 369 1.53 22.08 29.11
CA PHE E 369 2.98 22.27 29.12
C PHE E 369 3.58 22.03 30.51
N LEU E 370 2.78 22.14 31.57
CA LEU E 370 3.25 21.79 32.91
C LEU E 370 3.78 20.36 32.96
N GLN E 371 3.14 19.45 32.23
CA GLN E 371 3.53 18.04 32.31
C GLN E 371 4.91 17.77 31.71
N PRO E 372 5.24 18.20 30.48
CA PRO E 372 6.60 17.97 29.98
C PRO E 372 7.66 18.77 30.73
N LEU E 373 7.33 19.95 31.23
CA LEU E 373 8.29 20.74 32.00
C LEU E 373 8.63 20.00 33.30
#